data_8BCF
#
_entry.id   8BCF
#
_cell.length_a   99.549
_cell.length_b   118.698
_cell.length_c   186.917
_cell.angle_alpha   90.000
_cell.angle_beta   90.000
_cell.angle_gamma   90.000
#
_symmetry.space_group_name_H-M   'P 21 21 21'
#
loop_
_entity.id
_entity.type
_entity.pdbx_description
1 polymer 'U5 small nuclear ribonucleoprotein 200 kDa helicase'
2 polymer 'Pre-mRNA-processing-splicing factor 8'
3 non-polymer 1,2-ETHANEDIOL
4 non-polymer ~{N}-methoxy-~{N}-methyl-benzenesulfonamide
5 water water
#
loop_
_entity_poly.entity_id
_entity_poly.type
_entity_poly.pdbx_seq_one_letter_code
_entity_poly.pdbx_strand_id
1 'polypeptide(L)'
;GAEFMDLDQGGEALAPRQVLDLEDLVFTQGSHFMANKRCQLPDGSFRRQRKGYEEVHVPALKPKPFGSEEQLLPVEKLPK
YAQAGFEGFKTLNRIQSKLYRAALETDENLLLCAPTGAGKTNVALMCMLREIGKHINMDGTINVDDFKIIYIAPMRSLVQ
EMVGSFGKRLATYGITVAELTGDHQLCKEEISATQIIVCTPEKWDIITRKGGERTYTQLVRLIILDEIHLLHDDRGPVLE
ALVARAIRNIEMTQEDVRLIGLSATLPNYEDVATFLRVDPAKGLFYFDNSFRPVPLEQTYVGITEKKAIKRFQIMNEIVY
EKIMEHAGKNQVLVFVHSRKETGKTARAIRDMCLEKDTLGLFLREGSASTEVLRTEAEQCKNLELKDLLPYGFAIHHAGM
TRVDRTLVEDLFADKHIQVLVSTATLAWGVNLPAHTVIIKGTQVYSPEKGRWTELGALDILQMLGRAGRPQYDTKGEGIL
ITSHGELQYYLSLLNQQLPIESQMVSKLPDMLNAEIVLGNVQNAKDAVNWLGYAYLYIRMLRSPTLYGISHDDLKGDPLL
DQRRLDLVHTAALMLDKNNLVKYDKKTGNFQVTELGRIASHYYITNDTVQTYNQLLKPTLSEIELFRVFSLSSEFKNITV
REEEKLELQKLLERVPIPVKESIEEPSAKINVLLQAFISQLKLEGFALMADMVYVTQSAGRLMRAIFEIVLNRGWAQLTD
KTLNLCKMIDKRMWQSMCPLRQFRKLPEEVVKKIEKKNFPFERLYDLNHNEIGELIRMPKMGKTIHKYVHLFPKLELSVH
LQPITRSTLKVELTITPDFQWDEKVHGSSEAFWILVEDVDSEVILHHEYFLLKAKYAQDEHLITFFVPVFEPLPPQYFIR
VVSDRWLSCETQLPVSFRHLILPEKYPPPTELLDLQPLPVSALRNSAFESLYQDKFPFFNPIQTQVFNTVYNSDDNVFVG
APTGSGKTICAEFAILRMLLQSSEGRCVYITPMEALAEQVYMDWYEKFQDRLNKKVVLLTGETSTDLKLLGKGNIIISTP
EKWDILSRRWKQRKNVQNINLFVVDEVHLIGGENGPVLEVICSRMRYISSQIERPIRIVALSSSLSNAKDVAHWLGCSAT
STFNFHPNVRPVPLELHIQGFNISHTQTRLLSMAKPVYHAITKHSPKKPVIVFVPSRKQTRLTAIDILTTCAADIQRQRF
LHCTEKDLIPYLEKLSDSTLKETLLNGVGYLHEGLSPMERRLVEQLFSSGAIQVVVASRSLCWGMNVAAHLVIIMDTQYY
NGKIHAYVDYPIYDVLQMVGHANRPLQDDEGRCVIMCQGSKKDFFKKFLYEPLPVESHLDHCMHDHFNAEIVTKTIENKQ
DAVDYLTWTFLYRRMTQNPNYYNLQGISHRHLSDHLSELVEQTLSDLEQSKCISIEDEMDVAPLNLGMIAAYYYINYTTI
ELFSMSLNAKTKVRGLIEIISNAAEYENIPIRHHEDNLLRQLAQKVPHKLNNPKFNDPHVKTNLLLQAHLSRMQLSAELQ
SDTEEILSKAIRLIQACVDVLSSNGWLSPALAAMELAQMVTQAMWSKDSYLKQLPHFTSEHIKRCTDKGVESVFDIMEME
DEERNALLQLTDSQIADVARFCNRYPNIELSYEVVDKDSIRSGGPVVVLVQLEREEEVTGPVIAPLFPQKREEGWWVVIG
DAKSNSLISIKRLTLQQKAKVKLDFVAPATGAHNYTLYFMSDAYMGCDQEYKFSVDVKEAETDSDSD
;
B
2 'polypeptide(L)'
;GPLGSMTQTFSSKTEWRVRAISAANLHLRTNHIYVSSDDIKETGYTYILPKNVLKKFICISDLRAQIAGYLYGVSPPDNP
QVKEIRCIVMVPQWGTHQTVHLPGQLPQHEYLKEMEPLGWIHTQPNESPQLSPQDVTTHAKIMADNPSWDGEKTIIITCS
FTPGSCTLTAYKLTPSGYEWGRQNTDKGNNPKGYLPSHYERVQMLLSDRFLGFFMVPAQSSWNYNFMGVRHDPNMKYELQ
LANPKEFYHEVHRPSHFLNFALL
;
J
#
loop_
_chem_comp.id
_chem_comp.type
_chem_comp.name
_chem_comp.formula
EDO non-polymer 1,2-ETHANEDIOL 'C2 H6 O2'
Q8Z non-polymer ~{N}-methoxy-~{N}-methyl-benzenesulfonamide 'C8 H11 N O3 S'
#
# COMPACT_ATOMS: atom_id res chain seq x y z
N LEU A 14 15.73 -5.26 -38.76
CA LEU A 14 16.06 -5.29 -37.34
C LEU A 14 17.56 -5.10 -37.13
N ALA A 15 18.36 -5.73 -37.98
CA ALA A 15 19.81 -5.78 -37.79
C ALA A 15 20.51 -4.49 -38.24
N PRO A 16 20.25 -3.96 -39.46
CA PRO A 16 20.98 -2.72 -39.84
C PRO A 16 20.28 -1.45 -39.38
N ARG A 17 20.38 -1.17 -38.08
CA ARG A 17 19.77 0.03 -37.53
C ARG A 17 20.66 1.25 -37.79
N GLN A 18 20.09 2.42 -37.53
CA GLN A 18 20.82 3.67 -37.53
C GLN A 18 20.49 4.44 -36.27
N VAL A 19 21.50 5.10 -35.71
CA VAL A 19 21.32 5.92 -34.53
C VAL A 19 21.07 7.35 -34.98
N LEU A 20 19.95 7.91 -34.56
CA LEU A 20 19.52 9.21 -35.03
C LEU A 20 19.91 10.28 -34.01
N ASP A 21 19.88 11.54 -34.45
CA ASP A 21 20.01 12.70 -33.55
C ASP A 21 18.62 13.28 -33.33
N LEU A 22 18.03 12.98 -32.18
CA LEU A 22 16.67 13.44 -31.91
C LEU A 22 16.59 14.96 -31.85
N GLU A 23 17.63 15.63 -31.34
CA GLU A 23 17.58 17.08 -31.21
C GLU A 23 17.55 17.77 -32.57
N ASP A 24 18.14 17.16 -33.58
CA ASP A 24 18.08 17.71 -34.93
C ASP A 24 16.71 17.47 -35.59
N LEU A 25 15.86 16.64 -35.02
CA LEU A 25 14.52 16.45 -35.56
C LEU A 25 13.48 17.31 -34.84
N VAL A 26 13.88 18.05 -33.80
CA VAL A 26 12.95 18.79 -32.95
C VAL A 26 12.48 20.07 -33.65
N PHE A 27 11.20 20.40 -33.49
CA PHE A 27 10.69 21.72 -33.84
C PHE A 27 11.02 22.67 -32.68
N THR A 28 12.08 23.46 -32.82
CA THR A 28 12.56 24.24 -31.68
C THR A 28 11.54 25.28 -31.23
N GLN A 29 10.71 25.80 -32.14
CA GLN A 29 9.75 26.82 -31.75
C GLN A 29 8.53 26.27 -31.04
N GLY A 30 8.48 24.96 -30.76
CA GLY A 30 7.35 24.38 -30.05
C GLY A 30 6.03 24.76 -30.71
N SER A 31 5.09 25.23 -29.91
CA SER A 31 3.81 25.62 -30.47
C SER A 31 3.92 26.84 -31.38
N HIS A 32 5.08 27.51 -31.42
CA HIS A 32 5.22 28.63 -32.34
C HIS A 32 5.74 28.19 -33.70
N PHE A 33 6.05 26.91 -33.88
CA PHE A 33 6.45 26.42 -35.19
C PHE A 33 5.29 26.57 -36.18
N MET A 34 5.60 27.11 -37.34
CA MET A 34 4.62 27.43 -38.37
C MET A 34 4.89 26.55 -39.59
N ALA A 35 4.14 25.47 -39.74
CA ALA A 35 4.39 24.54 -40.83
C ALA A 35 3.88 25.04 -42.17
N ASN A 36 2.91 25.96 -42.18
CA ASN A 36 2.31 26.45 -43.42
C ASN A 36 3.16 27.56 -44.02
N LYS A 37 3.47 27.44 -45.31
CA LYS A 37 4.32 28.44 -45.94
C LYS A 37 3.57 29.75 -46.20
N ARG A 38 2.27 29.70 -46.40
CA ARG A 38 1.52 30.89 -46.79
C ARG A 38 0.26 31.02 -45.95
N CYS A 39 -0.22 32.24 -45.82
CA CYS A 39 -1.46 32.53 -45.12
C CYS A 39 -2.41 33.27 -46.06
N GLN A 40 -3.56 32.67 -46.33
CA GLN A 40 -4.62 33.32 -47.10
C GLN A 40 -5.58 33.99 -46.12
N LEU A 41 -5.62 35.32 -46.13
CA LEU A 41 -6.54 36.05 -45.27
C LEU A 41 -7.97 35.97 -45.81
N PRO A 42 -8.96 36.05 -44.92
CA PRO A 42 -10.36 36.11 -45.38
C PRO A 42 -10.59 37.28 -46.31
N ASP A 43 -11.60 37.15 -47.15
CA ASP A 43 -11.98 38.27 -48.02
C ASP A 43 -12.35 39.48 -47.18
N GLY A 44 -11.89 40.64 -47.62
CA GLY A 44 -12.16 41.89 -46.93
C GLY A 44 -11.08 42.35 -45.98
N SER A 45 -10.07 41.52 -45.74
CA SER A 45 -8.92 41.95 -44.94
C SER A 45 -8.14 43.03 -45.68
N PHE A 46 -7.49 43.91 -44.91
CA PHE A 46 -6.68 44.95 -45.52
C PHE A 46 -5.55 45.34 -44.59
N ARG A 47 -4.46 45.82 -45.20
CA ARG A 47 -3.21 46.11 -44.50
C ARG A 47 -2.95 47.60 -44.54
N ARG A 48 -2.79 48.21 -43.37
CA ARG A 48 -2.53 49.63 -43.21
C ARG A 48 -1.14 49.85 -42.61
N GLN A 49 -0.55 51.00 -42.90
CA GLN A 49 0.79 51.33 -42.42
C GLN A 49 0.74 52.51 -41.46
N ARG A 50 1.65 52.51 -40.48
CA ARG A 50 1.83 53.64 -39.59
C ARG A 50 3.29 53.68 -39.17
N LYS A 51 3.70 54.83 -38.63
CA LYS A 51 5.11 55.03 -38.30
C LYS A 51 5.56 54.03 -37.26
N GLY A 52 6.40 53.09 -37.68
CA GLY A 52 6.93 52.08 -36.78
C GLY A 52 6.09 50.84 -36.62
N TYR A 53 4.95 50.74 -37.31
CA TYR A 53 4.20 49.49 -37.21
C TYR A 53 3.24 49.33 -38.39
N GLU A 54 2.77 48.11 -38.54
CA GLU A 54 1.78 47.74 -39.53
C GLU A 54 0.52 47.27 -38.81
N GLU A 55 -0.63 47.51 -39.42
CA GLU A 55 -1.89 46.98 -38.93
C GLU A 55 -2.49 46.09 -40.02
N VAL A 56 -3.09 44.99 -39.59
CA VAL A 56 -3.84 44.11 -40.49
C VAL A 56 -5.23 44.00 -39.91
N HIS A 57 -6.24 44.39 -40.69
CA HIS A 57 -7.62 44.28 -40.25
C HIS A 57 -8.29 43.12 -40.98
N VAL A 58 -8.97 42.27 -40.21
CA VAL A 58 -9.71 41.14 -40.75
C VAL A 58 -11.16 41.31 -40.31
N PRO A 59 -12.11 41.46 -41.24
CA PRO A 59 -13.49 41.71 -40.86
C PRO A 59 -14.15 40.48 -40.27
N ALA A 60 -15.21 40.72 -39.51
CA ALA A 60 -16.01 39.62 -38.96
C ALA A 60 -16.59 38.76 -40.08
N LEU A 61 -16.62 37.45 -39.84
CA LEU A 61 -17.13 36.51 -40.82
C LEU A 61 -18.65 36.49 -40.79
N LYS A 62 -19.23 36.14 -41.93
CA LYS A 62 -20.68 36.01 -41.99
C LYS A 62 -21.08 34.56 -41.70
N PRO A 63 -21.97 34.32 -40.74
CA PRO A 63 -22.43 32.95 -40.48
C PRO A 63 -23.02 32.32 -41.73
N LYS A 64 -22.73 31.04 -41.91
CA LYS A 64 -23.38 30.28 -42.96
C LYS A 64 -24.85 30.11 -42.61
N PRO A 65 -25.78 30.50 -43.50
CA PRO A 65 -27.21 30.58 -43.09
C PRO A 65 -27.93 29.25 -43.19
N PHE A 66 -27.62 28.36 -42.25
CA PHE A 66 -28.26 27.06 -42.10
C PHE A 66 -28.07 26.20 -43.35
N GLY A 67 -28.81 25.09 -43.44
CA GLY A 67 -28.58 24.15 -44.50
C GLY A 67 -29.78 23.34 -44.95
N SER A 68 -29.50 22.29 -45.72
CA SER A 68 -30.56 21.51 -46.35
C SER A 68 -31.39 20.74 -45.32
N GLU A 69 -30.73 20.08 -44.36
CA GLU A 69 -31.38 19.38 -43.26
C GLU A 69 -30.75 19.89 -41.95
N GLU A 70 -31.10 21.11 -41.57
CA GLU A 70 -30.59 21.73 -40.35
C GLU A 70 -31.75 22.31 -39.57
N GLN A 71 -31.95 21.80 -38.35
CA GLN A 71 -32.96 22.32 -37.44
C GLN A 71 -32.41 22.18 -36.03
N LEU A 72 -32.67 23.18 -35.17
CA LEU A 72 -32.13 23.18 -33.82
C LEU A 72 -32.98 22.31 -32.90
N LEU A 73 -32.37 21.29 -32.31
CA LEU A 73 -33.10 20.27 -31.57
C LEU A 73 -33.55 20.80 -30.21
N PRO A 74 -34.84 20.89 -29.94
CA PRO A 74 -35.29 21.22 -28.58
C PRO A 74 -35.03 20.07 -27.64
N VAL A 75 -34.83 20.41 -26.37
CA VAL A 75 -34.53 19.43 -25.34
C VAL A 75 -35.63 18.36 -25.24
N GLU A 76 -36.86 18.70 -25.65
CA GLU A 76 -37.94 17.72 -25.61
C GLU A 76 -37.57 16.46 -26.40
N LYS A 77 -36.91 16.63 -27.54
CA LYS A 77 -36.64 15.52 -28.45
C LYS A 77 -35.43 14.68 -28.03
N LEU A 78 -34.70 15.09 -27.00
CA LEU A 78 -33.61 14.27 -26.51
C LEU A 78 -34.15 13.03 -25.81
N PRO A 79 -33.34 11.97 -25.74
CA PRO A 79 -33.64 10.88 -24.80
C PRO A 79 -33.96 11.43 -23.41
N LYS A 80 -34.85 10.73 -22.71
CA LYS A 80 -35.44 11.32 -21.50
C LYS A 80 -34.48 11.32 -20.33
N TYR A 81 -33.58 10.33 -20.25
CA TYR A 81 -32.55 10.35 -19.21
C TYR A 81 -31.57 11.51 -19.40
N ALA A 82 -31.49 12.05 -20.61
CA ALA A 82 -30.53 13.10 -20.90
C ALA A 82 -31.06 14.50 -20.60
N GLN A 83 -32.39 14.67 -20.59
CA GLN A 83 -32.95 16.01 -20.51
C GLN A 83 -32.64 16.68 -19.19
N ALA A 84 -32.49 15.89 -18.11
CA ALA A 84 -32.12 16.48 -16.84
C ALA A 84 -30.79 17.21 -16.91
N GLY A 85 -29.85 16.71 -17.74
CA GLY A 85 -28.58 17.38 -17.91
C GLY A 85 -28.66 18.67 -18.70
N PHE A 86 -29.77 18.90 -19.40
CA PHE A 86 -30.00 20.13 -20.14
C PHE A 86 -31.16 20.93 -19.56
N GLU A 87 -31.35 20.82 -18.24
CA GLU A 87 -32.34 21.61 -17.55
C GLU A 87 -32.00 23.09 -17.65
N GLY A 88 -33.03 23.92 -17.71
CA GLY A 88 -32.81 25.34 -17.87
C GLY A 88 -32.47 25.78 -19.28
N PHE A 89 -32.52 24.89 -20.26
CA PHE A 89 -32.30 25.25 -21.66
C PHE A 89 -33.48 24.78 -22.49
N LYS A 90 -33.77 25.55 -23.54
CA LYS A 90 -34.91 25.26 -24.39
C LYS A 90 -34.53 24.41 -25.58
N THR A 91 -33.39 24.69 -26.20
CA THR A 91 -32.99 24.04 -27.43
C THR A 91 -31.47 23.99 -27.51
N LEU A 92 -30.94 22.89 -28.01
CA LEU A 92 -29.51 22.80 -28.27
C LEU A 92 -29.12 23.83 -29.32
N ASN A 93 -27.85 24.21 -29.33
CA ASN A 93 -27.38 25.20 -30.29
C ASN A 93 -27.12 24.48 -31.62
N ARG A 94 -26.56 25.21 -32.59
CA ARG A 94 -26.38 24.66 -33.92
C ARG A 94 -25.43 23.46 -33.91
N ILE A 95 -24.28 23.58 -33.23
CA ILE A 95 -23.29 22.51 -33.26
C ILE A 95 -23.74 21.33 -32.40
N GLN A 96 -24.33 21.62 -31.23
CA GLN A 96 -24.90 20.53 -30.45
C GLN A 96 -26.00 19.81 -31.21
N SER A 97 -26.75 20.54 -32.05
CA SER A 97 -27.82 19.90 -32.80
C SER A 97 -27.26 19.03 -33.91
N LYS A 98 -26.15 19.43 -34.53
CA LYS A 98 -25.48 18.52 -35.45
C LYS A 98 -24.83 17.34 -34.73
N LEU A 99 -24.50 17.48 -33.44
CA LEU A 99 -23.68 16.48 -32.78
C LEU A 99 -24.46 15.54 -31.89
N TYR A 100 -25.76 15.78 -31.64
CA TYR A 100 -26.45 15.01 -30.60
C TYR A 100 -26.62 13.55 -30.99
N ARG A 101 -26.96 13.26 -32.26
CA ARG A 101 -27.11 11.86 -32.65
C ARG A 101 -25.82 11.09 -32.42
N ALA A 102 -24.72 11.58 -33.00
CA ALA A 102 -23.43 10.91 -32.84
C ALA A 102 -23.04 10.81 -31.37
N ALA A 103 -23.29 11.87 -30.58
CA ALA A 103 -22.75 11.91 -29.23
C ALA A 103 -23.60 11.12 -28.22
N LEU A 104 -24.93 11.11 -28.38
CA LEU A 104 -25.80 10.47 -27.40
C LEU A 104 -26.36 9.13 -27.87
N GLU A 105 -26.27 8.81 -29.15
CA GLU A 105 -26.89 7.59 -29.67
C GLU A 105 -25.90 6.66 -30.34
N THR A 106 -24.60 6.91 -30.21
CA THR A 106 -23.57 5.96 -30.61
C THR A 106 -22.42 6.04 -29.61
N ASP A 107 -21.57 5.02 -29.64
CA ASP A 107 -20.33 4.99 -28.87
C ASP A 107 -19.12 5.34 -29.72
N GLU A 108 -19.35 6.04 -30.83
CA GLU A 108 -18.30 6.32 -31.79
C GLU A 108 -17.29 7.31 -31.18
N ASN A 109 -16.00 7.02 -31.34
CA ASN A 109 -15.00 8.02 -31.04
C ASN A 109 -15.25 9.26 -31.89
N LEU A 110 -15.07 10.44 -31.31
CA LEU A 110 -15.35 11.67 -32.03
C LEU A 110 -14.18 12.63 -31.95
N LEU A 111 -14.06 13.46 -32.97
CA LEU A 111 -13.24 14.66 -32.92
C LEU A 111 -14.09 15.81 -33.41
N LEU A 112 -14.18 16.87 -32.61
CA LEU A 112 -14.96 18.06 -32.91
C LEU A 112 -14.05 19.27 -33.01
N CYS A 113 -14.01 19.91 -34.17
CA CYS A 113 -13.23 21.12 -34.38
C CYS A 113 -14.21 22.28 -34.55
N ALA A 114 -14.21 23.20 -33.59
CA ALA A 114 -15.02 24.39 -33.60
C ALA A 114 -14.20 25.51 -33.01
N PRO A 115 -14.51 26.76 -33.34
CA PRO A 115 -13.82 27.88 -32.69
C PRO A 115 -14.24 27.99 -31.23
N THR A 116 -13.39 28.64 -30.44
CA THR A 116 -13.62 28.70 -29.00
C THR A 116 -14.95 29.38 -28.70
N GLY A 117 -15.73 28.76 -27.83
CA GLY A 117 -17.03 29.26 -27.45
C GLY A 117 -18.18 28.82 -28.33
N ALA A 118 -17.92 27.96 -29.32
CA ALA A 118 -19.00 27.45 -30.17
C ALA A 118 -19.85 26.41 -29.46
N GLY A 119 -19.32 25.78 -28.42
CA GLY A 119 -20.13 24.85 -27.64
C GLY A 119 -19.56 23.43 -27.59
N LYS A 120 -18.24 23.30 -27.58
CA LYS A 120 -17.67 21.96 -27.60
C LYS A 120 -17.86 21.25 -26.26
N THR A 121 -17.75 21.98 -25.14
CA THR A 121 -17.86 21.30 -23.84
C THR A 121 -19.28 20.78 -23.60
N ASN A 122 -20.29 21.35 -24.27
CA ASN A 122 -21.63 20.79 -24.14
C ASN A 122 -21.76 19.49 -24.92
N VAL A 123 -21.08 19.35 -26.05
CA VAL A 123 -21.03 18.05 -26.71
C VAL A 123 -20.33 17.02 -25.82
N ALA A 124 -19.26 17.44 -25.15
CA ALA A 124 -18.61 16.54 -24.19
C ALA A 124 -19.59 16.15 -23.09
N LEU A 125 -20.44 17.09 -22.67
CA LEU A 125 -21.49 16.76 -21.71
C LEU A 125 -22.43 15.68 -22.26
N MET A 126 -22.82 15.81 -23.53
CA MET A 126 -23.72 14.81 -24.13
C MET A 126 -23.08 13.42 -24.12
N CYS A 127 -21.78 13.34 -24.44
CA CYS A 127 -21.07 12.06 -24.34
C CYS A 127 -21.07 11.54 -22.91
N MET A 128 -20.80 12.42 -21.95
CA MET A 128 -20.90 12.03 -20.55
C MET A 128 -22.27 11.46 -20.22
N LEU A 129 -23.33 12.08 -20.75
CA LEU A 129 -24.67 11.63 -20.44
C LEU A 129 -24.94 10.25 -21.01
N ARG A 130 -24.45 9.98 -22.22
CA ARG A 130 -24.57 8.62 -22.75
C ARG A 130 -23.93 7.60 -21.81
N GLU A 131 -22.69 7.87 -21.38
CA GLU A 131 -22.05 6.94 -20.47
C GLU A 131 -22.84 6.79 -19.17
N ILE A 132 -23.39 7.89 -18.65
CA ILE A 132 -24.19 7.84 -17.42
C ILE A 132 -25.42 6.97 -17.62
N GLY A 133 -26.08 7.13 -18.76
CA GLY A 133 -27.26 6.33 -19.03
C GLY A 133 -26.94 4.85 -19.06
N LYS A 134 -25.72 4.50 -19.46
CA LYS A 134 -25.34 3.09 -19.44
C LYS A 134 -25.48 2.43 -18.06
N HIS A 135 -25.68 3.19 -16.99
CA HIS A 135 -25.60 2.65 -15.63
C HIS A 135 -26.78 3.08 -14.78
N ILE A 136 -27.99 3.06 -15.34
CA ILE A 136 -29.18 3.49 -14.63
C ILE A 136 -30.02 2.26 -14.30
N ASN A 137 -30.32 2.09 -13.01
CA ASN A 137 -31.16 1.00 -12.56
C ASN A 137 -32.63 1.36 -12.69
N MET A 138 -33.50 0.37 -12.46
CA MET A 138 -34.93 0.66 -12.43
C MET A 138 -35.31 1.44 -11.17
N ASP A 139 -34.50 1.39 -10.12
CA ASP A 139 -34.72 2.22 -8.94
C ASP A 139 -34.41 3.70 -9.18
N GLY A 140 -34.04 4.08 -10.41
CA GLY A 140 -33.75 5.45 -10.78
C GLY A 140 -32.32 5.90 -10.56
N THR A 141 -31.69 5.41 -9.49
CA THR A 141 -30.34 5.84 -9.16
C THR A 141 -29.35 5.36 -10.22
N ILE A 142 -28.16 5.94 -10.17
CA ILE A 142 -27.07 5.60 -11.09
C ILE A 142 -26.11 4.67 -10.36
N ASN A 143 -25.70 3.60 -11.04
CA ASN A 143 -24.64 2.75 -10.52
C ASN A 143 -23.33 3.52 -10.49
N VAL A 144 -23.22 4.49 -9.59
CA VAL A 144 -22.09 5.41 -9.58
C VAL A 144 -20.76 4.73 -9.36
N ASP A 145 -20.77 3.46 -8.93
CA ASP A 145 -19.54 2.73 -8.69
C ASP A 145 -19.19 1.80 -9.85
N ASP A 146 -19.84 1.94 -11.00
CA ASP A 146 -19.67 1.03 -12.12
C ASP A 146 -18.95 1.69 -13.31
N PHE A 147 -18.43 2.90 -13.15
CA PHE A 147 -17.83 3.58 -14.29
C PHE A 147 -17.00 4.76 -13.79
N LYS A 148 -16.10 5.22 -14.64
CA LYS A 148 -15.36 6.45 -14.44
C LYS A 148 -15.22 7.15 -15.78
N ILE A 149 -15.13 8.48 -15.72
CA ILE A 149 -14.94 9.32 -16.90
C ILE A 149 -13.81 10.27 -16.59
N ILE A 150 -12.91 10.46 -17.56
CA ILE A 150 -11.76 11.34 -17.41
C ILE A 150 -11.97 12.53 -18.35
N TYR A 151 -11.94 13.73 -17.79
CA TYR A 151 -11.92 14.97 -18.55
C TYR A 151 -10.53 15.59 -18.40
N ILE A 152 -9.80 15.67 -19.49
CA ILE A 152 -8.45 16.21 -19.53
C ILE A 152 -8.54 17.64 -20.04
N ALA A 153 -8.31 18.62 -19.16
CA ALA A 153 -8.23 20.02 -19.51
C ALA A 153 -6.80 20.53 -19.35
N PRO A 154 -6.34 21.44 -20.22
CA PRO A 154 -4.89 21.75 -20.24
C PRO A 154 -4.40 22.59 -19.08
N MET A 155 -5.24 23.47 -18.51
CA MET A 155 -4.81 24.41 -17.47
C MET A 155 -5.57 24.17 -16.18
N ARG A 156 -4.91 24.45 -15.05
CA ARG A 156 -5.48 24.13 -13.74
C ARG A 156 -6.73 24.95 -13.46
N SER A 157 -6.69 26.25 -13.79
CA SER A 157 -7.88 27.09 -13.60
C SER A 157 -9.05 26.57 -14.43
N LEU A 158 -8.77 26.12 -15.64
CA LEU A 158 -9.81 25.50 -16.45
C LEU A 158 -10.35 24.25 -15.77
N VAL A 159 -9.46 23.42 -15.21
CA VAL A 159 -9.89 22.22 -14.50
C VAL A 159 -10.88 22.57 -13.40
N GLN A 160 -10.57 23.62 -12.63
CA GLN A 160 -11.43 23.98 -11.51
C GLN A 160 -12.79 24.50 -11.98
N GLU A 161 -12.78 25.34 -13.02
CA GLU A 161 -14.07 25.80 -13.54
C GLU A 161 -14.89 24.63 -14.08
N MET A 162 -14.24 23.66 -14.73
CA MET A 162 -14.95 22.49 -15.24
C MET A 162 -15.56 21.69 -14.10
N VAL A 163 -14.79 21.49 -13.03
CA VAL A 163 -15.30 20.78 -11.86
C VAL A 163 -16.59 21.44 -11.38
N GLY A 164 -16.56 22.76 -11.20
CA GLY A 164 -17.76 23.47 -10.79
C GLY A 164 -18.93 23.29 -11.74
N SER A 165 -18.72 23.59 -13.03
CA SER A 165 -19.86 23.65 -13.94
C SER A 165 -20.42 22.26 -14.23
N PHE A 166 -19.56 21.27 -14.48
CA PHE A 166 -20.03 19.90 -14.63
C PHE A 166 -20.72 19.40 -13.36
N GLY A 167 -20.18 19.71 -12.18
CA GLY A 167 -20.85 19.31 -10.95
C GLY A 167 -22.25 19.88 -10.83
N LYS A 168 -22.42 21.15 -11.19
CA LYS A 168 -23.76 21.75 -11.14
C LYS A 168 -24.68 21.13 -12.19
N ARG A 169 -24.18 20.82 -13.39
CA ARG A 169 -25.05 20.25 -14.40
C ARG A 169 -25.46 18.82 -14.06
N LEU A 170 -24.63 18.09 -13.32
CA LEU A 170 -24.87 16.69 -13.07
C LEU A 170 -25.25 16.36 -11.63
N ALA A 171 -25.41 17.36 -10.76
CA ALA A 171 -25.88 17.09 -9.41
C ALA A 171 -27.19 16.29 -9.42
N THR A 172 -28.10 16.62 -10.34
CA THR A 172 -29.39 15.93 -10.43
C THR A 172 -29.26 14.45 -10.68
N TYR A 173 -28.05 13.96 -10.96
CA TYR A 173 -27.82 12.54 -11.14
C TYR A 173 -27.15 11.90 -9.93
N GLY A 174 -26.78 12.67 -8.92
CA GLY A 174 -26.02 12.11 -7.81
C GLY A 174 -24.62 11.71 -8.21
N ILE A 175 -23.99 12.48 -9.09
CA ILE A 175 -22.67 12.18 -9.65
C ILE A 175 -21.70 13.22 -9.11
N THR A 176 -20.56 12.76 -8.60
CA THR A 176 -19.53 13.68 -8.14
C THR A 176 -18.52 13.93 -9.25
N VAL A 177 -18.16 15.19 -9.43
CA VAL A 177 -17.08 15.63 -10.30
C VAL A 177 -15.99 16.20 -9.40
N ALA A 178 -14.74 15.88 -9.71
CA ALA A 178 -13.68 16.37 -8.83
C ALA A 178 -12.35 16.47 -9.56
N GLU A 179 -11.49 17.35 -9.06
CA GLU A 179 -10.10 17.43 -9.45
C GLU A 179 -9.24 16.61 -8.49
N LEU A 180 -8.03 16.31 -8.91
CA LEU A 180 -7.14 15.51 -8.09
C LEU A 180 -6.09 16.39 -7.43
N THR A 181 -5.85 16.13 -6.15
CA THR A 181 -4.93 16.96 -5.37
C THR A 181 -3.50 16.82 -5.86
N GLY A 182 -2.99 15.58 -5.89
CA GLY A 182 -1.63 15.29 -6.29
C GLY A 182 -0.82 14.58 -5.23
N ASP A 183 -1.19 14.74 -3.96
CA ASP A 183 -0.58 13.98 -2.89
C ASP A 183 -0.72 12.48 -3.15
N HIS A 184 -1.97 12.00 -3.16
CA HIS A 184 -2.28 10.58 -3.36
C HIS A 184 -1.51 9.72 -2.35
N GLN A 185 -1.40 10.24 -1.13
CA GLN A 185 -0.87 9.53 0.02
C GLN A 185 -1.82 8.40 0.37
N LEU A 186 -3.02 8.78 0.83
CA LEU A 186 -4.20 7.92 0.79
C LEU A 186 -5.28 8.55 -0.08
N CYS A 187 -4.92 9.58 -0.84
CA CYS A 187 -5.85 10.40 -1.61
C CYS A 187 -6.29 9.77 -2.92
N LYS A 188 -5.73 8.62 -3.30
CA LYS A 188 -6.36 7.84 -4.36
C LYS A 188 -7.76 7.39 -3.98
N GLU A 189 -8.11 7.50 -2.69
CA GLU A 189 -9.51 7.34 -2.28
C GLU A 189 -10.40 8.33 -3.00
N GLU A 190 -9.91 9.55 -3.21
CA GLU A 190 -10.69 10.53 -3.96
C GLU A 190 -10.84 10.14 -5.43
N ILE A 191 -10.02 9.20 -5.92
CA ILE A 191 -10.28 8.61 -7.23
C ILE A 191 -11.48 7.68 -7.16
N SER A 192 -11.61 6.91 -6.09
CA SER A 192 -12.70 5.95 -6.01
C SER A 192 -14.02 6.63 -5.64
N ALA A 193 -13.95 7.77 -4.94
CA ALA A 193 -15.17 8.49 -4.64
C ALA A 193 -15.76 9.18 -5.87
N THR A 194 -14.89 9.58 -6.80
CA THR A 194 -15.28 10.42 -7.94
C THR A 194 -15.73 9.60 -9.15
N GLN A 195 -16.79 10.06 -9.81
CA GLN A 195 -17.18 9.45 -11.09
C GLN A 195 -16.59 10.19 -12.29
N ILE A 196 -16.45 11.50 -12.19
CA ILE A 196 -15.92 12.32 -13.28
C ILE A 196 -14.66 13.00 -12.76
N ILE A 197 -13.50 12.44 -13.11
CA ILE A 197 -12.20 12.98 -12.74
C ILE A 197 -11.82 14.04 -13.77
N VAL A 198 -11.51 15.24 -13.31
CA VAL A 198 -11.10 16.34 -14.17
C VAL A 198 -9.68 16.71 -13.80
N CYS A 199 -8.76 16.56 -14.73
CA CYS A 199 -7.36 16.82 -14.43
C CYS A 199 -6.63 17.27 -15.68
N THR A 200 -5.38 17.67 -15.48
CA THR A 200 -4.52 18.06 -16.58
C THR A 200 -3.95 16.81 -17.24
N PRO A 201 -3.39 16.94 -18.45
CA PRO A 201 -2.75 15.76 -19.07
C PRO A 201 -1.61 15.21 -18.23
N GLU A 202 -0.76 16.08 -17.69
CA GLU A 202 0.41 15.63 -16.94
C GLU A 202 -0.01 14.82 -15.72
N LYS A 203 -1.06 15.26 -15.02
CA LYS A 203 -1.51 14.56 -13.83
C LYS A 203 -2.01 13.17 -14.18
N TRP A 204 -2.86 13.06 -15.21
CA TRP A 204 -3.34 11.74 -15.57
C TRP A 204 -2.20 10.87 -16.07
N ASP A 205 -1.19 11.49 -16.68
CA ASP A 205 -0.02 10.75 -17.13
C ASP A 205 0.73 10.14 -15.95
N ILE A 206 1.00 10.93 -14.92
CA ILE A 206 1.82 10.39 -13.83
C ILE A 206 1.02 9.36 -13.05
N ILE A 207 -0.28 9.61 -12.87
CA ILE A 207 -1.14 8.63 -12.20
C ILE A 207 -1.11 7.30 -12.94
N THR A 208 -1.41 7.31 -14.25
CA THR A 208 -1.46 6.04 -14.97
C THR A 208 -0.08 5.47 -15.20
N ARG A 209 0.97 6.28 -15.07
CA ARG A 209 2.32 5.73 -15.05
C ARG A 209 2.52 4.82 -13.86
N LYS A 210 1.99 5.20 -12.69
CA LYS A 210 2.17 4.34 -11.52
C LYS A 210 1.55 2.96 -11.74
N GLY A 211 0.36 2.92 -12.32
CA GLY A 211 -0.15 1.67 -12.87
C GLY A 211 -0.07 0.47 -11.95
N GLY A 212 -0.37 0.66 -10.67
CA GLY A 212 -0.59 -0.47 -9.79
C GLY A 212 -1.97 -1.05 -9.98
N GLU A 213 -2.15 -2.30 -9.55
CA GLU A 213 -3.43 -2.97 -9.72
C GLU A 213 -4.50 -2.19 -8.96
N ARG A 214 -5.50 -1.68 -9.69
CA ARG A 214 -6.54 -0.90 -9.06
C ARG A 214 -7.78 -0.90 -9.94
N THR A 215 -8.91 -0.57 -9.32
CA THR A 215 -10.20 -0.66 -9.98
C THR A 215 -10.42 0.47 -10.98
N TYR A 216 -9.82 1.65 -10.74
CA TYR A 216 -10.10 2.79 -11.60
C TYR A 216 -9.77 2.46 -13.05
N THR A 217 -8.72 1.68 -13.29
CA THR A 217 -8.30 1.39 -14.65
C THR A 217 -9.39 0.64 -15.41
N GLN A 218 -9.98 -0.37 -14.78
CA GLN A 218 -11.04 -1.12 -15.45
C GLN A 218 -12.37 -0.38 -15.43
N LEU A 219 -12.52 0.67 -14.61
CA LEU A 219 -13.78 1.40 -14.61
C LEU A 219 -13.88 2.47 -15.70
N VAL A 220 -12.77 2.85 -16.32
CA VAL A 220 -12.75 3.97 -17.26
C VAL A 220 -13.47 3.57 -18.54
N ARG A 221 -14.53 4.33 -18.89
CA ARG A 221 -15.29 4.09 -20.10
C ARG A 221 -15.18 5.21 -21.12
N LEU A 222 -14.76 6.40 -20.70
CA LEU A 222 -14.83 7.58 -21.53
C LEU A 222 -13.69 8.52 -21.16
N ILE A 223 -12.96 8.97 -22.18
CA ILE A 223 -11.89 9.95 -22.00
C ILE A 223 -12.16 11.11 -22.94
N ILE A 224 -12.21 12.31 -22.40
CA ILE A 224 -12.39 13.53 -23.17
C ILE A 224 -11.07 14.29 -23.15
N LEU A 225 -10.54 14.57 -24.33
CA LEU A 225 -9.32 15.34 -24.52
C LEU A 225 -9.75 16.70 -25.03
N ASP A 226 -9.95 17.64 -24.11
CA ASP A 226 -10.34 18.99 -24.44
C ASP A 226 -9.13 19.78 -24.90
N GLU A 227 -9.35 20.70 -25.85
CA GLU A 227 -8.28 21.52 -26.39
C GLU A 227 -7.13 20.64 -26.90
N ILE A 228 -7.47 19.60 -27.64
CA ILE A 228 -6.47 18.63 -28.11
C ILE A 228 -5.47 19.24 -29.09
N HIS A 229 -5.72 20.44 -29.63
CA HIS A 229 -4.69 21.08 -30.42
C HIS A 229 -3.45 21.41 -29.60
N LEU A 230 -3.50 21.26 -28.27
CA LEU A 230 -2.29 21.29 -27.45
C LEU A 230 -1.22 20.33 -27.97
N LEU A 231 -1.59 19.34 -28.77
CA LEU A 231 -0.65 18.50 -29.49
C LEU A 231 0.50 19.29 -30.10
N HIS A 232 0.21 20.47 -30.67
CA HIS A 232 1.22 21.30 -31.31
C HIS A 232 2.15 21.98 -30.31
N ASP A 233 1.79 22.00 -29.03
CA ASP A 233 2.58 22.62 -27.98
C ASP A 233 3.65 21.65 -27.45
N ASP A 234 4.65 22.21 -26.77
CA ASP A 234 5.67 21.35 -26.18
C ASP A 234 5.10 20.38 -25.16
N ARG A 235 3.89 20.63 -24.64
CA ARG A 235 3.19 19.71 -23.74
C ARG A 235 2.42 18.60 -24.49
N GLY A 236 2.18 18.78 -25.81
CA GLY A 236 1.50 17.79 -26.63
C GLY A 236 1.90 16.33 -26.50
N PRO A 237 3.19 16.05 -26.34
CA PRO A 237 3.59 14.64 -26.23
C PRO A 237 2.93 13.93 -25.07
N VAL A 238 2.48 14.68 -24.06
CA VAL A 238 1.73 14.07 -22.97
C VAL A 238 0.40 13.51 -23.49
N LEU A 239 -0.31 14.31 -24.30
CA LEU A 239 -1.53 13.78 -24.92
C LEU A 239 -1.22 12.56 -25.77
N GLU A 240 -0.14 12.60 -26.54
CA GLU A 240 0.22 11.41 -27.33
C GLU A 240 0.49 10.19 -26.44
N ALA A 241 1.24 10.37 -25.35
CA ALA A 241 1.48 9.25 -24.45
C ALA A 241 0.16 8.72 -23.88
N LEU A 242 -0.73 9.62 -23.46
CA LEU A 242 -2.01 9.20 -22.89
C LEU A 242 -2.80 8.37 -23.91
N VAL A 243 -2.86 8.85 -25.15
CA VAL A 243 -3.68 8.17 -26.15
C VAL A 243 -3.06 6.83 -26.54
N ALA A 244 -1.75 6.81 -26.79
CA ALA A 244 -1.09 5.55 -27.11
C ALA A 244 -1.28 4.53 -26.00
N ARG A 245 -1.18 4.97 -24.74
CA ARG A 245 -1.36 4.06 -23.60
C ARG A 245 -2.80 3.55 -23.53
N ALA A 246 -3.78 4.43 -23.72
CA ALA A 246 -5.19 4.01 -23.67
C ALA A 246 -5.50 3.00 -24.76
N ILE A 247 -5.04 3.26 -25.98
CA ILE A 247 -5.35 2.37 -27.09
C ILE A 247 -4.66 1.02 -26.92
N ARG A 248 -3.41 1.01 -26.43
CA ARG A 248 -2.77 -0.28 -26.18
C ARG A 248 -3.40 -1.01 -25.00
N ASN A 249 -3.86 -0.29 -23.98
CA ASN A 249 -4.62 -0.93 -22.90
C ASN A 249 -5.89 -1.56 -23.46
N ILE A 250 -6.54 -0.88 -24.41
CA ILE A 250 -7.75 -1.42 -25.02
C ILE A 250 -7.43 -2.68 -25.82
N GLU A 251 -6.30 -2.68 -26.53
CA GLU A 251 -5.86 -3.87 -27.24
C GLU A 251 -5.68 -5.03 -26.28
N MET A 252 -4.95 -4.80 -25.18
CA MET A 252 -4.68 -5.88 -24.23
C MET A 252 -5.95 -6.37 -23.56
N THR A 253 -6.85 -5.45 -23.18
CA THR A 253 -8.06 -5.77 -22.44
C THR A 253 -9.23 -6.16 -23.34
N GLN A 254 -9.20 -5.77 -24.62
CA GLN A 254 -10.29 -5.98 -25.57
C GLN A 254 -11.60 -5.35 -25.13
N GLU A 255 -11.61 -4.60 -24.04
CA GLU A 255 -12.72 -3.73 -23.67
C GLU A 255 -12.53 -2.37 -24.32
N ASP A 256 -13.61 -1.84 -24.88
CA ASP A 256 -13.54 -0.60 -25.65
C ASP A 256 -13.78 0.60 -24.75
N VAL A 257 -13.07 1.68 -25.04
CA VAL A 257 -13.18 2.94 -24.33
C VAL A 257 -13.46 4.03 -25.36
N ARG A 258 -14.38 4.94 -25.04
CA ARG A 258 -14.72 5.99 -25.98
C ARG A 258 -13.75 7.16 -25.81
N LEU A 259 -13.22 7.63 -26.94
CA LEU A 259 -12.33 8.78 -26.99
C LEU A 259 -13.03 9.95 -27.69
N ILE A 260 -13.06 11.11 -27.03
CA ILE A 260 -13.66 12.31 -27.58
C ILE A 260 -12.60 13.42 -27.58
N GLY A 261 -12.26 13.95 -28.74
CA GLY A 261 -11.32 15.06 -28.85
C GLY A 261 -12.04 16.35 -29.18
N LEU A 262 -11.63 17.44 -28.51
CA LEU A 262 -12.17 18.77 -28.76
C LEU A 262 -11.02 19.68 -29.16
N SER A 263 -11.11 20.31 -30.33
CA SER A 263 -10.03 21.20 -30.75
C SER A 263 -10.54 22.46 -31.43
N ALA A 264 -9.65 23.45 -31.51
CA ALA A 264 -9.87 24.59 -32.40
C ALA A 264 -9.89 24.12 -33.86
N THR A 265 -10.18 25.04 -34.75
CA THR A 265 -10.25 24.69 -36.16
C THR A 265 -8.89 24.98 -36.79
N LEU A 266 -8.13 23.93 -37.07
CA LEU A 266 -6.76 24.07 -37.53
C LEU A 266 -6.41 22.90 -38.43
N PRO A 267 -5.45 23.07 -39.33
CA PRO A 267 -5.12 22.00 -40.27
C PRO A 267 -4.58 20.75 -39.57
N ASN A 268 -4.71 19.62 -40.27
CA ASN A 268 -4.37 18.27 -39.82
C ASN A 268 -5.40 17.71 -38.85
N TYR A 269 -6.60 18.30 -38.79
CA TYR A 269 -7.66 17.72 -37.96
C TYR A 269 -8.00 16.30 -38.40
N GLU A 270 -7.79 15.99 -39.69
CA GLU A 270 -7.99 14.62 -40.15
C GLU A 270 -6.93 13.68 -39.59
N ASP A 271 -5.70 14.16 -39.40
CA ASP A 271 -4.66 13.33 -38.78
C ASP A 271 -4.94 13.15 -37.29
N VAL A 272 -5.39 14.21 -36.61
CA VAL A 272 -5.85 14.04 -35.22
C VAL A 272 -6.94 12.98 -35.15
N ALA A 273 -7.86 12.99 -36.14
CA ALA A 273 -8.93 11.99 -36.19
C ALA A 273 -8.36 10.58 -36.31
N THR A 274 -7.48 10.36 -37.27
CA THR A 274 -6.81 9.07 -37.37
C THR A 274 -6.16 8.69 -36.03
N PHE A 275 -5.63 9.69 -35.32
CA PHE A 275 -4.88 9.42 -34.10
C PHE A 275 -5.80 9.01 -32.95
N LEU A 276 -7.03 9.53 -32.95
CA LEU A 276 -8.06 9.16 -31.98
C LEU A 276 -8.89 7.95 -32.41
N ARG A 277 -8.50 7.27 -33.49
CA ARG A 277 -9.30 6.17 -34.02
C ARG A 277 -10.73 6.64 -34.29
N VAL A 278 -10.84 7.83 -34.86
CA VAL A 278 -12.12 8.40 -35.25
C VAL A 278 -12.39 8.03 -36.70
N ASP A 279 -13.50 7.36 -36.95
CA ASP A 279 -13.95 7.18 -38.32
C ASP A 279 -14.30 8.56 -38.90
N PRO A 280 -13.66 8.99 -39.99
CA PRO A 280 -13.96 10.34 -40.51
C PRO A 280 -15.40 10.53 -40.91
N ALA A 281 -16.04 9.50 -41.48
CA ALA A 281 -17.44 9.61 -41.87
C ALA A 281 -18.34 9.71 -40.64
N LYS A 282 -18.12 8.85 -39.65
CA LYS A 282 -19.04 8.81 -38.52
C LYS A 282 -18.72 9.86 -37.46
N GLY A 283 -17.44 10.09 -37.17
CA GLY A 283 -17.09 10.80 -35.95
C GLY A 283 -16.36 12.12 -36.08
N LEU A 284 -16.00 12.54 -37.29
CA LEU A 284 -15.27 13.79 -37.49
C LEU A 284 -16.22 14.92 -37.87
N PHE A 285 -16.15 16.04 -37.13
CA PHE A 285 -17.00 17.19 -37.37
C PHE A 285 -16.16 18.46 -37.38
N TYR A 286 -16.12 19.14 -38.52
CA TYR A 286 -15.34 20.37 -38.69
C TYR A 286 -16.28 21.55 -38.88
N PHE A 287 -16.17 22.55 -38.01
CA PHE A 287 -16.96 23.77 -38.09
C PHE A 287 -16.02 24.96 -38.20
N ASP A 288 -16.10 25.70 -39.30
CA ASP A 288 -15.15 26.79 -39.52
C ASP A 288 -15.44 27.95 -38.57
N ASN A 289 -14.66 29.02 -38.70
CA ASN A 289 -14.71 30.13 -37.74
C ASN A 289 -15.92 31.02 -37.90
N SER A 290 -16.78 30.74 -38.90
CA SER A 290 -18.06 31.44 -38.97
C SER A 290 -19.00 31.00 -37.86
N PHE A 291 -18.81 29.78 -37.35
CA PHE A 291 -19.64 29.23 -36.28
C PHE A 291 -19.30 29.77 -34.91
N ARG A 292 -18.36 30.71 -34.82
CA ARG A 292 -18.15 31.45 -33.59
C ARG A 292 -19.47 32.07 -33.14
N PRO A 293 -19.80 32.02 -31.85
CA PRO A 293 -21.10 32.58 -31.41
C PRO A 293 -21.26 34.05 -31.75
N VAL A 294 -20.25 34.85 -31.47
CA VAL A 294 -20.24 36.28 -31.78
C VAL A 294 -19.20 36.50 -32.88
N PRO A 295 -19.57 37.16 -33.99
CA PRO A 295 -18.57 37.42 -35.03
C PRO A 295 -17.42 38.26 -34.50
N LEU A 296 -16.23 38.05 -35.08
CA LEU A 296 -15.01 38.64 -34.54
C LEU A 296 -14.36 39.52 -35.60
N GLU A 297 -14.30 40.82 -35.33
CA GLU A 297 -13.50 41.75 -36.11
C GLU A 297 -12.11 41.82 -35.48
N GLN A 298 -11.09 41.37 -36.23
CA GLN A 298 -9.76 41.25 -35.66
C GLN A 298 -8.86 42.38 -36.14
N THR A 299 -7.98 42.84 -35.24
CA THR A 299 -6.94 43.81 -35.55
C THR A 299 -5.61 43.23 -35.09
N TYR A 300 -4.62 43.21 -35.98
CA TYR A 300 -3.27 42.78 -35.66
C TYR A 300 -2.33 43.95 -35.83
N VAL A 301 -1.48 44.18 -34.84
CA VAL A 301 -0.52 45.29 -34.87
C VAL A 301 0.87 44.68 -34.76
N GLY A 302 1.65 44.81 -35.82
CA GLY A 302 3.02 44.32 -35.82
C GLY A 302 3.99 45.48 -35.81
N ILE A 303 4.71 45.63 -34.72
CA ILE A 303 5.63 46.75 -34.56
C ILE A 303 6.96 46.40 -35.22
N THR A 304 7.48 47.33 -36.01
CA THR A 304 8.75 47.13 -36.70
C THR A 304 9.95 47.55 -35.87
N GLU A 305 9.73 48.32 -34.80
CA GLU A 305 10.83 48.86 -34.00
C GLU A 305 11.60 47.76 -33.29
N LYS A 306 12.92 47.75 -33.46
CA LYS A 306 13.77 46.72 -32.87
C LYS A 306 14.27 47.07 -31.48
N LYS A 307 14.22 48.35 -31.09
CA LYS A 307 14.82 48.80 -29.83
C LYS A 307 13.78 48.79 -28.72
N ALA A 308 14.14 48.16 -27.59
CA ALA A 308 13.19 47.95 -26.51
C ALA A 308 12.61 49.25 -25.98
N ILE A 309 13.46 50.23 -25.72
CA ILE A 309 13.01 51.48 -25.09
C ILE A 309 11.94 52.14 -25.94
N LYS A 310 12.14 52.20 -27.26
CA LYS A 310 11.15 52.83 -28.12
C LYS A 310 9.93 51.95 -28.33
N ARG A 311 10.14 50.63 -28.47
CA ARG A 311 9.05 49.71 -28.75
C ARG A 311 8.05 49.66 -27.59
N PHE A 312 8.54 49.75 -26.36
CA PHE A 312 7.66 49.70 -25.18
C PHE A 312 6.71 50.90 -25.16
N GLN A 313 7.24 52.10 -25.40
CA GLN A 313 6.37 53.27 -25.43
C GLN A 313 5.48 53.26 -26.66
N ILE A 314 5.95 52.71 -27.79
CA ILE A 314 5.10 52.54 -28.95
C ILE A 314 3.90 51.67 -28.62
N MET A 315 4.15 50.57 -27.88
CA MET A 315 3.04 49.70 -27.46
C MET A 315 2.06 50.44 -26.57
N ASN A 316 2.58 51.21 -25.61
CA ASN A 316 1.68 51.98 -24.76
C ASN A 316 0.86 52.97 -25.58
N GLU A 317 1.48 53.57 -26.60
CA GLU A 317 0.76 54.51 -27.45
C GLU A 317 -0.33 53.79 -28.25
N ILE A 318 -0.02 52.62 -28.80
CA ILE A 318 -1.00 51.89 -29.60
C ILE A 318 -2.18 51.48 -28.74
N VAL A 319 -1.92 50.98 -27.54
CA VAL A 319 -3.02 50.57 -26.67
C VAL A 319 -3.82 51.79 -26.22
N TYR A 320 -3.18 52.93 -26.03
CA TYR A 320 -3.95 54.13 -25.70
C TYR A 320 -4.88 54.52 -26.85
N GLU A 321 -4.34 54.61 -28.07
CA GLU A 321 -5.15 54.98 -29.22
C GLU A 321 -6.30 53.99 -29.42
N LYS A 322 -6.06 52.69 -29.18
CA LYS A 322 -7.12 51.71 -29.36
C LYS A 322 -8.16 51.80 -28.25
N ILE A 323 -7.72 52.07 -27.01
CA ILE A 323 -8.66 52.27 -25.91
C ILE A 323 -9.58 53.45 -26.20
N MET A 324 -9.01 54.55 -26.72
CA MET A 324 -9.83 55.73 -26.98
C MET A 324 -10.91 55.45 -28.01
N GLU A 325 -10.69 54.50 -28.92
CA GLU A 325 -11.74 54.14 -29.88
C GLU A 325 -12.91 53.43 -29.23
N HIS A 326 -12.88 53.21 -27.91
CA HIS A 326 -13.93 52.50 -27.20
C HIS A 326 -14.31 53.12 -25.86
N ALA A 327 -13.58 54.12 -25.38
CA ALA A 327 -13.89 54.73 -24.08
C ALA A 327 -15.29 55.33 -24.09
N GLY A 328 -16.13 54.86 -23.16
CA GLY A 328 -17.51 55.26 -23.10
C GLY A 328 -18.43 54.46 -23.99
N LYS A 329 -17.93 53.94 -25.11
CA LYS A 329 -18.75 53.16 -26.02
C LYS A 329 -18.66 51.66 -25.76
N ASN A 330 -17.54 51.16 -25.25
CA ASN A 330 -17.38 49.72 -25.10
C ASN A 330 -16.36 49.40 -24.01
N GLN A 331 -16.63 48.34 -23.25
CA GLN A 331 -15.65 47.82 -22.32
C GLN A 331 -14.44 47.27 -23.06
N VAL A 332 -13.29 47.26 -22.38
CA VAL A 332 -12.05 46.75 -22.96
C VAL A 332 -11.35 45.88 -21.93
N LEU A 333 -11.09 44.63 -22.29
CA LEU A 333 -10.30 43.70 -21.50
C LEU A 333 -8.91 43.64 -22.12
N VAL A 334 -7.92 44.15 -21.41
CA VAL A 334 -6.53 44.09 -21.84
C VAL A 334 -5.88 42.88 -21.19
N PHE A 335 -4.96 42.24 -21.92
CA PHE A 335 -4.32 41.01 -21.49
C PHE A 335 -2.81 41.20 -21.48
N VAL A 336 -2.20 40.88 -20.33
CA VAL A 336 -0.79 41.11 -20.06
C VAL A 336 -0.24 39.84 -19.40
N HIS A 337 1.08 39.65 -19.50
CA HIS A 337 1.69 38.37 -19.22
C HIS A 337 2.50 38.35 -17.93
N SER A 338 2.24 39.29 -17.03
CA SER A 338 2.83 39.31 -15.70
C SER A 338 1.76 39.69 -14.70
N ARG A 339 2.05 39.48 -13.42
CA ARG A 339 1.16 40.00 -12.39
C ARG A 339 1.47 41.46 -12.08
N LYS A 340 2.73 41.89 -12.31
CA LYS A 340 3.09 43.28 -12.09
C LYS A 340 2.71 44.17 -13.27
N GLU A 341 2.89 43.67 -14.49
CA GLU A 341 2.66 44.52 -15.65
C GLU A 341 1.18 44.80 -15.86
N THR A 342 0.28 44.03 -15.25
CA THR A 342 -1.14 44.40 -15.26
C THR A 342 -1.35 45.80 -14.69
N GLY A 343 -0.98 45.98 -13.42
CA GLY A 343 -1.07 47.29 -12.82
C GLY A 343 -0.20 48.31 -13.53
N LYS A 344 0.99 47.90 -13.98
CA LYS A 344 1.88 48.84 -14.66
C LYS A 344 1.23 49.44 -15.90
N THR A 345 0.58 48.60 -16.72
CA THR A 345 -0.05 49.09 -17.94
C THR A 345 -1.34 49.83 -17.64
N ALA A 346 -2.11 49.40 -16.64
CA ALA A 346 -3.28 50.18 -16.25
C ALA A 346 -2.86 51.59 -15.83
N ARG A 347 -1.75 51.69 -15.10
CA ARG A 347 -1.24 53.00 -14.70
C ARG A 347 -0.75 53.79 -15.90
N ALA A 348 -0.08 53.13 -16.85
CA ALA A 348 0.36 53.81 -18.07
C ALA A 348 -0.82 54.43 -18.80
N ILE A 349 -1.88 53.63 -19.02
CA ILE A 349 -3.05 54.12 -19.74
C ILE A 349 -3.71 55.27 -18.99
N ARG A 350 -3.92 55.13 -17.68
CA ARG A 350 -4.59 56.18 -16.95
C ARG A 350 -3.76 57.46 -16.89
N ASP A 351 -2.43 57.34 -16.84
CA ASP A 351 -1.57 58.52 -16.89
C ASP A 351 -1.71 59.22 -18.24
N MET A 352 -1.68 58.45 -19.33
CA MET A 352 -1.88 59.06 -20.65
C MET A 352 -3.24 59.72 -20.75
N CYS A 353 -4.24 59.18 -20.05
CA CYS A 353 -5.58 59.78 -20.09
C CYS A 353 -5.62 61.07 -19.29
N LEU A 354 -4.95 61.10 -18.14
CA LEU A 354 -4.91 62.32 -17.33
C LEU A 354 -4.16 63.43 -18.05
N GLU A 355 -3.03 63.10 -18.67
CA GLU A 355 -2.25 64.13 -19.35
C GLU A 355 -3.02 64.74 -20.52
N LYS A 356 -3.94 63.99 -21.11
CA LYS A 356 -4.71 64.46 -22.26
C LYS A 356 -6.16 64.78 -21.91
N ASP A 357 -6.52 64.77 -20.62
CA ASP A 357 -7.84 65.20 -20.15
C ASP A 357 -8.97 64.33 -20.71
N THR A 358 -8.67 63.07 -21.02
CA THR A 358 -9.65 62.16 -21.57
C THR A 358 -10.27 61.24 -20.53
N LEU A 359 -9.80 61.32 -19.28
CA LEU A 359 -10.25 60.40 -18.23
C LEU A 359 -11.74 60.46 -18.00
N GLY A 360 -12.40 61.54 -18.41
CA GLY A 360 -13.84 61.68 -18.22
C GLY A 360 -14.69 60.91 -19.22
N LEU A 361 -14.09 60.34 -20.25
CA LEU A 361 -14.86 59.57 -21.22
C LEU A 361 -15.24 58.19 -20.69
N PHE A 362 -14.43 57.63 -19.78
CA PHE A 362 -14.76 56.35 -19.18
C PHE A 362 -15.84 56.50 -18.13
N LEU A 363 -15.70 57.49 -17.25
CA LEU A 363 -16.64 57.73 -16.16
C LEU A 363 -17.64 58.80 -16.61
N ARG A 364 -18.86 58.36 -16.90
CA ARG A 364 -19.91 59.31 -17.25
C ARG A 364 -20.16 60.26 -16.10
N GLU A 365 -20.22 61.56 -16.40
CA GLU A 365 -20.45 62.57 -15.38
C GLU A 365 -21.87 62.44 -14.84
N GLY A 366 -21.99 62.18 -13.54
CA GLY A 366 -23.28 62.07 -12.90
C GLY A 366 -24.13 60.90 -13.37
N SER A 367 -23.53 59.72 -13.49
CA SER A 367 -24.27 58.53 -13.88
C SER A 367 -24.17 57.47 -12.79
N ALA A 368 -24.92 56.38 -12.98
CA ALA A 368 -25.14 55.42 -11.90
C ALA A 368 -23.88 54.66 -11.56
N SER A 369 -23.08 54.29 -12.57
CA SER A 369 -21.93 53.43 -12.36
C SER A 369 -21.03 53.95 -11.25
N THR A 370 -20.66 55.24 -11.32
CA THR A 370 -19.77 55.84 -10.34
C THR A 370 -20.22 55.57 -8.92
N GLU A 371 -21.53 55.59 -8.68
CA GLU A 371 -22.04 55.35 -7.33
C GLU A 371 -21.58 54.01 -6.80
N VAL A 372 -21.80 52.94 -7.58
CA VAL A 372 -21.35 51.62 -7.12
C VAL A 372 -19.84 51.62 -6.95
N LEU A 373 -19.14 52.41 -7.76
CA LEU A 373 -17.69 52.49 -7.66
C LEU A 373 -17.25 53.31 -6.47
N ARG A 374 -18.12 54.18 -5.94
CA ARG A 374 -17.73 55.07 -4.86
C ARG A 374 -17.23 54.28 -3.64
N THR A 375 -18.01 53.27 -3.22
CA THR A 375 -17.73 52.59 -1.96
C THR A 375 -16.53 51.64 -2.07
N GLU A 376 -16.63 50.62 -2.93
CA GLU A 376 -15.59 49.60 -3.00
C GLU A 376 -14.23 50.21 -3.31
N ALA A 377 -14.17 51.11 -4.30
CA ALA A 377 -12.92 51.80 -4.59
C ALA A 377 -12.38 52.50 -3.35
N GLU A 378 -13.25 53.16 -2.58
CA GLU A 378 -12.80 53.79 -1.34
C GLU A 378 -12.40 52.75 -0.28
N GLN A 379 -13.06 51.58 -0.27
CA GLN A 379 -12.66 50.54 0.67
C GLN A 379 -11.24 50.09 0.43
N CYS A 380 -10.77 50.17 -0.82
CA CYS A 380 -9.36 49.94 -1.17
C CYS A 380 -8.88 48.60 -0.64
N LYS A 381 -9.66 47.55 -0.90
CA LYS A 381 -9.25 46.22 -0.48
C LYS A 381 -7.91 45.83 -1.09
N ASN A 382 -7.64 46.28 -2.31
CA ASN A 382 -6.34 46.06 -2.93
C ASN A 382 -5.68 47.40 -3.22
N LEU A 383 -4.35 47.42 -3.15
CA LEU A 383 -3.60 48.67 -3.18
C LEU A 383 -3.54 49.23 -4.60
N GLU A 384 -3.15 48.40 -5.55
CA GLU A 384 -3.22 48.80 -6.94
C GLU A 384 -4.67 49.07 -7.35
N LEU A 385 -5.60 48.24 -6.88
CA LEU A 385 -7.01 48.55 -7.04
C LEU A 385 -7.36 49.87 -6.39
N LYS A 386 -6.71 50.22 -5.27
CA LYS A 386 -6.91 51.54 -4.69
C LYS A 386 -6.56 52.63 -5.69
N ASP A 387 -5.33 52.58 -6.22
CA ASP A 387 -4.88 53.63 -7.15
C ASP A 387 -5.75 53.68 -8.41
N LEU A 388 -6.33 52.55 -8.82
CA LEU A 388 -6.95 52.47 -10.14
C LEU A 388 -8.47 52.46 -10.17
N LEU A 389 -9.13 51.88 -9.17
CA LEU A 389 -10.56 51.60 -9.27
C LEU A 389 -11.44 52.83 -9.47
N PRO A 390 -11.25 53.94 -8.74
CA PRO A 390 -12.16 55.09 -8.95
C PRO A 390 -12.16 55.62 -10.37
N TYR A 391 -11.06 55.46 -11.10
CA TYR A 391 -10.94 56.01 -12.44
C TYR A 391 -11.58 55.13 -13.51
N GLY A 392 -12.20 54.01 -13.14
CA GLY A 392 -12.79 53.09 -14.08
C GLY A 392 -11.92 51.91 -14.44
N PHE A 393 -10.70 51.86 -13.94
CA PHE A 393 -9.73 50.83 -14.27
C PHE A 393 -9.77 49.70 -13.25
N ALA A 394 -9.38 48.50 -13.67
CA ALA A 394 -9.23 47.39 -12.74
C ALA A 394 -8.15 46.44 -13.24
N ILE A 395 -7.52 45.73 -12.32
CA ILE A 395 -6.61 44.64 -12.68
C ILE A 395 -7.09 43.37 -12.02
N HIS A 396 -6.63 42.25 -12.55
CA HIS A 396 -7.11 40.93 -12.10
C HIS A 396 -6.03 39.90 -12.39
N HIS A 397 -5.50 39.28 -11.34
CA HIS A 397 -4.48 38.25 -11.50
C HIS A 397 -4.52 37.32 -10.30
N ALA A 398 -3.54 36.42 -10.22
CA ALA A 398 -3.62 35.29 -9.29
C ALA A 398 -3.19 35.68 -7.87
N GLY A 399 -2.16 36.52 -7.74
CA GLY A 399 -1.71 36.94 -6.41
C GLY A 399 -2.76 37.68 -5.61
N MET A 400 -3.82 38.16 -6.27
CA MET A 400 -4.91 38.84 -5.59
C MET A 400 -5.71 37.86 -4.75
N THR A 401 -6.48 38.41 -3.80
CA THR A 401 -7.36 37.60 -2.98
C THR A 401 -8.57 37.14 -3.79
N ARG A 402 -9.17 36.03 -3.35
CA ARG A 402 -10.33 35.49 -4.07
C ARG A 402 -11.49 36.47 -4.08
N VAL A 403 -11.73 37.14 -2.95
CA VAL A 403 -12.86 38.06 -2.88
C VAL A 403 -12.61 39.31 -3.69
N ASP A 404 -11.35 39.75 -3.82
CA ASP A 404 -11.04 40.86 -4.71
C ASP A 404 -11.28 40.49 -6.17
N ARG A 405 -10.92 39.26 -6.56
CA ARG A 405 -11.18 38.81 -7.92
C ARG A 405 -12.67 38.73 -8.19
N THR A 406 -13.44 38.21 -7.23
CA THR A 406 -14.89 38.17 -7.40
C THR A 406 -15.49 39.58 -7.43
N LEU A 407 -14.89 40.52 -6.69
CA LEU A 407 -15.29 41.92 -6.77
C LEU A 407 -15.12 42.44 -8.20
N VAL A 408 -13.93 42.27 -8.75
CA VAL A 408 -13.66 42.71 -10.12
C VAL A 408 -14.63 42.05 -11.09
N GLU A 409 -14.90 40.76 -10.91
CA GLU A 409 -15.76 40.02 -11.83
C GLU A 409 -17.19 40.52 -11.78
N ASP A 410 -17.76 40.65 -10.58
CA ASP A 410 -19.13 41.12 -10.45
C ASP A 410 -19.28 42.58 -10.89
N LEU A 411 -18.23 43.38 -10.71
CA LEU A 411 -18.29 44.75 -11.23
C LEU A 411 -18.28 44.75 -12.75
N PHE A 412 -17.42 43.92 -13.36
CA PHE A 412 -17.33 43.89 -14.81
C PHE A 412 -18.58 43.31 -15.45
N ALA A 413 -19.25 42.37 -14.78
CA ALA A 413 -20.41 41.71 -15.37
C ALA A 413 -21.53 42.70 -15.65
N ASP A 414 -21.82 43.58 -14.70
CA ASP A 414 -22.89 44.56 -14.85
C ASP A 414 -22.45 45.81 -15.62
N LYS A 415 -21.36 45.72 -16.39
CA LYS A 415 -20.89 46.80 -17.26
C LYS A 415 -20.41 48.03 -16.47
N HIS A 416 -19.85 47.82 -15.27
CA HIS A 416 -19.43 48.96 -14.45
C HIS A 416 -17.96 49.32 -14.65
N ILE A 417 -17.09 48.33 -14.84
CA ILE A 417 -15.67 48.58 -15.12
C ILE A 417 -15.51 48.84 -16.60
N GLN A 418 -14.61 49.77 -16.94
CA GLN A 418 -14.43 50.18 -18.34
C GLN A 418 -13.18 49.61 -18.98
N VAL A 419 -12.12 49.41 -18.21
CA VAL A 419 -10.92 48.75 -18.72
C VAL A 419 -10.41 47.79 -17.64
N LEU A 420 -10.30 46.52 -17.98
CA LEU A 420 -9.85 45.48 -17.06
C LEU A 420 -8.58 44.87 -17.62
N VAL A 421 -7.46 45.11 -16.94
CA VAL A 421 -6.17 44.51 -17.31
C VAL A 421 -5.98 43.22 -16.53
N SER A 422 -5.73 42.13 -17.24
CA SER A 422 -5.71 40.82 -16.62
C SER A 422 -4.69 39.93 -17.31
N THR A 423 -4.56 38.72 -16.79
CA THR A 423 -3.62 37.70 -17.22
C THR A 423 -4.37 36.55 -17.88
N ALA A 424 -3.60 35.55 -18.33
CA ALA A 424 -4.22 34.38 -18.94
C ALA A 424 -5.14 33.65 -17.98
N THR A 425 -4.89 33.78 -16.68
CA THR A 425 -5.66 33.02 -15.69
C THR A 425 -7.14 33.36 -15.75
N LEU A 426 -7.46 34.66 -15.89
CA LEU A 426 -8.86 35.07 -16.06
C LEU A 426 -9.46 34.44 -17.30
N ALA A 427 -8.71 34.44 -18.41
CA ALA A 427 -9.22 33.88 -19.66
C ALA A 427 -9.55 32.41 -19.51
N TRP A 428 -8.77 31.67 -18.73
CA TRP A 428 -9.00 30.23 -18.61
C TRP A 428 -10.01 29.86 -17.53
N GLY A 429 -9.98 30.52 -16.37
CA GLY A 429 -10.74 30.06 -15.23
C GLY A 429 -12.07 30.74 -14.95
N VAL A 430 -12.34 31.86 -15.62
CA VAL A 430 -13.55 32.65 -15.37
C VAL A 430 -14.29 32.88 -16.68
N ASN A 431 -15.62 32.82 -16.62
CA ASN A 431 -16.48 33.09 -17.78
C ASN A 431 -16.82 34.58 -17.82
N LEU A 432 -15.82 35.37 -18.22
CA LEU A 432 -15.93 36.83 -18.29
C LEU A 432 -15.72 37.27 -19.74
N PRO A 433 -16.77 37.52 -20.50
CA PRO A 433 -16.60 38.05 -21.85
C PRO A 433 -16.60 39.57 -21.88
N ALA A 434 -15.82 40.11 -22.80
CA ALA A 434 -15.72 41.54 -22.98
C ALA A 434 -15.89 41.86 -24.46
N HIS A 435 -16.48 43.02 -24.74
CA HIS A 435 -16.75 43.36 -26.13
C HIS A 435 -15.45 43.56 -26.92
N THR A 436 -14.49 44.26 -26.33
CA THR A 436 -13.19 44.49 -26.95
C THR A 436 -12.12 43.84 -26.09
N VAL A 437 -11.23 43.10 -26.74
CA VAL A 437 -10.11 42.45 -26.07
C VAL A 437 -8.84 42.92 -26.76
N ILE A 438 -7.86 43.33 -25.96
CA ILE A 438 -6.53 43.72 -26.45
C ILE A 438 -5.53 42.78 -25.83
N ILE A 439 -4.63 42.24 -26.64
CA ILE A 439 -3.55 41.37 -26.20
C ILE A 439 -2.28 42.18 -26.36
N LYS A 440 -1.75 42.72 -25.24
CA LYS A 440 -0.67 43.70 -25.30
C LYS A 440 0.66 42.96 -25.28
N GLY A 441 1.17 42.66 -26.47
CA GLY A 441 2.42 41.91 -26.57
C GLY A 441 2.19 40.42 -26.52
N THR A 442 3.07 39.69 -27.20
CA THR A 442 3.00 38.22 -27.23
C THR A 442 4.28 37.59 -26.72
N GLN A 443 5.08 38.33 -25.96
CA GLN A 443 6.29 37.81 -25.34
C GLN A 443 6.01 37.47 -23.87
N VAL A 444 6.51 36.32 -23.46
CA VAL A 444 6.40 35.85 -22.08
C VAL A 444 7.74 35.24 -21.72
N TYR A 445 8.16 35.43 -20.46
CA TYR A 445 9.39 34.81 -20.00
C TYR A 445 9.13 33.34 -19.65
N SER A 446 9.92 32.44 -20.23
CA SER A 446 9.82 31.01 -19.93
C SER A 446 11.05 30.55 -19.14
N PRO A 447 10.90 30.28 -17.83
CA PRO A 447 12.06 29.74 -17.09
C PRO A 447 12.53 28.40 -17.61
N GLU A 448 11.60 27.52 -18.02
CA GLU A 448 11.99 26.24 -18.60
C GLU A 448 12.93 26.43 -19.79
N LYS A 449 12.71 27.50 -20.55
CA LYS A 449 13.55 27.80 -21.70
C LYS A 449 14.66 28.79 -21.37
N GLY A 450 14.55 29.51 -20.26
CA GLY A 450 15.56 30.45 -19.83
C GLY A 450 15.54 31.79 -20.51
N ARG A 451 14.67 32.00 -21.50
CA ARG A 451 14.62 33.23 -22.27
C ARG A 451 13.18 33.70 -22.42
N TRP A 452 13.02 34.79 -23.16
CA TRP A 452 11.70 35.23 -23.57
C TRP A 452 11.29 34.49 -24.83
N THR A 453 10.02 34.11 -24.90
CA THR A 453 9.47 33.40 -26.04
C THR A 453 8.07 33.92 -26.33
N GLU A 454 7.49 33.42 -27.42
CA GLU A 454 6.16 33.83 -27.80
C GLU A 454 5.10 33.15 -26.93
N LEU A 455 3.94 33.78 -26.84
CA LEU A 455 2.82 33.17 -26.12
C LEU A 455 2.43 31.85 -26.75
N GLY A 456 2.02 30.91 -25.91
CA GLY A 456 1.46 29.67 -26.42
C GLY A 456 0.19 29.92 -27.20
N ALA A 457 -0.08 29.03 -28.15
CA ALA A 457 -1.24 29.21 -29.02
C ALA A 457 -2.55 29.05 -28.25
N LEU A 458 -2.59 28.12 -27.30
CA LEU A 458 -3.81 27.94 -26.52
C LEU A 458 -4.20 29.21 -25.80
N ASP A 459 -3.22 29.89 -25.19
CA ASP A 459 -3.50 31.14 -24.49
C ASP A 459 -4.10 32.18 -25.44
N ILE A 460 -3.49 32.34 -26.61
CA ILE A 460 -3.98 33.33 -27.57
C ILE A 460 -5.41 33.00 -27.97
N LEU A 461 -5.65 31.74 -28.36
CA LEU A 461 -6.98 31.36 -28.80
C LEU A 461 -8.01 31.60 -27.71
N GLN A 462 -7.68 31.26 -26.46
CA GLN A 462 -8.63 31.43 -25.36
C GLN A 462 -8.94 32.91 -25.13
N MET A 463 -7.90 33.73 -24.97
CA MET A 463 -8.07 35.16 -24.75
C MET A 463 -8.92 35.80 -25.84
N LEU A 464 -8.56 35.59 -27.10
CA LEU A 464 -9.32 36.18 -28.19
C LEU A 464 -10.70 35.54 -28.33
N GLY A 465 -10.89 34.35 -27.77
CA GLY A 465 -12.22 33.78 -27.68
C GLY A 465 -13.07 34.54 -26.69
N ARG A 466 -12.43 35.18 -25.71
CA ARG A 466 -13.18 36.02 -24.77
C ARG A 466 -13.62 37.38 -25.36
N ALA A 467 -13.57 37.57 -26.67
CA ALA A 467 -13.93 38.83 -27.30
C ALA A 467 -15.36 38.77 -27.85
N GLY A 468 -16.18 39.73 -27.45
CA GLY A 468 -17.59 39.69 -27.82
C GLY A 468 -18.43 38.90 -26.83
N ARG A 469 -19.38 39.58 -26.16
CA ARG A 469 -20.22 38.91 -25.16
C ARG A 469 -21.35 38.14 -25.85
N PRO A 470 -21.66 36.93 -25.37
CA PRO A 470 -22.51 36.03 -26.17
C PRO A 470 -23.92 36.53 -26.41
N GLN A 471 -24.47 37.37 -25.53
CA GLN A 471 -25.82 37.89 -25.70
C GLN A 471 -25.88 39.38 -25.99
N TYR A 472 -25.08 40.18 -25.28
CA TYR A 472 -25.22 41.64 -25.34
C TYR A 472 -24.60 42.24 -26.59
N ASP A 473 -23.56 41.63 -27.14
CA ASP A 473 -22.79 42.24 -28.21
C ASP A 473 -23.19 41.66 -29.57
N THR A 474 -23.18 42.52 -30.58
CA THR A 474 -23.48 42.12 -31.95
C THR A 474 -22.23 41.75 -32.73
N LYS A 475 -21.05 42.05 -32.20
CA LYS A 475 -19.76 41.65 -32.75
C LYS A 475 -18.72 41.87 -31.67
N GLY A 476 -17.60 41.17 -31.79
CA GLY A 476 -16.48 41.39 -30.90
C GLY A 476 -15.30 42.01 -31.64
N GLU A 477 -14.38 42.60 -30.89
CA GLU A 477 -13.21 43.25 -31.47
C GLU A 477 -11.97 42.81 -30.71
N GLY A 478 -11.14 42.00 -31.36
CA GLY A 478 -9.88 41.54 -30.79
C GLY A 478 -8.71 42.27 -31.45
N ILE A 479 -7.79 42.74 -30.62
CA ILE A 479 -6.66 43.55 -31.06
C ILE A 479 -5.42 42.87 -30.50
N LEU A 480 -4.70 42.14 -31.35
CA LEU A 480 -3.44 41.53 -30.98
C LEU A 480 -2.30 42.46 -31.36
N ILE A 481 -1.41 42.74 -30.40
CA ILE A 481 -0.24 43.57 -30.66
C ILE A 481 1.02 42.73 -30.45
N THR A 482 1.88 42.69 -31.47
CA THR A 482 3.04 41.81 -31.49
C THR A 482 4.15 42.46 -32.32
N SER A 483 5.22 41.72 -32.54
CA SER A 483 6.28 42.13 -33.45
C SER A 483 5.85 41.83 -34.89
N HIS A 484 6.41 42.60 -35.82
CA HIS A 484 6.03 42.45 -37.22
C HIS A 484 6.29 41.05 -37.72
N GLY A 485 7.45 40.48 -37.36
CA GLY A 485 7.83 39.16 -37.84
C GLY A 485 6.90 38.05 -37.37
N GLU A 486 6.07 38.30 -36.37
CA GLU A 486 5.14 37.30 -35.91
C GLU A 486 3.75 37.42 -36.52
N LEU A 487 3.49 38.48 -37.32
CA LEU A 487 2.15 38.67 -37.88
C LEU A 487 1.65 37.42 -38.59
N GLN A 488 2.44 36.91 -39.54
CA GLN A 488 2.05 35.71 -40.27
C GLN A 488 1.66 34.58 -39.32
N TYR A 489 2.40 34.41 -38.22
CA TYR A 489 2.06 33.36 -37.29
C TYR A 489 0.66 33.55 -36.72
N TYR A 490 0.39 34.73 -36.16
CA TYR A 490 -0.86 34.85 -35.42
C TYR A 490 -2.04 34.89 -36.38
N LEU A 491 -1.87 35.59 -37.51
CA LEU A 491 -2.83 35.50 -38.61
C LEU A 491 -3.18 34.06 -38.91
N SER A 492 -2.16 33.19 -38.93
CA SER A 492 -2.42 31.79 -39.22
C SER A 492 -3.23 31.15 -38.11
N LEU A 493 -2.80 31.34 -36.86
CA LEU A 493 -3.44 30.65 -35.76
C LEU A 493 -4.91 31.01 -35.66
N LEU A 494 -5.23 32.28 -35.83
CA LEU A 494 -6.60 32.73 -35.65
C LEU A 494 -7.44 32.60 -36.92
N ASN A 495 -6.89 32.06 -38.01
CA ASN A 495 -7.65 31.97 -39.24
C ASN A 495 -7.54 30.59 -39.86
N GLN A 496 -7.55 29.56 -39.01
CA GLN A 496 -7.69 28.16 -39.38
C GLN A 496 -6.51 27.65 -40.20
N GLN A 497 -5.34 28.25 -40.08
CA GLN A 497 -4.27 27.87 -40.98
C GLN A 497 -2.96 27.49 -40.32
N LEU A 498 -2.85 27.51 -38.99
CA LEU A 498 -1.63 27.06 -38.32
C LEU A 498 -1.72 25.56 -38.08
N PRO A 499 -0.98 24.73 -38.80
CA PRO A 499 -1.20 23.29 -38.73
C PRO A 499 -0.70 22.68 -37.43
N ILE A 500 -1.40 21.64 -36.98
CA ILE A 500 -1.09 20.97 -35.72
C ILE A 500 -0.08 19.88 -36.01
N GLU A 501 1.15 20.06 -35.52
CA GLU A 501 2.22 19.10 -35.70
C GLU A 501 2.51 18.36 -34.39
N SER A 502 3.32 17.33 -34.47
CA SER A 502 3.70 16.56 -33.30
C SER A 502 5.04 17.04 -32.78
N GLN A 503 5.11 17.33 -31.47
CA GLN A 503 6.34 17.76 -30.82
C GLN A 503 7.03 16.64 -30.05
N MET A 504 6.66 15.40 -30.28
CA MET A 504 7.05 14.37 -29.33
C MET A 504 8.43 13.77 -29.58
N VAL A 505 9.14 14.16 -30.65
CA VAL A 505 10.35 13.45 -30.98
C VAL A 505 11.48 13.74 -29.99
N SER A 506 11.40 14.86 -29.26
CA SER A 506 12.34 15.11 -28.17
C SER A 506 12.02 14.25 -26.95
N LYS A 507 10.74 14.16 -26.60
CA LYS A 507 10.27 13.43 -25.43
C LYS A 507 10.30 11.92 -25.59
N LEU A 508 10.74 11.41 -26.73
CA LEU A 508 10.64 9.97 -26.98
C LEU A 508 11.35 9.10 -25.94
N PRO A 509 12.57 9.41 -25.48
CA PRO A 509 13.17 8.57 -24.43
C PRO A 509 12.34 8.50 -23.15
N ASP A 510 11.90 9.65 -22.62
CA ASP A 510 11.15 9.60 -21.36
C ASP A 510 9.83 8.84 -21.52
N MET A 511 9.14 9.05 -22.66
CA MET A 511 7.86 8.39 -22.91
C MET A 511 8.04 6.89 -23.07
N LEU A 512 9.06 6.50 -23.83
CA LEU A 512 9.33 5.07 -24.01
C LEU A 512 9.65 4.41 -22.68
N ASN A 513 10.38 5.13 -21.81
CA ASN A 513 10.70 4.56 -20.51
C ASN A 513 9.46 4.39 -19.66
N ALA A 514 8.53 5.36 -19.71
CA ALA A 514 7.26 5.17 -19.00
C ALA A 514 6.55 3.91 -19.47
N GLU A 515 6.53 3.66 -20.78
CA GLU A 515 5.89 2.42 -21.23
C GLU A 515 6.68 1.18 -20.81
N ILE A 516 8.02 1.26 -20.78
CA ILE A 516 8.81 0.11 -20.36
C ILE A 516 8.57 -0.19 -18.89
N VAL A 517 8.51 0.86 -18.06
CA VAL A 517 8.28 0.69 -16.64
C VAL A 517 6.93 0.04 -16.40
N LEU A 518 5.91 0.43 -17.18
CA LEU A 518 4.60 -0.18 -17.04
C LEU A 518 4.55 -1.62 -17.57
N GLY A 519 5.55 -2.05 -18.33
CA GLY A 519 5.49 -3.36 -18.94
C GLY A 519 4.69 -3.44 -20.22
N ASN A 520 4.10 -2.34 -20.68
CA ASN A 520 3.40 -2.36 -21.95
C ASN A 520 4.36 -2.56 -23.12
N VAL A 521 5.60 -2.14 -22.97
CA VAL A 521 6.63 -2.29 -23.99
C VAL A 521 7.79 -3.05 -23.36
N GLN A 522 7.97 -4.31 -23.79
CA GLN A 522 9.04 -5.15 -23.27
C GLN A 522 10.20 -5.31 -24.23
N ASN A 523 10.03 -4.94 -25.49
CA ASN A 523 11.07 -5.06 -26.49
C ASN A 523 10.85 -4.02 -27.58
N ALA A 524 11.71 -4.07 -28.60
CA ALA A 524 11.74 -3.04 -29.64
C ALA A 524 10.55 -3.17 -30.60
N LYS A 525 10.01 -4.38 -30.78
CA LYS A 525 8.81 -4.54 -31.60
C LYS A 525 7.58 -3.99 -30.91
N ASP A 526 7.42 -4.29 -29.60
CA ASP A 526 6.40 -3.61 -28.81
C ASP A 526 6.54 -2.10 -28.92
N ALA A 527 7.78 -1.60 -28.87
CA ALA A 527 7.99 -0.16 -28.94
C ALA A 527 7.58 0.39 -30.29
N VAL A 528 7.90 -0.32 -31.37
CA VAL A 528 7.51 0.12 -32.70
C VAL A 528 5.99 0.17 -32.81
N ASN A 529 5.31 -0.87 -32.32
CA ASN A 529 3.86 -0.87 -32.35
C ASN A 529 3.28 0.24 -31.48
N TRP A 530 3.87 0.45 -30.31
CA TRP A 530 3.45 1.56 -29.47
C TRP A 530 3.56 2.88 -30.22
N LEU A 531 4.71 3.12 -30.86
CA LEU A 531 4.95 4.36 -31.57
C LEU A 531 4.05 4.50 -32.78
N GLY A 532 3.55 3.38 -33.31
CA GLY A 532 2.55 3.42 -34.36
C GLY A 532 1.23 4.02 -33.94
N TYR A 533 1.02 4.26 -32.65
CA TYR A 533 -0.18 4.90 -32.14
C TYR A 533 0.04 6.37 -31.84
N ALA A 534 1.29 6.81 -31.81
CA ALA A 534 1.61 8.22 -31.58
C ALA A 534 1.11 9.09 -32.72
N TYR A 535 0.77 10.34 -32.39
CA TYR A 535 0.40 11.32 -33.40
C TYR A 535 1.58 11.66 -34.31
N LEU A 536 2.79 11.59 -33.76
CA LEU A 536 4.00 11.73 -34.57
C LEU A 536 4.02 10.74 -35.72
N TYR A 537 3.55 9.52 -35.49
CA TYR A 537 3.61 8.52 -36.54
C TYR A 537 2.68 8.87 -37.69
N ILE A 538 1.44 9.26 -37.37
CA ILE A 538 0.50 9.66 -38.41
C ILE A 538 1.05 10.84 -39.20
N ARG A 539 1.61 11.83 -38.49
CA ARG A 539 2.17 12.99 -39.18
C ARG A 539 3.34 12.61 -40.08
N MET A 540 4.20 11.71 -39.60
CA MET A 540 5.30 11.19 -40.42
C MET A 540 4.79 10.51 -41.69
N LEU A 541 3.71 9.74 -41.58
CA LEU A 541 3.14 9.11 -42.76
C LEU A 541 2.64 10.15 -43.74
N ARG A 542 1.96 11.19 -43.24
CA ARG A 542 1.32 12.13 -44.16
C ARG A 542 2.24 13.26 -44.63
N SER A 543 3.22 13.68 -43.84
CA SER A 543 4.18 14.71 -44.25
C SER A 543 5.59 14.27 -43.90
N PRO A 544 6.11 13.23 -44.57
CA PRO A 544 7.42 12.70 -44.18
C PRO A 544 8.53 13.74 -44.17
N THR A 545 8.56 14.62 -45.17
CA THR A 545 9.67 15.56 -45.29
C THR A 545 9.67 16.58 -44.17
N LEU A 546 8.48 16.90 -43.64
CA LEU A 546 8.40 17.77 -42.48
C LEU A 546 9.09 17.15 -41.26
N TYR A 547 9.12 15.81 -41.18
CA TYR A 547 9.74 15.10 -40.06
C TYR A 547 11.07 14.45 -40.44
N GLY A 548 11.75 14.98 -41.47
CA GLY A 548 13.08 14.50 -41.81
C GLY A 548 13.14 13.19 -42.55
N ILE A 549 12.13 12.90 -43.36
CA ILE A 549 12.02 11.67 -44.13
C ILE A 549 11.80 12.06 -45.58
N SER A 550 12.73 11.69 -46.47
CA SER A 550 12.48 11.98 -47.87
C SER A 550 11.29 11.18 -48.38
N HIS A 551 10.69 11.65 -49.48
CA HIS A 551 9.58 10.90 -50.06
C HIS A 551 10.04 9.58 -50.65
N ASP A 552 11.28 9.53 -51.16
CA ASP A 552 11.84 8.25 -51.55
C ASP A 552 12.10 7.37 -50.33
N ASP A 553 12.47 7.98 -49.18
CA ASP A 553 12.56 7.21 -47.94
C ASP A 553 11.23 6.57 -47.58
N LEU A 554 10.13 7.31 -47.76
CA LEU A 554 8.82 6.78 -47.43
C LEU A 554 8.41 5.68 -48.39
N LYS A 555 8.62 5.87 -49.70
CA LYS A 555 8.29 4.85 -50.69
C LYS A 555 9.09 3.56 -50.45
N GLY A 556 10.31 3.68 -49.96
CA GLY A 556 11.09 2.48 -49.68
C GLY A 556 10.75 1.81 -48.36
N ASP A 557 9.86 2.43 -47.57
CA ASP A 557 9.52 1.99 -46.22
C ASP A 557 8.10 2.47 -45.93
N PRO A 558 7.09 1.96 -46.65
CA PRO A 558 5.78 2.62 -46.66
C PRO A 558 5.09 2.69 -45.30
N LEU A 559 5.23 1.69 -44.44
CA LEU A 559 4.68 1.77 -43.09
C LEU A 559 5.64 2.37 -42.08
N LEU A 560 6.78 2.90 -42.56
CA LEU A 560 7.81 3.51 -41.72
C LEU A 560 8.26 2.56 -40.61
N ASP A 561 8.42 1.29 -40.97
CA ASP A 561 8.90 0.29 -40.03
C ASP A 561 10.36 0.53 -39.68
N GLN A 562 11.21 0.72 -40.70
CA GLN A 562 12.62 0.95 -40.46
C GLN A 562 12.85 2.22 -39.66
N ARG A 563 12.10 3.29 -39.99
CA ARG A 563 12.26 4.56 -39.32
C ARG A 563 11.87 4.47 -37.85
N ARG A 564 10.78 3.77 -37.56
CA ARG A 564 10.37 3.61 -36.16
C ARG A 564 11.36 2.74 -35.40
N LEU A 565 11.84 1.67 -36.04
CA LEU A 565 12.91 0.89 -35.44
C LEU A 565 14.09 1.77 -35.09
N ASP A 566 14.49 2.67 -35.98
CA ASP A 566 15.62 3.54 -35.72
C ASP A 566 15.35 4.48 -34.57
N LEU A 567 14.17 5.12 -34.56
CA LEU A 567 13.83 6.02 -33.46
C LEU A 567 13.83 5.28 -32.13
N VAL A 568 13.24 4.10 -32.09
CA VAL A 568 13.18 3.31 -30.86
C VAL A 568 14.57 2.89 -30.43
N HIS A 569 15.38 2.45 -31.38
CA HIS A 569 16.78 2.09 -31.14
C HIS A 569 17.54 3.26 -30.53
N THR A 570 17.39 4.45 -31.11
CA THR A 570 18.05 5.64 -30.57
C THR A 570 17.61 5.91 -29.15
N ALA A 571 16.30 5.89 -28.91
CA ALA A 571 15.83 6.17 -27.55
C ALA A 571 16.33 5.12 -26.56
N ALA A 572 16.31 3.85 -26.97
CA ALA A 572 16.74 2.77 -26.09
C ALA A 572 18.21 2.89 -25.76
N LEU A 573 19.04 3.23 -26.74
CA LEU A 573 20.44 3.47 -26.46
C LEU A 573 20.61 4.62 -25.47
N MET A 574 19.81 5.68 -25.63
CA MET A 574 19.90 6.79 -24.68
C MET A 574 19.56 6.32 -23.27
N LEU A 575 18.41 5.67 -23.10
CA LEU A 575 17.98 5.22 -21.78
C LEU A 575 18.96 4.23 -21.18
N ASP A 576 19.62 3.44 -22.02
CA ASP A 576 20.55 2.45 -21.54
C ASP A 576 21.87 3.08 -21.11
N LYS A 577 22.30 4.13 -21.83
CA LYS A 577 23.49 4.86 -21.41
C LYS A 577 23.29 5.50 -20.04
N ASN A 578 22.07 5.93 -19.73
CA ASN A 578 21.79 6.54 -18.44
C ASN A 578 21.28 5.54 -17.40
N ASN A 579 21.40 4.24 -17.67
CA ASN A 579 21.09 3.17 -16.72
C ASN A 579 19.62 3.14 -16.30
N LEU A 580 18.70 3.72 -17.09
CA LEU A 580 17.28 3.53 -16.79
C LEU A 580 16.78 2.17 -17.26
N VAL A 581 17.32 1.67 -18.35
CA VAL A 581 16.95 0.40 -18.95
C VAL A 581 18.23 -0.36 -19.23
N LYS A 582 18.15 -1.69 -19.27
CA LYS A 582 19.19 -2.50 -19.87
C LYS A 582 18.69 -3.02 -21.22
N TYR A 583 19.36 -2.61 -22.29
CA TYR A 583 18.88 -2.83 -23.66
C TYR A 583 19.79 -3.84 -24.37
N ASP A 584 19.25 -5.03 -24.65
CA ASP A 584 19.93 -6.05 -25.45
C ASP A 584 19.62 -5.80 -26.93
N LYS A 585 20.63 -5.32 -27.67
CA LYS A 585 20.45 -4.95 -29.07
C LYS A 585 20.07 -6.14 -29.94
N LYS A 586 20.67 -7.32 -29.67
CA LYS A 586 20.41 -8.48 -30.50
C LYS A 586 18.95 -8.93 -30.38
N THR A 587 18.50 -9.21 -29.16
CA THR A 587 17.11 -9.61 -28.97
C THR A 587 16.14 -8.44 -29.08
N GLY A 588 16.64 -7.21 -29.02
CA GLY A 588 15.77 -6.07 -28.87
C GLY A 588 15.11 -5.96 -27.51
N ASN A 589 15.63 -6.67 -26.51
CA ASN A 589 14.90 -6.79 -25.25
C ASN A 589 15.22 -5.64 -24.32
N PHE A 590 14.20 -5.20 -23.58
CA PHE A 590 14.31 -4.16 -22.57
C PHE A 590 14.17 -4.79 -21.18
N GLN A 591 15.09 -4.44 -20.29
CA GLN A 591 15.01 -4.81 -18.88
C GLN A 591 14.78 -3.54 -18.06
N VAL A 592 13.74 -3.56 -17.24
CA VAL A 592 13.42 -2.43 -16.38
C VAL A 592 14.40 -2.39 -15.21
N THR A 593 14.60 -1.20 -14.64
CA THR A 593 15.43 -1.01 -13.46
C THR A 593 14.71 -0.07 -12.49
N GLU A 594 15.16 -0.14 -11.23
CA GLU A 594 14.59 0.71 -10.18
C GLU A 594 14.80 2.18 -10.50
N LEU A 595 15.97 2.54 -11.01
CA LEU A 595 16.22 3.92 -11.46
C LEU A 595 15.24 4.34 -12.57
N GLY A 596 14.99 3.46 -13.53
CA GLY A 596 14.00 3.78 -14.55
C GLY A 596 12.61 3.96 -13.96
N ARG A 597 12.23 3.05 -13.06
CA ARG A 597 10.93 3.18 -12.41
C ARG A 597 10.81 4.51 -11.70
N ILE A 598 11.84 4.91 -10.97
CA ILE A 598 11.78 6.17 -10.23
C ILE A 598 11.66 7.34 -11.19
N ALA A 599 12.46 7.35 -12.27
CA ALA A 599 12.35 8.43 -13.25
C ALA A 599 10.92 8.56 -13.77
N SER A 600 10.31 7.42 -14.09
CA SER A 600 8.94 7.47 -14.61
C SER A 600 7.95 7.94 -13.56
N HIS A 601 7.97 7.31 -12.38
CA HIS A 601 6.93 7.52 -11.38
C HIS A 601 6.97 8.92 -10.78
N TYR A 602 8.11 9.60 -10.82
CA TYR A 602 8.20 10.96 -10.32
C TYR A 602 8.39 11.97 -11.42
N TYR A 603 8.13 11.56 -12.68
CA TYR A 603 8.08 12.49 -13.80
C TYR A 603 9.40 13.25 -13.96
N ILE A 604 10.50 12.49 -13.92
CA ILE A 604 11.86 13.02 -14.00
C ILE A 604 12.43 12.63 -15.35
N THR A 605 13.14 13.57 -15.99
CA THR A 605 13.78 13.28 -17.26
C THR A 605 14.99 12.38 -17.04
N ASN A 606 15.37 11.64 -18.11
CA ASN A 606 16.31 10.53 -17.92
C ASN A 606 17.74 11.01 -17.63
N ASP A 607 18.13 12.17 -18.15
CA ASP A 607 19.44 12.75 -17.83
C ASP A 607 19.55 13.08 -16.34
N THR A 608 18.45 13.54 -15.74
CA THR A 608 18.48 13.87 -14.32
C THR A 608 18.69 12.63 -13.46
N VAL A 609 18.07 11.52 -13.84
CA VAL A 609 18.23 10.31 -13.06
C VAL A 609 19.64 9.77 -13.21
N GLN A 610 20.24 9.90 -14.41
CA GLN A 610 21.64 9.51 -14.51
C GLN A 610 22.53 10.37 -13.61
N THR A 611 22.28 11.68 -13.56
CA THR A 611 23.05 12.56 -12.69
C THR A 611 22.93 12.12 -11.22
N TYR A 612 21.69 11.89 -10.76
CA TYR A 612 21.49 11.44 -9.38
C TYR A 612 22.24 10.14 -9.12
N ASN A 613 22.13 9.18 -10.05
CA ASN A 613 22.83 7.91 -9.85
C ASN A 613 24.33 8.11 -9.78
N GLN A 614 24.87 9.09 -10.51
CA GLN A 614 26.31 9.25 -10.52
C GLN A 614 26.83 9.99 -9.28
N LEU A 615 26.04 10.92 -8.74
CA LEU A 615 26.53 11.81 -7.68
C LEU A 615 26.08 11.42 -6.29
N LEU A 616 25.00 10.65 -6.15
CA LEU A 616 24.52 10.31 -4.81
C LEU A 616 25.40 9.26 -4.16
N LYS A 617 25.68 9.47 -2.87
CA LYS A 617 26.56 8.65 -2.05
C LYS A 617 26.08 8.72 -0.61
N PRO A 618 26.23 7.65 0.15
CA PRO A 618 25.75 7.68 1.55
C PRO A 618 26.43 8.75 2.40
N THR A 619 27.58 9.26 1.98
CA THR A 619 28.33 10.25 2.74
C THR A 619 27.96 11.70 2.43
N LEU A 620 27.03 11.96 1.51
CA LEU A 620 26.71 13.34 1.13
C LEU A 620 26.14 14.14 2.30
N SER A 621 26.63 15.36 2.45
CA SER A 621 26.06 16.33 3.38
C SER A 621 25.02 17.20 2.66
N GLU A 622 24.36 18.09 3.42
CA GLU A 622 23.39 19.01 2.83
C GLU A 622 24.00 19.82 1.70
N ILE A 623 25.28 20.18 1.83
CA ILE A 623 25.95 20.97 0.81
C ILE A 623 25.89 20.27 -0.53
N GLU A 624 26.44 19.06 -0.58
CA GLU A 624 26.45 18.33 -1.85
C GLU A 624 25.04 17.94 -2.27
N LEU A 625 24.11 17.77 -1.32
CA LEU A 625 22.74 17.43 -1.71
C LEU A 625 22.09 18.60 -2.46
N PHE A 626 22.23 19.82 -1.94
CA PHE A 626 21.70 20.97 -2.67
C PHE A 626 22.37 21.10 -4.02
N ARG A 627 23.67 20.80 -4.10
CA ARG A 627 24.36 20.90 -5.39
C ARG A 627 23.81 19.87 -6.38
N VAL A 628 23.69 18.61 -5.94
CA VAL A 628 23.13 17.55 -6.77
C VAL A 628 21.78 17.98 -7.31
N PHE A 629 20.91 18.49 -6.44
CA PHE A 629 19.62 18.99 -6.88
C PHE A 629 19.79 20.08 -7.95
N SER A 630 20.70 21.02 -7.70
CA SER A 630 20.86 22.14 -8.61
C SER A 630 21.36 21.70 -9.98
N LEU A 631 21.89 20.49 -10.08
CA LEU A 631 22.36 19.99 -11.37
C LEU A 631 21.28 19.27 -12.18
N SER A 632 20.03 19.25 -11.73
CA SER A 632 18.99 18.53 -12.47
C SER A 632 18.84 19.06 -13.89
N SER A 633 18.57 18.15 -14.83
CA SER A 633 18.44 18.54 -16.23
C SER A 633 17.23 19.42 -16.49
N GLU A 634 16.20 19.34 -15.63
CA GLU A 634 15.08 20.26 -15.71
C GLU A 634 15.53 21.71 -15.69
N PHE A 635 16.76 21.96 -15.25
CA PHE A 635 17.30 23.30 -15.08
C PHE A 635 18.36 23.65 -16.13
N LYS A 636 18.56 22.77 -17.12
CA LYS A 636 19.67 22.90 -18.07
C LYS A 636 19.69 24.23 -18.83
N ASN A 637 18.56 24.92 -18.97
CA ASN A 637 18.54 26.20 -19.67
C ASN A 637 18.70 27.41 -18.74
N ILE A 638 18.65 27.21 -17.42
CA ILE A 638 18.86 28.32 -16.49
C ILE A 638 20.24 28.92 -16.73
N THR A 639 20.31 30.26 -16.70
CA THR A 639 21.58 30.96 -16.82
C THR A 639 21.66 32.05 -15.77
N VAL A 640 22.87 32.52 -15.50
CA VAL A 640 23.11 33.61 -14.57
C VAL A 640 23.36 34.87 -15.38
N ARG A 641 22.41 35.81 -15.34
CA ARG A 641 22.54 37.07 -16.06
C ARG A 641 23.35 38.07 -15.23
N GLU A 642 24.12 38.91 -15.94
CA GLU A 642 24.93 39.91 -15.26
C GLU A 642 24.07 40.79 -14.35
N GLU A 643 22.89 41.19 -14.83
CA GLU A 643 22.01 42.02 -14.02
C GLU A 643 21.54 41.31 -12.76
N GLU A 644 21.55 39.98 -12.74
CA GLU A 644 21.20 39.26 -11.54
C GLU A 644 22.37 39.16 -10.55
N LYS A 645 23.60 39.21 -11.09
CA LYS A 645 24.76 38.73 -10.35
C LYS A 645 24.97 39.47 -9.03
N LEU A 646 24.55 40.75 -8.96
CA LEU A 646 24.70 41.48 -7.72
C LEU A 646 23.80 40.90 -6.64
N GLU A 647 22.49 40.83 -6.92
CA GLU A 647 21.55 40.37 -5.90
C GLU A 647 21.93 38.97 -5.43
N LEU A 648 22.20 38.07 -6.37
CA LEU A 648 22.60 36.71 -6.04
C LEU A 648 23.82 36.69 -5.13
N GLN A 649 24.81 37.55 -5.40
CA GLN A 649 26.01 37.51 -4.57
C GLN A 649 25.65 37.85 -3.13
N LYS A 650 24.74 38.81 -2.93
CA LYS A 650 24.28 39.13 -1.59
C LYS A 650 23.74 37.89 -0.90
N LEU A 651 22.96 37.07 -1.61
CA LEU A 651 22.40 35.88 -1.00
C LEU A 651 23.45 34.80 -0.84
N LEU A 652 24.49 34.78 -1.68
CA LEU A 652 25.40 33.64 -1.71
C LEU A 652 26.23 33.55 -0.43
N GLU A 653 26.68 34.68 0.10
CA GLU A 653 27.43 34.64 1.35
C GLU A 653 26.52 34.68 2.58
N ARG A 654 25.21 34.70 2.40
CA ARG A 654 24.33 34.62 3.56
C ARG A 654 23.53 33.33 3.63
N VAL A 655 23.52 32.50 2.58
CA VAL A 655 22.72 31.27 2.61
C VAL A 655 23.20 30.37 3.73
N PRO A 656 22.31 29.68 4.44
CA PRO A 656 22.76 28.83 5.55
C PRO A 656 23.46 27.57 5.10
N ILE A 657 23.20 27.06 3.90
CA ILE A 657 23.91 25.92 3.36
C ILE A 657 25.01 26.44 2.44
N PRO A 658 26.30 26.27 2.78
CA PRO A 658 27.37 26.80 1.93
C PRO A 658 27.27 26.26 0.52
N VAL A 659 27.64 27.12 -0.43
CA VAL A 659 27.65 26.78 -1.85
C VAL A 659 29.10 26.79 -2.31
N LYS A 660 29.57 25.67 -2.86
CA LYS A 660 30.97 25.57 -3.25
C LYS A 660 31.25 26.33 -4.55
N GLU A 661 30.44 26.13 -5.59
CA GLU A 661 30.77 26.69 -6.89
C GLU A 661 30.52 28.20 -6.93
N SER A 662 30.98 28.82 -8.00
CA SER A 662 30.98 30.27 -8.13
C SER A 662 29.66 30.80 -8.65
N ILE A 663 29.45 32.11 -8.44
CA ILE A 663 28.25 32.78 -8.91
C ILE A 663 28.15 32.74 -10.44
N GLU A 664 29.27 32.50 -11.12
CA GLU A 664 29.27 32.40 -12.58
C GLU A 664 28.53 31.17 -13.08
N GLU A 665 28.38 30.12 -12.24
CA GLU A 665 27.78 28.84 -12.61
C GLU A 665 26.27 28.86 -12.35
N PRO A 666 25.45 28.48 -13.32
CA PRO A 666 24.00 28.41 -13.07
C PRO A 666 23.62 27.49 -11.90
N SER A 667 24.42 26.46 -11.60
CA SER A 667 24.06 25.59 -10.48
C SER A 667 24.06 26.35 -9.16
N ALA A 668 24.95 27.34 -9.01
CA ALA A 668 24.94 28.14 -7.80
C ALA A 668 23.70 29.03 -7.72
N LYS A 669 23.29 29.63 -8.85
CA LYS A 669 22.06 30.42 -8.84
C LYS A 669 20.85 29.57 -8.47
N ILE A 670 20.78 28.35 -8.99
CA ILE A 670 19.65 27.47 -8.69
C ILE A 670 19.65 27.08 -7.22
N ASN A 671 20.82 26.71 -6.70
CA ASN A 671 21.00 26.41 -5.28
C ASN A 671 20.50 27.56 -4.40
N VAL A 672 21.01 28.77 -4.65
CA VAL A 672 20.66 29.94 -3.85
C VAL A 672 19.17 30.26 -3.96
N LEU A 673 18.59 30.08 -5.15
CA LEU A 673 17.16 30.31 -5.32
C LEU A 673 16.34 29.35 -4.46
N LEU A 674 16.72 28.06 -4.41
CA LEU A 674 16.02 27.12 -3.54
C LEU A 674 16.11 27.55 -2.09
N GLN A 675 17.32 27.92 -1.64
CA GLN A 675 17.48 28.27 -0.22
C GLN A 675 16.73 29.56 0.11
N ALA A 676 16.74 30.54 -0.80
CA ALA A 676 15.95 31.74 -0.61
C ALA A 676 14.47 31.40 -0.50
N PHE A 677 14.00 30.45 -1.30
CA PHE A 677 12.61 30.02 -1.23
C PHE A 677 12.28 29.42 0.13
N ILE A 678 13.13 28.54 0.64
CA ILE A 678 12.88 27.95 1.95
C ILE A 678 12.90 29.04 3.02
N SER A 679 13.79 30.01 2.90
CA SER A 679 13.86 31.12 3.85
C SER A 679 12.78 32.17 3.61
N GLN A 680 11.96 31.98 2.59
CA GLN A 680 10.87 32.90 2.24
C GLN A 680 11.37 34.33 2.06
N LEU A 681 12.47 34.48 1.33
CA LEU A 681 12.96 35.80 0.97
C LEU A 681 12.31 36.27 -0.32
N LYS A 682 11.98 37.56 -0.35
CA LYS A 682 11.50 38.16 -1.59
C LYS A 682 12.68 38.79 -2.33
N LEU A 683 12.68 38.64 -3.65
CA LEU A 683 13.74 39.11 -4.51
C LEU A 683 13.21 40.23 -5.41
N GLU A 684 14.14 40.91 -6.09
CA GLU A 684 13.81 42.09 -6.87
C GLU A 684 13.78 41.82 -8.37
N GLY A 685 14.75 41.09 -8.91
CA GLY A 685 14.78 40.78 -10.33
C GLY A 685 13.60 39.98 -10.81
N PHE A 686 13.03 40.39 -11.95
CA PHE A 686 11.85 39.69 -12.49
C PHE A 686 12.21 38.28 -12.92
N ALA A 687 13.33 38.14 -13.63
CA ALA A 687 13.82 36.81 -13.98
C ALA A 687 14.11 35.98 -12.74
N LEU A 688 14.63 36.61 -11.67
CA LEU A 688 14.94 35.85 -10.48
C LEU A 688 13.67 35.28 -9.84
N MET A 689 12.60 36.06 -9.81
CA MET A 689 11.35 35.56 -9.25
C MET A 689 10.77 34.43 -10.08
N ALA A 690 10.74 34.59 -11.41
CA ALA A 690 10.18 33.53 -12.24
C ALA A 690 11.04 32.26 -12.20
N ASP A 691 12.37 32.44 -12.21
CA ASP A 691 13.26 31.29 -12.12
C ASP A 691 13.11 30.58 -10.79
N MET A 692 12.95 31.34 -9.70
CA MET A 692 12.71 30.71 -8.41
C MET A 692 11.44 29.89 -8.43
N VAL A 693 10.36 30.45 -8.98
CA VAL A 693 9.10 29.72 -9.04
C VAL A 693 9.27 28.40 -9.78
N TYR A 694 9.96 28.43 -10.91
CA TYR A 694 10.15 27.20 -11.69
C TYR A 694 10.99 26.17 -10.93
N VAL A 695 12.13 26.61 -10.39
CA VAL A 695 13.01 25.72 -9.62
C VAL A 695 12.24 25.06 -8.49
N THR A 696 11.52 25.86 -7.72
CA THR A 696 10.91 25.35 -6.50
C THR A 696 9.63 24.58 -6.77
N GLN A 697 8.93 24.86 -7.88
CA GLN A 697 7.85 23.98 -8.28
C GLN A 697 8.37 22.60 -8.66
N SER A 698 9.59 22.51 -9.20
CA SER A 698 10.14 21.19 -9.52
C SER A 698 10.73 20.50 -8.29
N ALA A 699 11.17 21.29 -7.30
CA ALA A 699 11.98 20.78 -6.22
C ALA A 699 11.29 19.64 -5.48
N GLY A 700 9.99 19.77 -5.23
CA GLY A 700 9.33 18.80 -4.37
C GLY A 700 9.42 17.38 -4.89
N ARG A 701 9.02 17.17 -6.15
CA ARG A 701 9.05 15.82 -6.69
C ARG A 701 10.46 15.39 -7.05
N LEU A 702 11.35 16.33 -7.43
CA LEU A 702 12.75 15.91 -7.63
C LEU A 702 13.36 15.37 -6.34
N MET A 703 13.12 16.08 -5.22
CA MET A 703 13.69 15.66 -3.94
C MET A 703 12.98 14.43 -3.38
N ARG A 704 11.69 14.22 -3.71
CA ARG A 704 11.06 12.94 -3.39
C ARG A 704 11.66 11.80 -4.19
N ALA A 705 12.08 12.05 -5.42
CA ALA A 705 12.76 11.00 -6.16
C ALA A 705 14.09 10.67 -5.51
N ILE A 706 14.85 11.70 -5.14
CA ILE A 706 16.11 11.45 -4.46
C ILE A 706 15.87 10.66 -3.18
N PHE A 707 14.83 11.06 -2.43
CA PHE A 707 14.49 10.37 -1.20
C PHE A 707 14.22 8.89 -1.47
N GLU A 708 13.41 8.59 -2.48
CA GLU A 708 13.10 7.18 -2.72
C GLU A 708 14.36 6.41 -3.12
N ILE A 709 15.23 7.04 -3.94
CA ILE A 709 16.51 6.42 -4.28
C ILE A 709 17.28 6.03 -3.02
N VAL A 710 17.62 7.02 -2.20
CA VAL A 710 18.56 6.74 -1.11
C VAL A 710 17.89 5.88 -0.03
N LEU A 711 16.57 5.99 0.13
CA LEU A 711 15.87 5.14 1.09
C LEU A 711 15.95 3.69 0.68
N ASN A 712 15.69 3.40 -0.61
CA ASN A 712 15.70 1.99 -0.99
C ASN A 712 17.11 1.42 -1.01
N ARG A 713 18.15 2.25 -1.10
CA ARG A 713 19.51 1.77 -0.91
C ARG A 713 19.90 1.58 0.56
N GLY A 714 19.05 1.98 1.51
CA GLY A 714 19.36 1.80 2.91
C GLY A 714 20.26 2.84 3.53
N TRP A 715 20.42 4.01 2.90
CA TRP A 715 21.36 5.03 3.36
C TRP A 715 20.72 5.89 4.46
N ALA A 716 20.99 5.54 5.73
CA ALA A 716 20.24 6.13 6.85
C ALA A 716 20.41 7.66 6.92
N GLN A 717 21.65 8.15 6.93
CA GLN A 717 21.88 9.58 7.10
C GLN A 717 21.29 10.38 5.95
N LEU A 718 21.52 9.92 4.72
CA LEU A 718 21.04 10.67 3.57
C LEU A 718 19.52 10.59 3.48
N THR A 719 18.94 9.46 3.87
CA THR A 719 17.49 9.36 3.93
C THR A 719 16.91 10.40 4.87
N ASP A 720 17.53 10.54 6.05
CA ASP A 720 17.10 11.55 6.99
C ASP A 720 17.19 12.95 6.38
N LYS A 721 18.36 13.29 5.82
CA LYS A 721 18.57 14.62 5.25
C LYS A 721 17.59 14.91 4.11
N THR A 722 17.37 13.95 3.20
CA THR A 722 16.52 14.23 2.04
C THR A 722 15.04 14.29 2.42
N LEU A 723 14.57 13.41 3.31
CA LEU A 723 13.17 13.56 3.74
C LEU A 723 12.98 14.91 4.42
N ASN A 724 13.93 15.31 5.26
CA ASN A 724 13.88 16.64 5.84
C ASN A 724 13.84 17.72 4.77
N LEU A 725 14.62 17.58 3.71
CA LEU A 725 14.65 18.63 2.70
C LEU A 725 13.32 18.70 1.94
N CYS A 726 12.73 17.54 1.60
CA CYS A 726 11.36 17.51 1.07
C CYS A 726 10.42 18.33 1.93
N LYS A 727 10.47 18.10 3.25
CA LYS A 727 9.51 18.76 4.13
C LYS A 727 9.82 20.25 4.26
N MET A 728 11.10 20.62 4.25
CA MET A 728 11.47 22.03 4.29
C MET A 728 11.02 22.76 3.04
N ILE A 729 11.03 22.07 1.89
CA ILE A 729 10.49 22.67 0.67
C ILE A 729 8.97 22.78 0.76
N ASP A 730 8.30 21.77 1.31
CA ASP A 730 6.84 21.81 1.29
C ASP A 730 6.29 22.82 2.31
N LYS A 731 6.93 22.94 3.48
CA LYS A 731 6.47 23.85 4.53
C LYS A 731 7.11 25.22 4.45
N ARG A 732 8.18 25.37 3.66
CA ARG A 732 8.90 26.64 3.48
C ARG A 732 9.45 27.18 4.82
N MET A 733 10.31 26.38 5.43
CA MET A 733 10.98 26.69 6.67
C MET A 733 12.03 25.63 6.96
N TRP A 734 13.06 26.01 7.71
CA TRP A 734 14.12 25.09 8.12
C TRP A 734 13.76 24.41 9.45
N GLN A 735 14.46 23.30 9.75
CA GLN A 735 14.23 22.58 11.01
C GLN A 735 14.28 23.51 12.20
N SER A 736 15.23 24.46 12.21
CA SER A 736 15.43 25.34 13.35
C SER A 736 14.17 26.09 13.73
N MET A 737 13.35 26.44 12.75
CA MET A 737 12.12 27.17 13.02
C MET A 737 11.22 26.39 13.97
N CYS A 738 10.40 27.11 14.72
CA CYS A 738 9.46 26.49 15.63
C CYS A 738 8.51 25.59 14.84
N PRO A 739 8.50 24.29 15.08
CA PRO A 739 7.56 23.41 14.38
C PRO A 739 6.10 23.87 14.49
N LEU A 740 5.81 24.66 15.52
CA LEU A 740 4.45 25.16 15.71
C LEU A 740 3.99 26.07 14.57
N ARG A 741 4.91 26.66 13.82
CA ARG A 741 4.43 27.48 12.71
C ARG A 741 3.91 26.65 11.56
N GLN A 742 4.01 25.31 11.63
CA GLN A 742 3.28 24.47 10.68
C GLN A 742 1.77 24.55 10.91
N PHE A 743 1.35 25.04 12.06
CA PHE A 743 -0.07 25.38 12.27
C PHE A 743 -0.28 26.77 11.73
N ARG A 744 -0.89 26.87 10.56
CA ARG A 744 -1.04 28.16 9.90
C ARG A 744 -2.00 29.09 10.62
N LYS A 745 -2.75 28.59 11.61
CA LYS A 745 -3.67 29.40 12.38
C LYS A 745 -3.00 30.16 13.52
N LEU A 746 -1.77 29.80 13.89
CA LEU A 746 -1.12 30.52 14.97
C LEU A 746 -0.56 31.86 14.47
N PRO A 747 -0.53 32.87 15.32
CA PRO A 747 0.13 34.13 14.97
C PRO A 747 1.64 33.97 14.86
N GLU A 748 2.23 34.78 13.98
CA GLU A 748 3.66 34.69 13.72
C GLU A 748 4.49 35.24 14.87
N GLU A 749 3.95 36.20 15.61
CA GLU A 749 4.73 36.90 16.61
C GLU A 749 4.93 36.06 17.85
N VAL A 750 3.94 35.23 18.20
CA VAL A 750 4.10 34.35 19.35
C VAL A 750 5.15 33.28 19.07
N VAL A 751 5.18 32.74 17.85
CA VAL A 751 6.19 31.74 17.55
C VAL A 751 7.55 32.40 17.39
N LYS A 752 7.59 33.66 16.94
CA LYS A 752 8.86 34.39 16.97
C LYS A 752 9.35 34.54 18.40
N LYS A 753 8.45 34.83 19.34
CA LYS A 753 8.83 34.88 20.76
C LYS A 753 9.34 33.53 21.24
N ILE A 754 8.67 32.45 20.85
CA ILE A 754 9.07 31.12 21.31
C ILE A 754 10.45 30.75 20.79
N GLU A 755 10.74 31.09 19.52
CA GLU A 755 12.08 30.85 18.99
C GLU A 755 13.11 31.77 19.63
N LYS A 756 12.70 32.99 20.00
CA LYS A 756 13.57 33.92 20.70
C LYS A 756 13.90 33.48 22.12
N LYS A 757 13.05 32.67 22.75
CA LYS A 757 13.34 32.15 24.08
C LYS A 757 14.32 30.98 24.05
N ASN A 758 14.59 30.40 22.87
CA ASN A 758 15.71 29.48 22.66
C ASN A 758 15.68 28.28 23.62
N PHE A 759 14.51 27.73 23.88
CA PHE A 759 14.41 26.53 24.70
C PHE A 759 13.93 25.35 23.86
N PRO A 760 14.28 24.13 24.24
CA PRO A 760 13.85 22.95 23.47
C PRO A 760 12.33 22.89 23.37
N PHE A 761 11.84 22.69 22.14
CA PHE A 761 10.40 22.63 21.89
C PHE A 761 9.76 21.51 22.70
N GLU A 762 10.45 20.38 22.88
CA GLU A 762 9.91 19.26 23.63
C GLU A 762 9.58 19.64 25.06
N ARG A 763 10.29 20.62 25.62
CA ARG A 763 9.99 21.07 26.97
C ARG A 763 8.55 21.52 27.10
N LEU A 764 7.97 22.07 26.02
CA LEU A 764 6.59 22.54 26.06
C LEU A 764 5.62 21.42 26.40
N TYR A 765 6.00 20.15 26.17
CA TYR A 765 5.10 19.06 26.51
C TYR A 765 4.92 18.93 28.02
N ASP A 766 5.96 19.23 28.80
CA ASP A 766 5.89 19.01 30.23
C ASP A 766 5.04 20.03 30.95
N LEU A 767 4.79 21.18 30.33
CA LEU A 767 4.18 22.32 30.99
C LEU A 767 2.67 22.30 30.83
N ASN A 768 2.00 23.05 31.69
CA ASN A 768 0.58 23.34 31.56
C ASN A 768 0.43 24.73 30.95
N HIS A 769 -0.83 25.13 30.72
CA HIS A 769 -1.05 26.39 30.02
C HIS A 769 -0.48 27.58 30.79
N ASN A 770 -0.41 27.49 32.12
CA ASN A 770 0.13 28.58 32.92
C ASN A 770 1.62 28.75 32.70
N GLU A 771 2.40 27.68 32.91
CA GLU A 771 3.83 27.77 32.67
C GLU A 771 4.13 28.11 31.21
N ILE A 772 3.28 27.65 30.29
CA ILE A 772 3.48 27.98 28.88
C ILE A 772 3.30 29.49 28.67
N GLY A 773 2.29 30.08 29.30
CA GLY A 773 2.15 31.52 29.24
C GLY A 773 3.31 32.25 29.90
N GLU A 774 3.93 31.63 30.91
CA GLU A 774 5.01 32.30 31.62
C GLU A 774 6.35 32.24 30.88
N LEU A 775 6.63 31.13 30.20
CA LEU A 775 7.92 30.99 29.53
C LEU A 775 8.09 32.02 28.43
N ILE A 776 7.00 32.37 27.75
CA ILE A 776 7.04 33.24 26.59
C ILE A 776 6.66 34.67 26.94
N ARG A 777 6.54 34.99 28.23
CA ARG A 777 6.16 36.32 28.70
C ARG A 777 4.80 36.75 28.16
N MET A 778 3.89 35.79 27.97
CA MET A 778 2.57 36.08 27.42
C MET A 778 1.58 35.08 27.97
N PRO A 779 0.97 35.38 29.12
CA PRO A 779 0.02 34.42 29.71
C PRO A 779 -1.24 34.24 28.88
N LYS A 780 -1.70 35.30 28.22
CA LYS A 780 -2.98 35.27 27.51
C LYS A 780 -3.09 34.16 26.49
N MET A 781 -1.95 33.60 26.06
CA MET A 781 -1.96 32.58 25.01
C MET A 781 -1.70 31.18 25.52
N GLY A 782 -1.29 31.03 26.79
CA GLY A 782 -0.87 29.72 27.29
C GLY A 782 -1.85 28.60 26.99
N LYS A 783 -3.14 28.91 26.92
CA LYS A 783 -4.13 27.88 26.64
C LYS A 783 -4.04 27.41 25.19
N THR A 784 -4.15 28.33 24.24
CA THR A 784 -4.19 27.92 22.84
C THR A 784 -2.88 27.24 22.44
N ILE A 785 -1.75 27.82 22.84
CA ILE A 785 -0.46 27.17 22.63
C ILE A 785 -0.50 25.74 23.15
N HIS A 786 -0.98 25.57 24.39
CA HIS A 786 -1.08 24.24 24.95
C HIS A 786 -1.81 23.31 24.01
N LYS A 787 -2.99 23.76 23.54
CA LYS A 787 -3.77 22.96 22.59
C LYS A 787 -2.92 22.56 21.39
N TYR A 788 -2.24 23.53 20.78
CA TYR A 788 -1.47 23.24 19.59
C TYR A 788 -0.32 22.31 19.90
N VAL A 789 0.31 22.46 21.08
CA VAL A 789 1.38 21.55 21.45
C VAL A 789 0.88 20.12 21.42
N HIS A 790 -0.38 19.90 21.82
CA HIS A 790 -0.92 18.56 21.85
C HIS A 790 -1.71 18.22 20.59
N LEU A 791 -1.86 19.15 19.65
CA LEU A 791 -2.32 18.77 18.32
C LEU A 791 -1.16 18.31 17.44
N PHE A 792 0.07 18.62 17.81
CA PHE A 792 1.22 18.21 17.04
C PHE A 792 1.37 16.70 17.09
N PRO A 793 1.54 16.02 15.95
CA PRO A 793 1.66 14.56 15.96
C PRO A 793 2.84 14.09 16.81
N LYS A 794 2.61 13.02 17.56
CA LYS A 794 3.60 12.49 18.49
C LYS A 794 3.27 11.04 18.75
N LEU A 795 4.26 10.16 18.64
CA LEU A 795 4.06 8.72 18.83
C LEU A 795 4.99 8.18 19.92
N GLU A 796 4.43 7.37 20.81
CA GLU A 796 5.21 6.66 21.81
C GLU A 796 5.45 5.23 21.33
N LEU A 797 6.66 4.71 21.59
CA LEU A 797 7.10 3.45 21.01
C LEU A 797 7.53 2.51 22.12
N SER A 798 7.21 1.23 21.97
CA SER A 798 7.86 0.22 22.79
C SER A 798 8.09 -1.02 21.94
N VAL A 799 8.98 -1.88 22.40
CA VAL A 799 9.31 -3.10 21.67
C VAL A 799 9.09 -4.30 22.56
N HIS A 800 8.82 -5.42 21.92
CA HIS A 800 9.00 -6.75 22.47
C HIS A 800 9.95 -7.47 21.54
N LEU A 801 11.13 -7.81 22.05
CA LEU A 801 12.15 -8.51 21.28
C LEU A 801 11.93 -10.01 21.41
N GLN A 802 11.66 -10.68 20.30
CA GLN A 802 11.43 -12.11 20.29
C GLN A 802 12.54 -12.76 19.46
N PRO A 803 13.56 -13.33 20.10
CA PRO A 803 14.62 -13.97 19.33
C PRO A 803 14.11 -15.21 18.60
N ILE A 804 14.54 -15.36 17.35
CA ILE A 804 14.23 -16.53 16.54
C ILE A 804 15.37 -17.53 16.57
N THR A 805 16.57 -17.08 16.22
CA THR A 805 17.80 -17.87 16.31
C THR A 805 18.86 -17.02 16.99
N ARG A 806 20.12 -17.44 16.91
CA ARG A 806 21.18 -16.59 17.44
C ARG A 806 21.51 -15.45 16.52
N SER A 807 20.93 -15.43 15.31
CA SER A 807 21.25 -14.42 14.32
C SER A 807 20.03 -13.76 13.70
N THR A 808 18.82 -14.22 14.02
CA THR A 808 17.62 -13.58 13.52
C THR A 808 16.72 -13.23 14.68
N LEU A 809 16.26 -11.98 14.69
CA LEU A 809 15.46 -11.44 15.78
C LEU A 809 14.14 -10.93 15.19
N LYS A 810 13.02 -11.41 15.73
CA LYS A 810 11.72 -10.86 15.45
C LYS A 810 11.48 -9.70 16.41
N VAL A 811 10.97 -8.59 15.88
CA VAL A 811 10.66 -7.43 16.69
C VAL A 811 9.18 -7.11 16.54
N GLU A 812 8.50 -6.98 17.66
CA GLU A 812 7.14 -6.47 17.67
C GLU A 812 7.19 -5.07 18.25
N LEU A 813 6.98 -4.08 17.39
CA LEU A 813 6.95 -2.69 17.80
C LEU A 813 5.51 -2.27 18.06
N THR A 814 5.30 -1.59 19.16
CA THR A 814 4.00 -1.03 19.51
C THR A 814 4.07 0.47 19.36
N ILE A 815 3.13 1.04 18.62
CA ILE A 815 3.02 2.46 18.38
C ILE A 815 1.74 2.94 19.08
N THR A 816 1.91 3.80 20.06
CA THR A 816 0.79 4.40 20.78
C THR A 816 0.72 5.88 20.42
N PRO A 817 -0.39 6.36 19.85
CA PRO A 817 -0.47 7.80 19.54
C PRO A 817 -0.57 8.62 20.81
N ASP A 818 0.19 9.71 20.87
CA ASP A 818 0.23 10.58 22.03
C ASP A 818 -0.07 12.01 21.63
N PHE A 819 -1.17 12.19 20.90
CA PHE A 819 -1.58 13.52 20.49
C PHE A 819 -3.07 13.51 20.20
N GLN A 820 -3.64 14.71 20.20
CA GLN A 820 -5.07 14.90 19.94
C GLN A 820 -5.29 15.03 18.44
N TRP A 821 -6.19 14.22 17.90
CA TRP A 821 -6.52 14.31 16.49
C TRP A 821 -7.56 15.40 16.25
N ASP A 822 -7.35 16.19 15.20
CA ASP A 822 -8.29 17.21 14.77
C ASP A 822 -8.30 17.18 13.24
N GLU A 823 -9.43 16.78 12.66
CA GLU A 823 -9.50 16.60 11.21
C GLU A 823 -9.22 17.90 10.44
N LYS A 824 -9.43 19.06 11.07
CA LYS A 824 -9.05 20.30 10.41
C LYS A 824 -7.55 20.42 10.22
N VAL A 825 -6.77 19.67 11.01
CA VAL A 825 -5.32 19.76 10.97
C VAL A 825 -4.68 18.49 10.42
N HIS A 826 -5.20 17.33 10.80
CA HIS A 826 -4.58 16.07 10.41
C HIS A 826 -5.29 15.42 9.22
N GLY A 827 -6.37 16.04 8.74
CA GLY A 827 -7.14 15.45 7.67
C GLY A 827 -7.74 14.14 8.09
N SER A 828 -7.69 13.16 7.19
CA SER A 828 -8.20 11.83 7.45
C SER A 828 -7.12 10.83 7.83
N SER A 829 -5.85 11.18 7.67
CA SER A 829 -4.78 10.24 7.93
C SER A 829 -3.48 11.01 8.11
N GLU A 830 -2.55 10.39 8.83
CA GLU A 830 -1.19 10.89 8.99
C GLU A 830 -0.23 9.77 8.63
N ALA A 831 0.79 10.07 7.84
CA ALA A 831 1.71 9.06 7.32
C ALA A 831 3.08 9.17 8.00
N PHE A 832 3.72 8.02 8.22
CA PHE A 832 5.01 7.93 8.89
C PHE A 832 5.89 6.89 8.20
N TRP A 833 7.20 7.05 8.37
CA TRP A 833 8.19 6.05 8.00
C TRP A 833 8.76 5.43 9.26
N ILE A 834 8.76 4.09 9.30
CA ILE A 834 9.44 3.32 10.33
C ILE A 834 10.78 2.86 9.75
N LEU A 835 11.87 3.22 10.43
CA LEU A 835 13.23 2.98 9.98
C LEU A 835 14.01 2.32 11.11
N VAL A 836 14.38 1.06 10.94
CA VAL A 836 15.21 0.32 11.87
C VAL A 836 16.64 0.43 11.37
N GLU A 837 17.48 1.09 12.16
CA GLU A 837 18.83 1.50 11.80
C GLU A 837 19.84 0.83 12.75
N ASP A 838 21.04 0.60 12.25
CA ASP A 838 22.05 -0.18 12.97
C ASP A 838 22.74 0.68 14.03
N VAL A 839 23.78 0.10 14.66
CA VAL A 839 24.51 0.73 15.75
C VAL A 839 24.97 2.14 15.40
N ASP A 840 25.45 2.34 14.18
CA ASP A 840 26.07 3.60 13.80
C ASP A 840 25.09 4.58 13.17
N SER A 841 23.80 4.24 13.10
CA SER A 841 22.81 5.03 12.38
C SER A 841 23.26 5.30 10.96
N GLU A 842 23.82 4.28 10.32
CA GLU A 842 24.26 4.44 8.95
C GLU A 842 23.57 3.51 7.95
N VAL A 843 23.03 2.38 8.40
CA VAL A 843 22.39 1.40 7.52
C VAL A 843 20.94 1.25 7.97
N ILE A 844 20.00 1.37 7.02
CA ILE A 844 18.60 1.10 7.31
C ILE A 844 18.42 -0.42 7.19
N LEU A 845 18.39 -1.12 8.33
CA LEU A 845 18.16 -2.55 8.28
C LEU A 845 16.72 -2.88 7.87
N HIS A 846 15.77 -2.02 8.22
CA HIS A 846 14.40 -2.31 7.81
C HIS A 846 13.62 -1.01 7.69
N HIS A 847 12.69 -0.94 6.75
CA HIS A 847 11.83 0.23 6.73
C HIS A 847 10.45 -0.18 6.24
N GLU A 848 9.46 0.63 6.61
CA GLU A 848 8.14 0.45 6.05
C GLU A 848 7.30 1.70 6.28
N TYR A 849 6.34 1.88 5.39
CA TYR A 849 5.36 2.95 5.49
C TYR A 849 4.29 2.58 6.50
N PHE A 850 3.89 3.54 7.33
CA PHE A 850 2.89 3.31 8.36
C PHE A 850 1.86 4.43 8.28
N LEU A 851 0.59 4.08 8.18
CA LEU A 851 -0.48 5.05 7.97
C LEU A 851 -1.40 5.04 9.18
N LEU A 852 -1.44 6.14 9.92
CA LEU A 852 -2.34 6.31 11.05
C LEU A 852 -3.64 6.92 10.54
N LYS A 853 -4.66 6.09 10.37
CA LYS A 853 -5.96 6.57 9.91
C LYS A 853 -6.73 7.22 11.06
N ALA A 854 -7.56 8.21 10.72
CA ALA A 854 -8.32 8.97 11.73
C ALA A 854 -9.14 8.06 12.63
N LYS A 855 -9.79 7.04 12.06
CA LYS A 855 -10.62 6.15 12.87
C LYS A 855 -9.83 5.36 13.90
N TYR A 856 -8.50 5.33 13.82
CA TYR A 856 -7.68 4.58 14.76
C TYR A 856 -6.71 5.48 15.50
N ALA A 857 -6.98 6.78 15.53
CA ALA A 857 -6.10 7.78 16.15
C ALA A 857 -5.87 7.54 17.63
N GLN A 858 -6.61 6.65 18.27
CA GLN A 858 -6.47 6.40 19.69
C GLN A 858 -6.02 4.98 20.01
N ASP A 859 -5.93 4.10 19.03
CA ASP A 859 -5.57 2.73 19.31
C ASP A 859 -4.06 2.52 19.19
N GLU A 860 -3.58 1.48 19.87
CA GLU A 860 -2.21 1.04 19.65
C GLU A 860 -2.14 0.26 18.34
N HIS A 861 -1.06 0.46 17.61
CA HIS A 861 -0.80 -0.27 16.38
C HIS A 861 0.40 -1.19 16.59
N LEU A 862 0.25 -2.45 16.21
CA LEU A 862 1.31 -3.45 16.32
C LEU A 862 1.95 -3.65 14.96
N ILE A 863 3.26 -3.46 14.87
CA ILE A 863 4.03 -3.75 13.68
C ILE A 863 5.00 -4.87 14.02
N THR A 864 5.25 -5.78 13.09
CA THR A 864 6.23 -6.83 13.31
C THR A 864 7.13 -6.95 12.11
N PHE A 865 8.41 -7.20 12.37
CA PHE A 865 9.38 -7.39 11.29
C PHE A 865 10.55 -8.20 11.84
N PHE A 866 11.48 -8.54 10.94
CA PHE A 866 12.67 -9.29 11.29
C PHE A 866 13.91 -8.44 11.05
N VAL A 867 14.93 -8.66 11.85
CA VAL A 867 16.22 -8.01 11.65
C VAL A 867 17.32 -9.00 11.96
N PRO A 868 18.42 -8.96 11.23
CA PRO A 868 19.58 -9.79 11.59
C PRO A 868 20.27 -9.21 12.80
N VAL A 869 20.80 -10.12 13.63
CA VAL A 869 21.75 -9.81 14.69
C VAL A 869 22.96 -10.72 14.52
N PHE A 870 24.04 -10.37 15.22
CA PHE A 870 25.26 -11.15 15.15
C PHE A 870 25.88 -11.28 16.53
N GLU A 871 26.93 -12.08 16.63
CA GLU A 871 27.65 -12.29 17.87
C GLU A 871 29.10 -11.88 17.70
N PRO A 872 29.70 -11.12 18.64
CA PRO A 872 29.10 -10.59 19.88
C PRO A 872 27.97 -9.62 19.57
N LEU A 873 26.92 -9.63 20.38
CA LEU A 873 25.78 -8.77 20.13
C LEU A 873 26.21 -7.31 20.07
N PRO A 874 25.68 -6.53 19.14
CA PRO A 874 26.01 -5.12 19.08
C PRO A 874 25.29 -4.36 20.20
N PRO A 875 25.77 -3.17 20.56
CA PRO A 875 25.15 -2.41 21.66
C PRO A 875 23.65 -2.22 21.50
N GLN A 876 23.21 -1.60 20.41
CA GLN A 876 21.78 -1.36 20.23
C GLN A 876 21.48 -1.16 18.76
N TYR A 877 20.20 -1.31 18.42
CA TYR A 877 19.67 -0.76 17.19
C TYR A 877 18.83 0.46 17.54
N PHE A 878 18.32 1.11 16.51
CA PHE A 878 17.45 2.25 16.71
C PHE A 878 16.20 2.04 15.87
N ILE A 879 15.06 2.43 16.40
CA ILE A 879 13.84 2.52 15.62
C ILE A 879 13.44 3.98 15.58
N ARG A 880 13.43 4.58 14.40
CA ARG A 880 12.91 5.93 14.21
C ARG A 880 11.55 5.83 13.55
N VAL A 881 10.57 6.56 14.08
CA VAL A 881 9.32 6.79 13.40
C VAL A 881 9.24 8.27 13.11
N VAL A 882 9.21 8.60 11.81
CA VAL A 882 9.36 9.97 11.34
C VAL A 882 8.13 10.31 10.51
N SER A 883 7.56 11.49 10.73
CA SER A 883 6.42 11.91 9.91
C SER A 883 6.84 12.12 8.48
N ASP A 884 5.97 11.74 7.55
CA ASP A 884 6.21 11.97 6.13
C ASP A 884 5.99 13.41 5.71
N ARG A 885 5.38 14.25 6.56
CA ARG A 885 4.98 15.61 6.20
C ARG A 885 5.39 16.67 7.22
N TRP A 886 5.41 16.33 8.51
CA TRP A 886 5.66 17.32 9.55
C TRP A 886 7.16 17.43 9.82
N LEU A 887 7.68 18.65 9.75
CA LEU A 887 9.03 18.93 10.22
C LEU A 887 9.11 18.78 11.74
N SER A 888 10.28 18.31 12.21
CA SER A 888 10.57 18.19 13.64
C SER A 888 9.56 17.29 14.32
N CYS A 889 9.23 16.17 13.68
CA CYS A 889 8.20 15.27 14.16
C CYS A 889 8.73 13.85 14.02
N GLU A 890 9.34 13.35 15.10
CA GLU A 890 10.10 12.11 15.08
C GLU A 890 10.18 11.53 16.48
N THR A 891 10.14 10.20 16.57
CA THR A 891 10.43 9.53 17.83
C THR A 891 11.44 8.42 17.55
N GLN A 892 12.53 8.40 18.31
CA GLN A 892 13.56 7.39 18.19
C GLN A 892 13.61 6.57 19.48
N LEU A 893 13.47 5.25 19.35
CA LEU A 893 13.55 4.31 20.45
C LEU A 893 14.84 3.53 20.36
N PRO A 894 15.79 3.76 21.26
CA PRO A 894 16.95 2.86 21.36
C PRO A 894 16.48 1.46 21.74
N VAL A 895 17.01 0.46 21.05
CA VAL A 895 16.68 -0.93 21.28
C VAL A 895 17.97 -1.59 21.76
N SER A 896 18.15 -1.59 23.08
CA SER A 896 19.35 -2.16 23.67
C SER A 896 19.28 -3.68 23.69
N PHE A 897 20.45 -4.31 23.55
CA PHE A 897 20.56 -5.76 23.54
C PHE A 897 21.30 -6.28 24.76
N ARG A 898 21.48 -5.46 25.80
CA ARG A 898 22.30 -5.86 26.94
C ARG A 898 21.67 -7.00 27.71
N HIS A 899 20.34 -7.11 27.67
CA HIS A 899 19.63 -8.16 28.40
C HIS A 899 18.88 -9.10 27.45
N LEU A 900 19.40 -9.28 26.26
CA LEU A 900 18.80 -10.21 25.32
C LEU A 900 19.27 -11.63 25.65
N ILE A 901 18.33 -12.56 25.77
CA ILE A 901 18.62 -13.96 25.96
C ILE A 901 18.42 -14.66 24.62
N LEU A 902 19.52 -15.00 23.97
CA LEU A 902 19.49 -15.76 22.73
C LEU A 902 19.24 -17.24 23.02
N PRO A 903 18.43 -17.90 22.21
CA PRO A 903 18.22 -19.34 22.39
C PRO A 903 19.51 -20.10 22.13
N GLU A 904 19.50 -21.37 22.50
CA GLU A 904 20.66 -22.22 22.27
C GLU A 904 20.87 -22.43 20.77
N LYS A 905 22.14 -22.54 20.39
CA LYS A 905 22.47 -23.04 19.06
C LYS A 905 21.75 -24.36 18.82
N TYR A 906 21.29 -24.59 17.60
CA TYR A 906 20.51 -25.81 17.50
C TYR A 906 21.43 -27.04 17.39
N PRO A 907 20.95 -28.19 17.88
CA PRO A 907 21.79 -29.39 17.90
C PRO A 907 22.10 -29.89 16.49
N PRO A 908 23.11 -30.75 16.34
CA PRO A 908 23.33 -31.39 15.05
C PRO A 908 22.19 -32.31 14.69
N PRO A 909 21.94 -32.52 13.39
CA PRO A 909 20.88 -33.43 12.97
C PRO A 909 21.24 -34.88 13.27
N THR A 910 20.25 -35.75 13.11
CA THR A 910 20.52 -37.18 13.20
C THR A 910 21.32 -37.60 11.97
N GLU A 911 22.38 -38.38 12.20
CA GLU A 911 23.18 -38.90 11.10
C GLU A 911 22.33 -39.80 10.22
N LEU A 912 22.26 -39.50 8.93
CA LEU A 912 21.64 -40.42 7.99
C LEU A 912 22.58 -41.60 7.75
N LEU A 913 22.14 -42.79 8.11
CA LEU A 913 22.98 -43.98 8.05
C LEU A 913 22.93 -44.63 6.68
N ASP A 914 24.09 -45.10 6.21
CA ASP A 914 24.20 -45.75 4.91
C ASP A 914 23.80 -47.21 5.09
N LEU A 915 22.49 -47.44 5.05
CA LEU A 915 21.92 -48.77 5.23
C LEU A 915 21.53 -49.36 3.90
N GLN A 916 21.52 -50.69 3.83
CA GLN A 916 20.99 -51.37 2.66
C GLN A 916 19.56 -50.95 2.43
N PRO A 917 19.19 -50.51 1.24
CA PRO A 917 17.80 -50.10 1.00
C PRO A 917 16.83 -51.21 1.40
N LEU A 918 15.73 -50.82 2.00
CA LEU A 918 14.79 -51.77 2.58
C LEU A 918 13.83 -52.27 1.51
N PRO A 919 13.78 -53.57 1.22
CA PRO A 919 12.78 -54.08 0.28
C PRO A 919 11.39 -53.99 0.88
N VAL A 920 10.37 -54.12 0.02
CA VAL A 920 9.03 -54.27 0.54
C VAL A 920 8.91 -55.58 1.32
N SER A 921 9.76 -56.57 1.00
CA SER A 921 9.76 -57.86 1.68
C SER A 921 9.80 -57.71 3.19
N ALA A 922 10.39 -56.62 3.68
CA ALA A 922 10.54 -56.44 5.12
C ALA A 922 9.19 -56.40 5.84
N LEU A 923 8.12 -56.07 5.14
CA LEU A 923 6.80 -56.04 5.78
C LEU A 923 6.37 -57.44 6.20
N ARG A 924 6.84 -58.47 5.49
CA ARG A 924 6.58 -59.88 5.81
C ARG A 924 5.08 -60.16 5.97
N ASN A 925 4.32 -59.66 5.01
CA ASN A 925 2.88 -59.86 4.97
C ASN A 925 2.47 -59.60 3.51
N SER A 926 2.00 -60.65 2.83
CA SER A 926 1.72 -60.53 1.41
C SER A 926 0.68 -59.44 1.15
N ALA A 927 -0.38 -59.41 1.96
CA ALA A 927 -1.39 -58.36 1.82
C ALA A 927 -0.78 -56.99 2.00
N PHE A 928 0.08 -56.81 3.00
CA PHE A 928 0.76 -55.54 3.19
C PHE A 928 1.68 -55.24 2.02
N GLU A 929 2.52 -56.21 1.62
CA GLU A 929 3.43 -55.98 0.52
C GLU A 929 2.71 -55.63 -0.77
N SER A 930 1.43 -56.00 -0.90
CA SER A 930 0.70 -55.66 -2.13
C SER A 930 0.36 -54.18 -2.22
N LEU A 931 0.45 -53.43 -1.11
CA LEU A 931 0.20 -52.00 -1.17
C LEU A 931 1.24 -51.28 -2.02
N TYR A 932 2.51 -51.70 -1.92
CA TYR A 932 3.61 -51.01 -2.58
C TYR A 932 4.34 -51.85 -3.63
N GLN A 933 3.91 -53.09 -3.87
CA GLN A 933 4.71 -53.99 -4.71
C GLN A 933 4.86 -53.46 -6.12
N ASP A 934 3.79 -52.87 -6.67
CA ASP A 934 3.84 -52.38 -8.04
C ASP A 934 4.63 -51.09 -8.16
N LYS A 935 4.65 -50.27 -7.11
CA LYS A 935 5.14 -48.90 -7.22
C LYS A 935 6.67 -48.84 -7.23
N PHE A 936 7.33 -49.63 -6.38
CA PHE A 936 8.78 -49.56 -6.26
C PHE A 936 9.26 -50.84 -5.58
N PRO A 937 10.57 -51.13 -5.63
CA PRO A 937 11.09 -52.30 -4.93
C PRO A 937 11.74 -51.99 -3.59
N PHE A 938 12.11 -50.72 -3.36
CA PHE A 938 12.83 -50.32 -2.16
C PHE A 938 12.28 -49.02 -1.62
N PHE A 939 12.25 -48.90 -0.30
CA PHE A 939 11.95 -47.66 0.38
C PHE A 939 13.18 -46.76 0.39
N ASN A 940 12.96 -45.44 0.42
CA ASN A 940 14.05 -44.48 0.36
C ASN A 940 14.87 -44.56 1.64
N PRO A 941 16.06 -43.92 1.68
CA PRO A 941 16.92 -44.07 2.88
C PRO A 941 16.29 -43.67 4.20
N ILE A 942 15.38 -42.70 4.21
CA ILE A 942 14.79 -42.26 5.47
C ILE A 942 13.81 -43.31 6.00
N GLN A 943 12.93 -43.80 5.13
CA GLN A 943 12.05 -44.90 5.51
C GLN A 943 12.84 -46.09 6.01
N THR A 944 13.94 -46.41 5.32
CA THR A 944 14.83 -47.49 5.76
C THR A 944 15.34 -47.25 7.18
N GLN A 945 15.77 -46.03 7.48
CA GLN A 945 16.32 -45.77 8.81
C GLN A 945 15.26 -45.78 9.90
N VAL A 946 14.02 -45.37 9.59
CA VAL A 946 12.98 -45.33 10.63
C VAL A 946 12.17 -46.61 10.75
N PHE A 947 12.31 -47.52 9.78
CA PHE A 947 11.41 -48.67 9.66
C PHE A 947 11.40 -49.52 10.93
N ASN A 948 12.57 -49.84 11.48
CA ASN A 948 12.60 -50.75 12.63
C ASN A 948 11.81 -50.16 13.80
N THR A 949 12.04 -48.88 14.09
CA THR A 949 11.34 -48.24 15.21
C THR A 949 9.85 -48.16 14.95
N VAL A 950 9.46 -47.86 13.71
CA VAL A 950 8.04 -47.61 13.46
C VAL A 950 7.28 -48.92 13.40
N TYR A 951 7.83 -49.92 12.71
CA TYR A 951 7.14 -51.18 12.43
C TYR A 951 7.31 -52.22 13.54
N ASN A 952 8.45 -52.21 14.25
CA ASN A 952 8.77 -53.24 15.22
C ASN A 952 8.78 -52.75 16.66
N SER A 953 8.29 -51.55 16.92
CA SER A 953 8.21 -51.05 18.29
C SER A 953 6.91 -50.29 18.46
N ASP A 954 6.57 -50.01 19.71
CA ASP A 954 5.42 -49.19 20.03
C ASP A 954 5.81 -47.84 20.61
N ASP A 955 7.08 -47.46 20.49
CA ASP A 955 7.53 -46.20 21.03
C ASP A 955 6.95 -45.02 20.27
N ASN A 956 6.64 -43.94 20.98
CA ASN A 956 6.34 -42.69 20.33
C ASN A 956 7.50 -42.29 19.44
N VAL A 957 7.20 -41.92 18.20
CA VAL A 957 8.26 -41.67 17.22
C VAL A 957 8.09 -40.31 16.59
N PHE A 958 9.21 -39.63 16.36
CA PHE A 958 9.26 -38.35 15.67
C PHE A 958 10.14 -38.50 14.42
N VAL A 959 9.64 -38.05 13.28
CA VAL A 959 10.39 -38.07 12.03
C VAL A 959 10.34 -36.66 11.42
N GLY A 960 11.50 -35.99 11.42
CA GLY A 960 11.65 -34.68 10.81
C GLY A 960 12.54 -34.79 9.59
N ALA A 961 12.03 -34.29 8.47
CA ALA A 961 12.68 -34.42 7.17
C ALA A 961 12.01 -33.45 6.21
N PRO A 962 12.73 -33.03 5.15
CA PRO A 962 12.13 -32.11 4.19
C PRO A 962 10.88 -32.70 3.55
N THR A 963 10.01 -31.80 3.07
CA THR A 963 8.91 -32.23 2.23
C THR A 963 9.47 -32.98 1.02
N GLY A 964 8.83 -34.08 0.65
CA GLY A 964 9.35 -34.94 -0.38
C GLY A 964 10.21 -36.09 0.10
N SER A 965 10.31 -36.29 1.41
CA SER A 965 11.06 -37.41 1.95
C SER A 965 10.18 -38.64 2.18
N GLY A 966 8.88 -38.56 1.89
CA GLY A 966 7.99 -39.70 2.04
C GLY A 966 7.71 -40.10 3.47
N LYS A 967 7.42 -39.13 4.34
CA LYS A 967 7.06 -39.41 5.72
C LYS A 967 5.69 -40.08 5.82
N THR A 968 4.86 -39.91 4.80
CA THR A 968 3.58 -40.60 4.75
C THR A 968 3.75 -42.10 4.87
N ILE A 969 4.78 -42.65 4.22
CA ILE A 969 5.02 -44.08 4.29
C ILE A 969 5.37 -44.50 5.70
N CYS A 970 6.05 -43.64 6.46
CA CYS A 970 6.35 -43.94 7.87
C CYS A 970 5.06 -44.04 8.68
N ALA A 971 4.16 -43.07 8.51
CA ALA A 971 2.86 -43.19 9.14
C ALA A 971 2.17 -44.49 8.75
N GLU A 972 2.32 -44.90 7.49
CA GLU A 972 1.70 -46.14 7.03
C GLU A 972 2.31 -47.36 7.70
N PHE A 973 3.63 -47.32 7.93
CA PHE A 973 4.28 -48.38 8.71
C PHE A 973 3.61 -48.52 10.07
N ALA A 974 3.42 -47.40 10.76
CA ALA A 974 2.79 -47.46 12.07
C ALA A 974 1.35 -47.99 11.99
N ILE A 975 0.62 -47.60 10.95
CA ILE A 975 -0.76 -48.09 10.79
C ILE A 975 -0.78 -49.60 10.56
N LEU A 976 0.19 -50.12 9.79
CA LEU A 976 0.21 -51.56 9.54
C LEU A 976 0.59 -52.33 10.79
N ARG A 977 1.49 -51.78 11.60
CA ARG A 977 1.73 -52.40 12.90
C ARG A 977 0.45 -52.44 13.74
N MET A 978 -0.31 -51.33 13.73
CA MET A 978 -1.58 -51.33 14.45
C MET A 978 -2.49 -52.43 13.94
N LEU A 979 -2.58 -52.58 12.61
CA LEU A 979 -3.46 -53.59 12.01
C LEU A 979 -3.00 -55.01 12.33
N LEU A 980 -1.71 -55.20 12.63
CA LEU A 980 -1.27 -56.51 13.10
C LEU A 980 -1.57 -56.72 14.58
N GLN A 981 -1.57 -55.67 15.40
CA GLN A 981 -1.87 -55.85 16.82
C GLN A 981 -3.36 -56.12 17.08
N SER A 982 -4.26 -55.53 16.28
CA SER A 982 -5.68 -55.82 16.41
C SER A 982 -6.40 -55.38 15.14
N SER A 983 -7.51 -56.06 14.83
CA SER A 983 -8.29 -55.70 13.65
C SER A 983 -9.25 -54.55 13.91
N GLU A 984 -9.69 -54.39 15.16
CA GLU A 984 -10.56 -53.30 15.56
C GLU A 984 -9.81 -52.09 16.07
N GLY A 985 -8.53 -51.95 15.69
CA GLY A 985 -7.77 -50.79 16.10
C GLY A 985 -8.23 -49.53 15.41
N ARG A 986 -8.14 -48.42 16.12
CA ARG A 986 -8.50 -47.11 15.57
C ARG A 986 -7.25 -46.25 15.53
N CYS A 987 -6.90 -45.82 14.32
CA CYS A 987 -5.88 -44.79 14.11
C CYS A 987 -6.57 -43.49 13.71
N VAL A 988 -6.22 -42.41 14.41
CA VAL A 988 -6.62 -41.06 14.02
C VAL A 988 -5.42 -40.38 13.40
N TYR A 989 -5.62 -39.78 12.24
CA TYR A 989 -4.59 -39.08 11.49
C TYR A 989 -5.02 -37.63 11.33
N ILE A 990 -4.24 -36.72 11.90
CA ILE A 990 -4.45 -35.28 11.81
C ILE A 990 -3.43 -34.71 10.83
N THR A 991 -3.91 -33.91 9.88
CA THR A 991 -3.07 -33.03 9.06
C THR A 991 -3.68 -31.65 9.06
N PRO A 992 -2.86 -30.59 9.01
CA PRO A 992 -3.39 -29.24 9.26
C PRO A 992 -4.20 -28.60 8.14
N MET A 993 -4.17 -29.11 6.90
CA MET A 993 -4.88 -28.49 5.80
C MET A 993 -5.96 -29.43 5.27
N GLU A 994 -7.09 -28.86 4.86
CA GLU A 994 -8.20 -29.68 4.38
C GLU A 994 -7.88 -30.34 3.04
N ALA A 995 -7.13 -29.65 2.17
CA ALA A 995 -6.76 -30.23 0.88
C ALA A 995 -5.83 -31.42 1.05
N LEU A 996 -4.84 -31.30 1.95
CA LEU A 996 -3.99 -32.43 2.29
C LEU A 996 -4.81 -33.59 2.84
N ALA A 997 -5.72 -33.29 3.76
CA ALA A 997 -6.59 -34.33 4.32
C ALA A 997 -7.34 -35.07 3.22
N GLU A 998 -7.87 -34.34 2.23
CA GLU A 998 -8.63 -35.01 1.17
C GLU A 998 -7.74 -35.87 0.27
N GLN A 999 -6.56 -35.37 -0.07
CA GLN A 999 -5.63 -36.16 -0.89
C GLN A 999 -5.22 -37.44 -0.16
N VAL A 1000 -4.88 -37.32 1.13
CA VAL A 1000 -4.55 -38.49 1.92
C VAL A 1000 -5.74 -39.42 2.06
N TYR A 1001 -6.95 -38.88 2.11
CA TYR A 1001 -8.14 -39.72 2.20
C TYR A 1001 -8.28 -40.58 0.95
N MET A 1002 -8.06 -39.99 -0.22
CA MET A 1002 -8.07 -40.77 -1.46
C MET A 1002 -7.03 -41.89 -1.41
N ASP A 1003 -5.77 -41.54 -1.12
CA ASP A 1003 -4.70 -42.53 -1.18
C ASP A 1003 -4.93 -43.67 -0.18
N TRP A 1004 -5.26 -43.32 1.07
CA TRP A 1004 -5.43 -44.36 2.09
C TRP A 1004 -6.73 -45.11 1.94
N TYR A 1005 -7.76 -44.52 1.33
CA TYR A 1005 -8.93 -45.29 0.95
C TYR A 1005 -8.53 -46.40 -0.01
N GLU A 1006 -7.76 -46.04 -1.05
CA GLU A 1006 -7.31 -47.08 -1.98
C GLU A 1006 -6.46 -48.14 -1.27
N LYS A 1007 -5.56 -47.71 -0.37
CA LYS A 1007 -4.62 -48.67 0.22
C LYS A 1007 -5.29 -49.57 1.24
N PHE A 1008 -5.97 -49.00 2.23
CA PHE A 1008 -6.42 -49.78 3.38
C PHE A 1008 -7.85 -50.28 3.27
N GLN A 1009 -8.73 -49.56 2.58
CA GLN A 1009 -10.09 -50.07 2.39
C GLN A 1009 -10.15 -51.01 1.20
N ASP A 1010 -9.71 -50.56 0.02
CA ASP A 1010 -9.82 -51.37 -1.18
C ASP A 1010 -8.92 -52.60 -1.11
N ARG A 1011 -7.70 -52.45 -0.60
CA ARG A 1011 -6.73 -53.54 -0.65
C ARG A 1011 -6.61 -54.31 0.66
N LEU A 1012 -6.98 -53.73 1.79
CA LEU A 1012 -6.88 -54.41 3.07
C LEU A 1012 -8.22 -54.58 3.77
N ASN A 1013 -9.32 -54.17 3.15
CA ASN A 1013 -10.67 -54.36 3.65
C ASN A 1013 -10.90 -53.69 5.01
N LYS A 1014 -10.05 -52.74 5.38
CA LYS A 1014 -10.31 -51.92 6.55
C LYS A 1014 -11.24 -50.77 6.17
N LYS A 1015 -11.60 -49.92 7.13
CA LYS A 1015 -12.53 -48.83 6.91
C LYS A 1015 -11.81 -47.50 7.10
N VAL A 1016 -11.77 -46.70 6.04
CA VAL A 1016 -11.11 -45.39 6.02
C VAL A 1016 -12.18 -44.31 5.91
N VAL A 1017 -12.16 -43.34 6.84
CA VAL A 1017 -13.17 -42.30 6.87
C VAL A 1017 -12.51 -40.92 6.97
N LEU A 1018 -13.27 -39.90 6.56
CA LEU A 1018 -12.80 -38.52 6.50
C LEU A 1018 -13.79 -37.63 7.24
N LEU A 1019 -13.37 -37.04 8.34
CA LEU A 1019 -14.28 -36.22 9.15
C LEU A 1019 -14.74 -35.00 8.37
N THR A 1020 -15.96 -34.56 8.68
CA THR A 1020 -16.66 -33.57 7.88
C THR A 1020 -16.93 -32.27 8.62
N GLY A 1021 -17.13 -32.32 9.95
CA GLY A 1021 -17.55 -31.18 10.73
C GLY A 1021 -18.84 -31.41 11.48
N GLU A 1022 -19.71 -32.27 10.95
CA GLU A 1022 -20.95 -32.64 11.63
C GLU A 1022 -20.65 -33.60 12.78
N THR A 1023 -21.06 -33.22 14.00
CA THR A 1023 -20.67 -33.98 15.17
C THR A 1023 -21.30 -35.36 15.18
N SER A 1024 -22.55 -35.49 14.73
CA SER A 1024 -23.18 -36.80 14.65
C SER A 1024 -22.52 -37.65 13.57
N THR A 1025 -22.35 -37.08 12.37
CA THR A 1025 -21.64 -37.77 11.29
C THR A 1025 -20.26 -38.20 11.72
N ASP A 1026 -19.50 -37.29 12.33
CA ASP A 1026 -18.12 -37.59 12.69
C ASP A 1026 -18.03 -38.59 13.84
N LEU A 1027 -18.98 -38.56 14.78
CA LEU A 1027 -18.98 -39.58 15.83
C LEU A 1027 -19.27 -40.96 15.26
N LYS A 1028 -20.24 -41.05 14.34
CA LYS A 1028 -20.48 -42.33 13.67
C LYS A 1028 -19.25 -42.78 12.89
N LEU A 1029 -18.56 -41.85 12.23
CA LEU A 1029 -17.35 -42.22 11.48
C LEU A 1029 -16.25 -42.72 12.41
N LEU A 1030 -16.03 -42.03 13.54
CA LEU A 1030 -15.07 -42.49 14.53
C LEU A 1030 -15.41 -43.90 15.00
N GLY A 1031 -16.70 -44.19 15.16
CA GLY A 1031 -17.10 -45.54 15.52
C GLY A 1031 -16.75 -46.56 14.45
N LYS A 1032 -17.12 -46.26 13.20
CA LYS A 1032 -16.88 -47.20 12.11
C LYS A 1032 -15.39 -47.37 11.84
N GLY A 1033 -14.65 -46.26 11.72
CA GLY A 1033 -13.40 -46.27 11.01
C GLY A 1033 -12.26 -46.94 11.77
N ASN A 1034 -11.34 -47.52 11.00
CA ASN A 1034 -10.03 -47.92 11.50
C ASN A 1034 -8.97 -46.87 11.20
N ILE A 1035 -9.15 -46.12 10.13
CA ILE A 1035 -8.34 -44.94 9.83
C ILE A 1035 -9.30 -43.76 9.73
N ILE A 1036 -9.05 -42.73 10.54
CA ILE A 1036 -9.91 -41.55 10.62
C ILE A 1036 -9.06 -40.35 10.30
N ILE A 1037 -9.27 -39.73 9.13
CA ILE A 1037 -8.51 -38.55 8.73
C ILE A 1037 -9.28 -37.31 9.11
N SER A 1038 -8.58 -36.31 9.65
CA SER A 1038 -9.23 -35.10 10.15
C SER A 1038 -8.27 -33.93 10.18
N THR A 1039 -8.82 -32.73 10.00
CA THR A 1039 -8.14 -31.47 10.27
C THR A 1039 -8.27 -31.13 11.75
N PRO A 1040 -7.44 -30.22 12.26
CA PRO A 1040 -7.34 -30.06 13.72
C PRO A 1040 -8.62 -29.65 14.43
N GLU A 1041 -9.42 -28.76 13.85
CA GLU A 1041 -10.61 -28.30 14.56
C GLU A 1041 -11.70 -29.37 14.61
N LYS A 1042 -11.83 -30.17 13.54
CA LYS A 1042 -12.81 -31.25 13.53
C LYS A 1042 -12.49 -32.30 14.57
N TRP A 1043 -11.21 -32.47 14.91
CA TRP A 1043 -10.85 -33.37 15.99
C TRP A 1043 -10.90 -32.66 17.34
N ASP A 1044 -10.72 -31.34 17.35
CA ASP A 1044 -10.83 -30.59 18.60
C ASP A 1044 -12.23 -30.71 19.17
N ILE A 1045 -13.25 -30.45 18.36
CA ILE A 1045 -14.61 -30.51 18.87
C ILE A 1045 -14.96 -31.92 19.34
N LEU A 1046 -14.42 -32.94 18.66
CA LEU A 1046 -14.64 -34.31 19.11
C LEU A 1046 -13.95 -34.56 20.45
N SER A 1047 -12.63 -34.41 20.50
CA SER A 1047 -11.85 -34.86 21.64
C SER A 1047 -12.04 -33.99 22.88
N ARG A 1048 -12.70 -32.82 22.74
CA ARG A 1048 -13.05 -32.04 23.93
C ARG A 1048 -13.88 -32.86 24.92
N ARG A 1049 -14.82 -33.65 24.43
CA ARG A 1049 -15.62 -34.50 25.31
C ARG A 1049 -15.11 -35.94 25.30
N TRP A 1050 -13.82 -36.14 25.58
CA TRP A 1050 -13.26 -37.49 25.61
C TRP A 1050 -13.69 -38.27 26.84
N LYS A 1051 -14.07 -37.59 27.92
CA LYS A 1051 -14.52 -38.29 29.12
C LYS A 1051 -15.87 -38.96 28.90
N GLN A 1052 -16.72 -38.38 28.05
CA GLN A 1052 -18.03 -38.93 27.74
C GLN A 1052 -18.05 -39.83 26.51
N ARG A 1053 -16.97 -39.86 25.74
CA ARG A 1053 -16.93 -40.60 24.47
C ARG A 1053 -15.81 -41.64 24.56
N LYS A 1054 -16.21 -42.92 24.61
CA LYS A 1054 -15.23 -44.00 24.73
C LYS A 1054 -14.34 -44.09 23.48
N ASN A 1055 -14.89 -43.77 22.32
CA ASN A 1055 -14.14 -43.93 21.08
C ASN A 1055 -12.96 -42.98 20.96
N VAL A 1056 -13.00 -41.83 21.66
CA VAL A 1056 -11.84 -40.95 21.67
C VAL A 1056 -10.72 -41.55 22.51
N GLN A 1057 -11.06 -42.26 23.58
CA GLN A 1057 -10.04 -42.78 24.48
C GLN A 1057 -9.40 -44.06 23.96
N ASN A 1058 -10.18 -44.95 23.34
CA ASN A 1058 -9.66 -46.22 22.86
C ASN A 1058 -8.86 -46.09 21.56
N ILE A 1059 -8.34 -44.90 21.27
CA ILE A 1059 -7.48 -44.71 20.10
C ILE A 1059 -6.19 -45.49 20.30
N ASN A 1060 -5.85 -46.33 19.33
CA ASN A 1060 -4.59 -47.06 19.38
C ASN A 1060 -3.43 -46.20 18.90
N LEU A 1061 -3.63 -45.47 17.81
CA LEU A 1061 -2.56 -44.74 17.15
C LEU A 1061 -3.04 -43.34 16.80
N PHE A 1062 -2.22 -42.33 17.16
CA PHE A 1062 -2.48 -40.94 16.84
C PHE A 1062 -1.28 -40.44 16.02
N VAL A 1063 -1.52 -40.14 14.75
CA VAL A 1063 -0.51 -39.62 13.84
C VAL A 1063 -0.84 -38.16 13.55
N VAL A 1064 0.13 -37.28 13.74
CA VAL A 1064 -0.01 -35.89 13.35
C VAL A 1064 1.06 -35.56 12.31
N ASP A 1065 0.62 -35.05 11.17
CA ASP A 1065 1.45 -34.73 10.03
C ASP A 1065 1.69 -33.21 9.94
N GLU A 1066 2.82 -32.84 9.36
CA GLU A 1066 3.18 -31.43 9.14
C GLU A 1066 3.13 -30.65 10.47
N VAL A 1067 3.63 -31.29 11.54
CA VAL A 1067 3.44 -30.74 12.87
C VAL A 1067 4.22 -29.45 13.09
N HIS A 1068 5.21 -29.14 12.24
CA HIS A 1068 5.86 -27.85 12.32
C HIS A 1068 4.87 -26.69 12.14
N LEU A 1069 3.71 -26.96 11.55
CA LEU A 1069 2.68 -25.94 11.44
C LEU A 1069 2.09 -25.52 12.78
N ILE A 1070 2.53 -26.08 13.91
CA ILE A 1070 2.15 -25.49 15.19
C ILE A 1070 2.73 -24.09 15.33
N GLY A 1071 3.80 -23.78 14.59
CA GLY A 1071 4.30 -22.43 14.64
C GLY A 1071 3.48 -21.41 13.89
N GLY A 1072 2.52 -21.86 13.08
CA GLY A 1072 1.84 -21.00 12.15
C GLY A 1072 0.50 -20.48 12.66
N GLU A 1073 -0.26 -19.89 11.73
CA GLU A 1073 -1.43 -19.10 12.10
C GLU A 1073 -2.47 -19.93 12.83
N ASN A 1074 -2.69 -21.19 12.41
CA ASN A 1074 -3.67 -22.07 13.06
C ASN A 1074 -3.01 -23.11 13.95
N GLY A 1075 -1.74 -22.90 14.32
CA GLY A 1075 -1.00 -23.81 15.17
C GLY A 1075 -1.55 -24.09 16.55
N PRO A 1076 -2.15 -23.11 17.25
CA PRO A 1076 -2.65 -23.41 18.61
C PRO A 1076 -3.62 -24.58 18.67
N VAL A 1077 -4.56 -24.70 17.73
CA VAL A 1077 -5.50 -25.81 17.78
C VAL A 1077 -4.77 -27.14 17.65
N LEU A 1078 -3.78 -27.21 16.76
CA LEU A 1078 -2.98 -28.43 16.60
C LEU A 1078 -2.21 -28.76 17.89
N GLU A 1079 -1.59 -27.75 18.50
CA GLU A 1079 -0.88 -27.97 19.75
C GLU A 1079 -1.83 -28.47 20.83
N VAL A 1080 -3.02 -27.87 20.92
CA VAL A 1080 -4.00 -28.25 21.93
C VAL A 1080 -4.39 -29.71 21.77
N ILE A 1081 -4.77 -30.12 20.55
CA ILE A 1081 -5.25 -31.50 20.40
C ILE A 1081 -4.13 -32.50 20.66
N CYS A 1082 -2.89 -32.19 20.25
CA CYS A 1082 -1.79 -33.10 20.56
C CYS A 1082 -1.56 -33.22 22.06
N SER A 1083 -1.57 -32.08 22.77
CA SER A 1083 -1.41 -32.11 24.22
C SER A 1083 -2.52 -32.91 24.88
N ARG A 1084 -3.76 -32.74 24.38
CA ARG A 1084 -4.88 -33.48 24.95
C ARG A 1084 -4.73 -34.97 24.75
N MET A 1085 -4.27 -35.39 23.57
CA MET A 1085 -4.05 -36.83 23.34
C MET A 1085 -3.00 -37.36 24.31
N ARG A 1086 -1.96 -36.58 24.59
CA ARG A 1086 -0.97 -37.00 25.58
C ARG A 1086 -1.59 -37.17 26.96
N TYR A 1087 -2.36 -36.17 27.39
CA TYR A 1087 -2.94 -36.21 28.74
C TYR A 1087 -3.96 -37.34 28.88
N ILE A 1088 -4.76 -37.58 27.84
CA ILE A 1088 -5.68 -38.73 27.83
C ILE A 1088 -4.90 -40.03 27.95
N SER A 1089 -3.80 -40.16 27.19
CA SER A 1089 -3.00 -41.38 27.29
C SER A 1089 -2.49 -41.59 28.71
N SER A 1090 -2.07 -40.50 29.37
CA SER A 1090 -1.56 -40.64 30.73
C SER A 1090 -2.67 -40.93 31.74
N GLN A 1091 -3.91 -40.56 31.43
CA GLN A 1091 -5.00 -40.82 32.36
C GLN A 1091 -5.58 -42.24 32.21
N ILE A 1092 -5.77 -42.71 30.96
CA ILE A 1092 -6.51 -43.96 30.75
C ILE A 1092 -5.71 -45.22 31.03
N GLU A 1093 -4.43 -45.10 31.37
CA GLU A 1093 -3.58 -46.26 31.68
C GLU A 1093 -3.57 -47.28 30.54
N ARG A 1094 -3.84 -46.81 29.32
CA ARG A 1094 -3.74 -47.63 28.11
C ARG A 1094 -3.11 -46.75 27.04
N PRO A 1095 -1.79 -46.80 26.89
CA PRO A 1095 -1.08 -45.74 26.18
C PRO A 1095 -1.48 -45.65 24.71
N ILE A 1096 -1.70 -44.41 24.26
CA ILE A 1096 -1.96 -44.11 22.86
C ILE A 1096 -0.63 -43.77 22.21
N ARG A 1097 -0.25 -44.53 21.19
CA ARG A 1097 1.03 -44.32 20.53
C ARG A 1097 0.95 -43.10 19.62
N ILE A 1098 1.93 -42.20 19.75
CA ILE A 1098 1.99 -40.97 18.97
C ILE A 1098 3.11 -41.08 17.95
N VAL A 1099 2.79 -40.71 16.71
CA VAL A 1099 3.75 -40.57 15.62
C VAL A 1099 3.62 -39.16 15.06
N ALA A 1100 4.72 -38.41 15.05
CA ALA A 1100 4.71 -37.03 14.59
C ALA A 1100 5.66 -36.88 13.40
N LEU A 1101 5.11 -36.40 12.28
CA LEU A 1101 5.86 -36.15 11.05
C LEU A 1101 6.00 -34.65 10.82
N SER A 1102 7.17 -34.21 10.37
CA SER A 1102 7.42 -32.78 10.33
C SER A 1102 8.46 -32.45 9.26
N SER A 1103 8.43 -31.19 8.81
CA SER A 1103 9.61 -30.62 8.15
C SER A 1103 10.79 -30.61 9.12
N SER A 1104 11.98 -30.46 8.58
CA SER A 1104 13.18 -30.40 9.41
C SER A 1104 13.08 -29.26 10.41
N LEU A 1105 13.19 -29.60 11.70
CA LEU A 1105 13.12 -28.66 12.80
C LEU A 1105 14.48 -28.52 13.47
N SER A 1106 14.91 -27.28 13.68
CA SER A 1106 16.09 -27.04 14.50
C SER A 1106 15.84 -27.45 15.95
N ASN A 1107 14.64 -27.14 16.47
CA ASN A 1107 14.27 -27.54 17.83
C ASN A 1107 13.41 -28.80 17.82
N ALA A 1108 13.87 -29.82 17.09
CA ALA A 1108 13.11 -31.07 17.02
C ALA A 1108 12.99 -31.71 18.41
N LYS A 1109 14.07 -31.71 19.19
CA LYS A 1109 14.07 -32.39 20.49
C LYS A 1109 12.96 -31.85 21.40
N ASP A 1110 12.66 -30.55 21.32
CA ASP A 1110 11.57 -30.00 22.13
C ASP A 1110 10.22 -30.60 21.73
N VAL A 1111 9.95 -30.65 20.42
CA VAL A 1111 8.72 -31.29 19.96
C VAL A 1111 8.66 -32.74 20.41
N ALA A 1112 9.76 -33.47 20.21
CA ALA A 1112 9.77 -34.89 20.56
C ALA A 1112 9.51 -35.11 22.05
N HIS A 1113 10.16 -34.31 22.91
CA HIS A 1113 9.95 -34.45 24.35
C HIS A 1113 8.53 -34.06 24.73
N TRP A 1114 7.98 -33.03 24.08
CA TRP A 1114 6.59 -32.63 24.32
C TRP A 1114 5.64 -33.77 23.98
N LEU A 1115 5.86 -34.45 22.85
CA LEU A 1115 5.02 -35.57 22.47
C LEU A 1115 5.52 -36.90 23.04
N GLY A 1116 6.53 -36.86 23.90
CA GLY A 1116 6.97 -38.05 24.61
C GLY A 1116 7.75 -39.04 23.75
N CYS A 1117 8.61 -38.55 22.87
CA CYS A 1117 9.43 -39.41 22.04
C CYS A 1117 10.80 -39.58 22.69
N SER A 1118 11.25 -40.82 22.81
CA SER A 1118 12.59 -41.07 23.28
C SER A 1118 13.61 -40.52 22.28
N ALA A 1119 14.82 -40.27 22.78
CA ALA A 1119 15.87 -39.72 21.90
C ALA A 1119 16.24 -40.73 20.81
N THR A 1120 16.32 -42.02 21.16
CA THR A 1120 16.57 -43.05 20.16
C THR A 1120 15.39 -43.24 19.22
N SER A 1121 14.26 -42.60 19.51
CA SER A 1121 13.08 -42.66 18.66
C SER A 1121 12.79 -41.32 18.00
N THR A 1122 13.72 -40.37 18.09
CA THR A 1122 13.58 -39.04 17.49
C THR A 1122 14.54 -38.92 16.31
N PHE A 1123 13.99 -38.96 15.11
CA PHE A 1123 14.78 -38.86 13.89
C PHE A 1123 14.71 -37.41 13.40
N ASN A 1124 15.76 -36.64 13.70
CA ASN A 1124 15.81 -35.21 13.35
C ASN A 1124 16.77 -35.05 12.17
N PHE A 1125 16.23 -35.17 10.97
CA PHE A 1125 17.01 -34.94 9.76
C PHE A 1125 16.88 -33.49 9.34
N HIS A 1126 17.90 -33.01 8.64
CA HIS A 1126 17.98 -31.65 8.14
C HIS A 1126 17.91 -31.64 6.62
N PRO A 1127 17.66 -30.47 6.00
CA PRO A 1127 17.29 -30.45 4.58
C PRO A 1127 18.24 -31.17 3.62
N ASN A 1128 19.52 -31.28 3.94
CA ASN A 1128 20.48 -31.91 3.03
C ASN A 1128 20.19 -33.39 2.79
N VAL A 1129 19.35 -34.03 3.61
CA VAL A 1129 19.15 -35.47 3.48
C VAL A 1129 18.00 -35.83 2.56
N ARG A 1130 17.41 -34.84 1.89
CA ARG A 1130 16.24 -35.11 1.05
C ARG A 1130 16.57 -36.15 -0.01
N PRO A 1131 15.75 -37.20 -0.17
CA PRO A 1131 16.13 -38.31 -1.07
C PRO A 1131 16.39 -37.90 -2.52
N VAL A 1132 15.52 -37.07 -3.09
CA VAL A 1132 15.80 -36.42 -4.37
C VAL A 1132 16.55 -35.12 -4.05
N PRO A 1133 17.82 -35.00 -4.43
CA PRO A 1133 18.58 -33.80 -4.09
C PRO A 1133 17.91 -32.53 -4.59
N LEU A 1134 18.02 -31.47 -3.80
CA LEU A 1134 17.39 -30.19 -4.14
C LEU A 1134 18.47 -29.16 -4.43
N GLU A 1135 18.52 -28.68 -5.67
CA GLU A 1135 19.32 -27.51 -6.03
C GLU A 1135 18.43 -26.29 -5.90
N LEU A 1136 18.74 -25.45 -4.91
CA LEU A 1136 17.95 -24.26 -4.61
C LEU A 1136 18.72 -23.01 -5.03
N HIS A 1137 18.08 -22.12 -5.78
CA HIS A 1137 18.69 -20.87 -6.19
C HIS A 1137 17.77 -19.74 -5.77
N ILE A 1138 18.26 -18.88 -4.89
CA ILE A 1138 17.49 -17.75 -4.38
C ILE A 1138 18.00 -16.51 -5.10
N GLN A 1139 17.13 -15.89 -5.88
CA GLN A 1139 17.49 -14.79 -6.77
C GLN A 1139 16.82 -13.52 -6.26
N GLY A 1140 17.60 -12.49 -6.00
CA GLY A 1140 17.09 -11.26 -5.39
C GLY A 1140 16.81 -10.19 -6.43
N PHE A 1141 15.75 -9.43 -6.21
CA PHE A 1141 15.30 -8.41 -7.15
C PHE A 1141 15.20 -7.06 -6.46
N ASN A 1142 15.85 -6.06 -7.04
CA ASN A 1142 16.09 -4.77 -6.41
C ASN A 1142 14.84 -3.89 -6.33
N ILE A 1143 13.81 -4.14 -7.13
CA ILE A 1143 12.72 -3.20 -7.29
C ILE A 1143 11.75 -3.32 -6.13
N SER A 1144 11.41 -2.18 -5.50
CA SER A 1144 10.54 -2.13 -4.34
C SER A 1144 9.06 -1.95 -4.68
N HIS A 1145 8.73 -1.59 -5.92
CA HIS A 1145 7.34 -1.47 -6.36
C HIS A 1145 6.91 -2.81 -6.97
N THR A 1146 5.86 -3.40 -6.40
CA THR A 1146 5.56 -4.82 -6.62
C THR A 1146 5.31 -5.13 -8.11
N GLN A 1147 4.45 -4.35 -8.76
CA GLN A 1147 4.11 -4.64 -10.15
C GLN A 1147 5.33 -4.54 -11.06
N THR A 1148 6.16 -3.52 -10.86
CA THR A 1148 7.40 -3.42 -11.62
C THR A 1148 8.34 -4.60 -11.32
N ARG A 1149 8.39 -5.05 -10.07
CA ARG A 1149 9.29 -6.17 -9.75
C ARG A 1149 8.82 -7.46 -10.42
N LEU A 1150 7.51 -7.73 -10.38
CA LEU A 1150 6.97 -8.87 -11.12
C LEU A 1150 7.32 -8.75 -12.61
N LEU A 1151 7.25 -7.54 -13.16
CA LEU A 1151 7.65 -7.36 -14.55
C LEU A 1151 9.11 -7.76 -14.73
N SER A 1152 9.99 -7.30 -13.85
CA SER A 1152 11.41 -7.63 -13.95
C SER A 1152 11.65 -9.12 -13.80
N MET A 1153 10.69 -9.86 -13.24
CA MET A 1153 10.83 -11.31 -13.12
C MET A 1153 10.32 -12.07 -14.35
N ALA A 1154 9.46 -11.43 -15.15
CA ALA A 1154 8.85 -12.09 -16.31
C ALA A 1154 9.86 -12.89 -17.16
N LYS A 1155 10.91 -12.24 -17.62
CA LYS A 1155 11.88 -12.93 -18.46
C LYS A 1155 12.78 -13.91 -17.69
N PRO A 1156 13.29 -13.55 -16.50
CA PRO A 1156 14.03 -14.55 -15.71
C PRO A 1156 13.27 -15.85 -15.49
N VAL A 1157 11.92 -15.80 -15.41
CA VAL A 1157 11.14 -17.03 -15.36
C VAL A 1157 11.45 -17.91 -16.57
N TYR A 1158 11.34 -17.34 -17.77
CA TYR A 1158 11.61 -18.09 -18.99
C TYR A 1158 13.06 -18.59 -19.03
N HIS A 1159 14.01 -17.71 -18.70
CA HIS A 1159 15.42 -18.09 -18.69
C HIS A 1159 15.70 -19.21 -17.70
N ALA A 1160 15.01 -19.21 -16.54
CA ALA A 1160 15.18 -20.26 -15.56
C ALA A 1160 14.65 -21.58 -16.09
N ILE A 1161 13.53 -21.55 -16.81
CA ILE A 1161 13.02 -22.78 -17.41
C ILE A 1161 14.04 -23.35 -18.38
N THR A 1162 14.57 -22.50 -19.27
CA THR A 1162 15.49 -23.02 -20.30
C THR A 1162 16.83 -23.44 -19.70
N LYS A 1163 17.26 -22.82 -18.59
CA LYS A 1163 18.52 -23.22 -17.97
C LYS A 1163 18.37 -24.48 -17.13
N HIS A 1164 17.40 -24.49 -16.22
CA HIS A 1164 17.30 -25.55 -15.23
C HIS A 1164 16.38 -26.69 -15.64
N SER A 1165 15.55 -26.52 -16.67
CA SER A 1165 14.59 -27.59 -16.95
C SER A 1165 14.00 -27.48 -18.35
N PRO A 1166 14.82 -27.56 -19.40
CA PRO A 1166 14.30 -27.29 -20.76
C PRO A 1166 13.26 -28.31 -21.22
N LYS A 1167 13.38 -29.57 -20.78
CA LYS A 1167 12.49 -30.62 -21.23
C LYS A 1167 11.64 -31.23 -20.14
N LYS A 1168 12.00 -31.05 -18.88
CA LYS A 1168 11.24 -31.66 -17.80
C LYS A 1168 10.23 -30.68 -17.21
N PRO A 1169 9.17 -31.18 -16.59
CA PRO A 1169 8.02 -30.32 -16.25
C PRO A 1169 8.32 -29.25 -15.20
N VAL A 1170 7.58 -28.14 -15.29
CA VAL A 1170 7.82 -26.95 -14.49
C VAL A 1170 6.52 -26.47 -13.88
N ILE A 1171 6.57 -26.13 -12.59
CA ILE A 1171 5.50 -25.38 -11.92
C ILE A 1171 6.01 -23.98 -11.61
N VAL A 1172 5.21 -22.97 -11.94
CA VAL A 1172 5.49 -21.58 -11.58
C VAL A 1172 4.42 -21.13 -10.60
N PHE A 1173 4.81 -20.80 -9.38
CA PHE A 1173 3.89 -20.24 -8.41
C PHE A 1173 3.90 -18.72 -8.48
N VAL A 1174 2.72 -18.13 -8.49
CA VAL A 1174 2.58 -16.68 -8.64
C VAL A 1174 1.67 -16.17 -7.54
N PRO A 1175 1.77 -14.88 -7.19
CA PRO A 1175 1.07 -14.37 -6.00
C PRO A 1175 -0.45 -14.30 -6.13
N SER A 1176 -1.01 -14.30 -7.34
CA SER A 1176 -2.42 -13.97 -7.48
C SER A 1176 -3.02 -14.74 -8.64
N ARG A 1177 -4.37 -14.81 -8.63
CA ARG A 1177 -5.12 -15.47 -9.70
C ARG A 1177 -4.88 -14.80 -11.05
N LYS A 1178 -4.90 -13.46 -11.08
CA LYS A 1178 -4.67 -12.75 -12.34
C LYS A 1178 -3.27 -13.01 -12.88
N GLN A 1179 -2.29 -13.14 -11.97
CA GLN A 1179 -0.92 -13.37 -12.40
C GLN A 1179 -0.74 -14.72 -13.08
N THR A 1180 -1.51 -15.74 -12.68
CA THR A 1180 -1.42 -17.04 -13.33
C THR A 1180 -1.58 -16.92 -14.84
N ARG A 1181 -2.67 -16.28 -15.26
CA ARG A 1181 -2.94 -16.10 -16.68
C ARG A 1181 -1.91 -15.17 -17.32
N LEU A 1182 -1.63 -14.03 -16.66
CA LEU A 1182 -0.66 -13.09 -17.24
C LEU A 1182 0.68 -13.76 -17.53
N THR A 1183 1.14 -14.60 -16.61
CA THR A 1183 2.46 -15.21 -16.73
C THR A 1183 2.44 -16.37 -17.73
N ALA A 1184 1.36 -17.16 -17.76
CA ALA A 1184 1.22 -18.16 -18.83
C ALA A 1184 1.34 -17.50 -20.21
N ILE A 1185 0.62 -16.39 -20.41
CA ILE A 1185 0.69 -15.72 -21.71
C ILE A 1185 2.10 -15.18 -21.94
N ASP A 1186 2.74 -14.67 -20.89
CA ASP A 1186 4.05 -14.07 -21.06
C ASP A 1186 5.12 -15.11 -21.40
N ILE A 1187 5.07 -16.26 -20.73
CA ILE A 1187 5.94 -17.38 -21.08
C ILE A 1187 5.73 -17.75 -22.54
N LEU A 1188 4.47 -17.79 -23.00
CA LEU A 1188 4.23 -18.16 -24.39
C LEU A 1188 4.76 -17.10 -25.37
N THR A 1189 4.59 -15.82 -25.02
CA THR A 1189 5.14 -14.75 -25.86
C THR A 1189 6.65 -14.88 -25.98
N THR A 1190 7.32 -15.15 -24.87
CA THR A 1190 8.77 -15.26 -24.91
C THR A 1190 9.21 -16.50 -25.67
N CYS A 1191 8.48 -17.61 -25.49
CA CYS A 1191 8.71 -18.80 -26.30
C CYS A 1191 8.61 -18.49 -27.79
N ALA A 1192 7.63 -17.67 -28.17
CA ALA A 1192 7.41 -17.35 -29.57
C ALA A 1192 8.51 -16.45 -30.12
N ALA A 1193 8.86 -15.38 -29.40
CA ALA A 1193 9.93 -14.51 -29.85
C ALA A 1193 11.29 -15.20 -29.85
N ASP A 1194 11.43 -16.29 -29.10
CA ASP A 1194 12.62 -17.15 -29.15
C ASP A 1194 12.56 -18.13 -30.32
N ILE A 1195 11.58 -17.97 -31.22
CA ILE A 1195 11.19 -18.89 -32.29
C ILE A 1195 11.24 -20.34 -31.84
N GLN A 1196 10.88 -20.58 -30.57
CA GLN A 1196 10.67 -21.93 -30.05
C GLN A 1196 9.23 -22.06 -29.57
N ARG A 1197 8.27 -21.72 -30.45
CA ARG A 1197 6.94 -21.32 -30.00
C ARG A 1197 6.23 -22.40 -29.18
N GLN A 1198 6.29 -23.65 -29.62
CA GLN A 1198 5.51 -24.71 -28.99
C GLN A 1198 6.38 -25.74 -28.27
N ARG A 1199 7.51 -25.32 -27.71
CA ARG A 1199 8.43 -26.29 -27.09
C ARG A 1199 7.78 -26.98 -25.90
N PHE A 1200 6.80 -26.35 -25.26
CA PHE A 1200 6.22 -26.90 -24.05
C PHE A 1200 5.04 -27.83 -24.33
N LEU A 1201 4.62 -27.95 -25.59
CA LEU A 1201 3.63 -28.95 -25.97
C LEU A 1201 4.35 -30.24 -26.32
N HIS A 1202 3.97 -31.34 -25.67
CA HIS A 1202 4.64 -32.61 -25.87
C HIS A 1202 3.72 -33.72 -26.36
N CYS A 1203 2.43 -33.46 -26.51
CA CYS A 1203 1.49 -34.36 -27.16
C CYS A 1203 1.05 -33.75 -28.49
N THR A 1204 0.25 -34.51 -29.23
CA THR A 1204 -0.27 -34.05 -30.51
C THR A 1204 -1.46 -33.11 -30.29
N GLU A 1205 -1.53 -32.06 -31.11
CA GLU A 1205 -2.61 -31.08 -31.02
C GLU A 1205 -3.98 -31.76 -31.07
N LYS A 1206 -4.21 -32.57 -32.11
CA LYS A 1206 -5.51 -33.20 -32.30
C LYS A 1206 -5.82 -34.19 -31.19
N ASP A 1207 -4.80 -34.82 -30.60
CA ASP A 1207 -5.00 -35.66 -29.43
C ASP A 1207 -5.41 -34.85 -28.20
N LEU A 1208 -5.22 -33.54 -28.24
CA LEU A 1208 -5.49 -32.66 -27.10
C LEU A 1208 -6.80 -31.91 -27.24
N ILE A 1209 -7.29 -31.68 -28.45
CA ILE A 1209 -8.46 -30.81 -28.63
C ILE A 1209 -9.74 -31.37 -28.01
N PRO A 1210 -9.99 -32.70 -28.00
CA PRO A 1210 -11.13 -33.19 -27.22
C PRO A 1210 -11.04 -32.84 -25.74
N TYR A 1211 -9.83 -32.77 -25.19
CA TYR A 1211 -9.65 -32.20 -23.86
C TYR A 1211 -10.11 -30.74 -23.84
N LEU A 1212 -9.63 -29.95 -24.80
CA LEU A 1212 -9.88 -28.51 -24.77
C LEU A 1212 -11.35 -28.17 -24.88
N GLU A 1213 -12.14 -29.06 -25.49
CA GLU A 1213 -13.57 -28.76 -25.66
C GLU A 1213 -14.28 -28.60 -24.33
N LYS A 1214 -13.83 -29.31 -23.29
CA LYS A 1214 -14.52 -29.28 -22.00
C LYS A 1214 -14.22 -28.04 -21.18
N LEU A 1215 -13.25 -27.22 -21.58
CA LEU A 1215 -12.96 -25.99 -20.88
C LEU A 1215 -13.94 -24.90 -21.28
N SER A 1216 -14.12 -23.93 -20.40
CA SER A 1216 -14.90 -22.73 -20.68
C SER A 1216 -14.06 -21.47 -20.70
N ASP A 1217 -12.78 -21.56 -20.34
CA ASP A 1217 -11.86 -20.43 -20.39
C ASP A 1217 -11.14 -20.47 -21.73
N SER A 1218 -11.38 -19.47 -22.56
CA SER A 1218 -10.83 -19.46 -23.92
C SER A 1218 -9.31 -19.25 -23.89
N THR A 1219 -8.85 -18.26 -23.12
CA THR A 1219 -7.41 -18.02 -23.02
C THR A 1219 -6.68 -19.22 -22.45
N LEU A 1220 -7.32 -19.95 -21.52
CA LEU A 1220 -6.73 -21.17 -21.01
C LEU A 1220 -6.58 -22.21 -22.12
N LYS A 1221 -7.58 -22.32 -23.00
CA LYS A 1221 -7.47 -23.22 -24.15
C LYS A 1221 -6.34 -22.81 -25.09
N GLU A 1222 -6.23 -21.50 -25.37
CA GLU A 1222 -5.15 -21.01 -26.21
C GLU A 1222 -3.78 -21.37 -25.63
N THR A 1223 -3.59 -21.10 -24.34
CA THR A 1223 -2.29 -21.36 -23.73
C THR A 1223 -1.99 -22.85 -23.66
N LEU A 1224 -3.00 -23.66 -23.28
CA LEU A 1224 -2.82 -25.11 -23.27
C LEU A 1224 -2.42 -25.63 -24.64
N LEU A 1225 -3.00 -25.04 -25.69
CA LEU A 1225 -2.63 -25.42 -27.05
C LEU A 1225 -1.14 -25.26 -27.30
N ASN A 1226 -0.51 -24.28 -26.64
CA ASN A 1226 0.92 -24.03 -26.79
C ASN A 1226 1.73 -24.60 -25.63
N GLY A 1227 1.14 -25.50 -24.85
CA GLY A 1227 1.88 -26.28 -23.88
C GLY A 1227 2.00 -25.68 -22.50
N VAL A 1228 1.18 -24.68 -22.17
CA VAL A 1228 1.26 -24.00 -20.88
C VAL A 1228 -0.14 -23.96 -20.26
N GLY A 1229 -0.27 -24.49 -19.05
CA GLY A 1229 -1.50 -24.40 -18.31
C GLY A 1229 -1.38 -23.40 -17.17
N TYR A 1230 -2.53 -23.11 -16.57
CA TYR A 1230 -2.52 -22.36 -15.32
C TYR A 1230 -3.65 -22.88 -14.44
N LEU A 1231 -3.58 -22.51 -13.15
CA LEU A 1231 -4.48 -22.97 -12.10
C LEU A 1231 -4.68 -21.86 -11.08
N HIS A 1232 -5.95 -21.56 -10.80
CA HIS A 1232 -6.31 -20.58 -9.80
C HIS A 1232 -7.68 -20.96 -9.23
N GLU A 1233 -8.05 -20.28 -8.14
CA GLU A 1233 -9.26 -20.61 -7.40
C GLU A 1233 -10.51 -20.45 -8.24
N GLY A 1234 -10.49 -19.58 -9.25
CA GLY A 1234 -11.65 -19.27 -10.05
C GLY A 1234 -12.05 -20.27 -11.12
N LEU A 1235 -11.32 -21.37 -11.25
CA LEU A 1235 -11.64 -22.40 -12.22
C LEU A 1235 -12.54 -23.45 -11.57
N SER A 1236 -13.40 -24.05 -12.39
CA SER A 1236 -14.21 -25.16 -11.92
C SER A 1236 -13.31 -26.38 -11.65
N PRO A 1237 -13.70 -27.24 -10.71
CA PRO A 1237 -12.81 -28.36 -10.34
C PRO A 1237 -12.48 -29.27 -11.50
N MET A 1238 -13.40 -29.43 -12.45
CA MET A 1238 -13.13 -30.25 -13.62
C MET A 1238 -12.06 -29.61 -14.51
N GLU A 1239 -12.06 -28.28 -14.62
CA GLU A 1239 -11.00 -27.60 -15.36
C GLU A 1239 -9.65 -27.84 -14.70
N ARG A 1240 -9.60 -27.69 -13.37
CA ARG A 1240 -8.38 -27.97 -12.63
C ARG A 1240 -7.89 -29.39 -12.90
N ARG A 1241 -8.81 -30.36 -12.86
CA ARG A 1241 -8.41 -31.75 -13.05
C ARG A 1241 -7.92 -32.02 -14.47
N LEU A 1242 -8.57 -31.40 -15.46
CA LEU A 1242 -8.08 -31.50 -16.84
C LEU A 1242 -6.66 -31.00 -16.94
N VAL A 1243 -6.40 -29.81 -16.40
CA VAL A 1243 -5.06 -29.23 -16.47
C VAL A 1243 -4.05 -30.09 -15.72
N GLU A 1244 -4.44 -30.62 -14.55
CA GLU A 1244 -3.54 -31.45 -13.76
C GLU A 1244 -3.18 -32.73 -14.50
N GLN A 1245 -4.16 -33.37 -15.14
CA GLN A 1245 -3.83 -34.62 -15.80
C GLN A 1245 -3.06 -34.38 -17.10
N LEU A 1246 -3.31 -33.26 -17.78
CA LEU A 1246 -2.47 -32.90 -18.93
C LEU A 1246 -1.03 -32.67 -18.50
N PHE A 1247 -0.83 -32.08 -17.31
CA PHE A 1247 0.51 -31.82 -16.82
C PHE A 1247 1.20 -33.09 -16.37
N SER A 1248 0.48 -33.96 -15.66
CA SER A 1248 1.09 -35.19 -15.18
C SER A 1248 1.31 -36.19 -16.32
N SER A 1249 0.45 -36.17 -17.34
CA SER A 1249 0.68 -37.07 -18.46
C SER A 1249 1.87 -36.67 -19.31
N GLY A 1250 2.47 -35.50 -19.06
CA GLY A 1250 3.55 -35.00 -19.88
C GLY A 1250 3.09 -34.23 -21.10
N ALA A 1251 1.79 -34.03 -21.30
CA ALA A 1251 1.31 -33.29 -22.45
C ALA A 1251 1.82 -31.86 -22.43
N ILE A 1252 1.44 -31.09 -21.40
CA ILE A 1252 1.91 -29.72 -21.23
C ILE A 1252 3.08 -29.73 -20.26
N GLN A 1253 4.09 -28.92 -20.55
CA GLN A 1253 5.33 -28.92 -19.79
C GLN A 1253 5.30 -27.95 -18.61
N VAL A 1254 4.58 -26.83 -18.72
CA VAL A 1254 4.58 -25.76 -17.73
C VAL A 1254 3.16 -25.58 -17.20
N VAL A 1255 3.04 -25.35 -15.89
CA VAL A 1255 1.77 -24.93 -15.31
C VAL A 1255 2.03 -23.82 -14.30
N VAL A 1256 1.21 -22.78 -14.34
CA VAL A 1256 1.35 -21.60 -13.49
C VAL A 1256 0.20 -21.63 -12.47
N ALA A 1257 0.52 -21.81 -11.20
CA ALA A 1257 -0.48 -21.95 -10.15
C ALA A 1257 -0.41 -20.78 -9.18
N SER A 1258 -1.56 -20.44 -8.60
CA SER A 1258 -1.53 -19.39 -7.58
C SER A 1258 -1.06 -19.94 -6.23
N ARG A 1259 -0.56 -19.03 -5.39
CA ARG A 1259 -0.11 -19.41 -4.04
C ARG A 1259 -1.21 -20.13 -3.26
N SER A 1260 -2.46 -19.67 -3.39
CA SER A 1260 -3.57 -20.30 -2.69
C SER A 1260 -3.67 -21.80 -2.93
N LEU A 1261 -3.15 -22.28 -4.06
CA LEU A 1261 -3.30 -23.69 -4.42
C LEU A 1261 -2.08 -24.53 -4.08
N CYS A 1262 -1.17 -24.03 -3.25
CA CYS A 1262 0.06 -24.80 -3.02
C CYS A 1262 -0.13 -25.96 -2.06
N TRP A 1263 -1.31 -26.10 -1.46
CA TRP A 1263 -1.60 -27.23 -0.58
C TRP A 1263 -2.51 -28.27 -1.21
N GLY A 1264 -3.16 -27.94 -2.31
CA GLY A 1264 -4.07 -28.89 -2.93
C GLY A 1264 -3.77 -29.13 -4.39
N MET A 1265 -2.51 -29.42 -4.72
CA MET A 1265 -2.10 -29.72 -6.08
C MET A 1265 -1.62 -31.15 -6.14
N ASN A 1266 -2.30 -31.99 -6.91
CA ASN A 1266 -1.95 -33.39 -7.07
C ASN A 1266 -0.91 -33.60 -8.14
N VAL A 1267 0.06 -32.70 -8.19
CA VAL A 1267 0.98 -32.58 -9.31
C VAL A 1267 2.36 -32.25 -8.76
N ALA A 1268 3.40 -32.83 -9.34
CA ALA A 1268 4.78 -32.53 -8.96
C ALA A 1268 5.58 -32.20 -10.21
N ALA A 1269 6.74 -31.59 -10.02
CA ALA A 1269 7.53 -31.13 -11.15
C ALA A 1269 9.02 -31.32 -10.87
N HIS A 1270 9.80 -31.13 -11.93
CA HIS A 1270 11.26 -31.15 -11.87
C HIS A 1270 11.82 -29.79 -11.47
N LEU A 1271 11.17 -28.72 -11.91
CA LEU A 1271 11.57 -27.36 -11.56
C LEU A 1271 10.37 -26.64 -10.98
N VAL A 1272 10.56 -26.04 -9.81
CA VAL A 1272 9.58 -25.13 -9.25
C VAL A 1272 10.20 -23.74 -9.23
N ILE A 1273 9.50 -22.77 -9.83
CA ILE A 1273 9.88 -21.38 -9.76
C ILE A 1273 8.86 -20.67 -8.90
N ILE A 1274 9.35 -19.95 -7.91
CA ILE A 1274 8.52 -19.17 -7.01
C ILE A 1274 8.69 -17.72 -7.43
N MET A 1275 7.71 -17.18 -8.16
CA MET A 1275 7.81 -15.82 -8.70
C MET A 1275 7.25 -14.84 -7.68
N ASP A 1276 8.15 -14.23 -6.90
CA ASP A 1276 7.84 -13.29 -5.83
C ASP A 1276 7.28 -14.02 -4.61
N THR A 1277 7.39 -13.39 -3.43
CA THR A 1277 7.06 -14.04 -2.18
C THR A 1277 6.16 -13.17 -1.32
N GLN A 1278 5.37 -12.31 -1.96
CA GLN A 1278 4.43 -11.45 -1.26
C GLN A 1278 3.11 -11.49 -2.02
N TYR A 1279 2.04 -11.12 -1.32
CA TYR A 1279 0.73 -11.06 -1.96
C TYR A 1279 -0.08 -9.96 -1.30
N TYR A 1280 -0.98 -9.38 -2.07
CA TYR A 1280 -1.81 -8.28 -1.57
C TYR A 1280 -2.94 -8.84 -0.72
N ASN A 1281 -3.01 -8.39 0.54
CA ASN A 1281 -4.19 -8.62 1.36
C ASN A 1281 -5.09 -7.40 1.22
N GLY A 1282 -6.34 -7.62 0.77
CA GLY A 1282 -7.29 -6.56 0.52
C GLY A 1282 -8.02 -6.06 1.74
N LYS A 1283 -8.14 -6.88 2.79
CA LYS A 1283 -8.65 -6.42 4.07
C LYS A 1283 -7.84 -5.25 4.59
N ILE A 1284 -6.54 -5.48 4.79
CA ILE A 1284 -5.65 -4.46 5.34
C ILE A 1284 -5.00 -3.61 4.26
N HIS A 1285 -5.31 -3.87 2.99
CA HIS A 1285 -4.80 -3.09 1.87
C HIS A 1285 -3.27 -2.99 1.90
N ALA A 1286 -2.61 -4.14 2.06
CA ALA A 1286 -1.16 -4.11 2.17
C ALA A 1286 -0.57 -5.45 1.72
N TYR A 1287 0.70 -5.41 1.32
CA TYR A 1287 1.37 -6.63 0.90
C TYR A 1287 1.84 -7.41 2.13
N VAL A 1288 1.69 -8.73 2.06
CA VAL A 1288 1.98 -9.65 3.14
C VAL A 1288 2.95 -10.70 2.63
N ASP A 1289 3.96 -11.01 3.43
CA ASP A 1289 4.96 -12.01 3.06
C ASP A 1289 4.37 -13.41 3.08
N TYR A 1290 4.79 -14.23 2.13
CA TYR A 1290 4.44 -15.64 2.16
C TYR A 1290 4.87 -16.24 3.50
N PRO A 1291 3.99 -16.91 4.23
CA PRO A 1291 4.45 -17.69 5.38
C PRO A 1291 5.54 -18.66 4.94
N ILE A 1292 6.54 -18.87 5.80
CA ILE A 1292 7.61 -19.79 5.46
C ILE A 1292 7.05 -21.18 5.16
N TYR A 1293 5.96 -21.56 5.85
CA TYR A 1293 5.37 -22.89 5.67
C TYR A 1293 4.89 -23.07 4.23
N ASP A 1294 4.26 -22.04 3.67
CA ASP A 1294 3.85 -22.11 2.27
C ASP A 1294 5.05 -22.26 1.36
N VAL A 1295 6.14 -21.54 1.65
CA VAL A 1295 7.33 -21.60 0.80
C VAL A 1295 7.92 -23.01 0.81
N LEU A 1296 8.02 -23.61 2.01
CA LEU A 1296 8.51 -24.98 2.12
C LEU A 1296 7.63 -25.94 1.33
N GLN A 1297 6.30 -25.79 1.44
CA GLN A 1297 5.39 -26.65 0.67
C GLN A 1297 5.62 -26.50 -0.84
N MET A 1298 5.74 -25.26 -1.31
CA MET A 1298 6.01 -25.01 -2.72
C MET A 1298 7.33 -25.65 -3.16
N VAL A 1299 8.40 -25.40 -2.42
CA VAL A 1299 9.68 -26.03 -2.72
C VAL A 1299 9.54 -27.55 -2.78
N GLY A 1300 8.72 -28.11 -1.88
CA GLY A 1300 8.47 -29.53 -1.89
C GLY A 1300 7.82 -30.04 -3.16
N HIS A 1301 7.12 -29.17 -3.89
CA HIS A 1301 6.62 -29.66 -5.18
C HIS A 1301 7.73 -29.99 -6.20
N ALA A 1302 8.99 -29.63 -5.94
CA ALA A 1302 10.08 -29.92 -6.88
C ALA A 1302 10.77 -31.20 -6.42
N ASN A 1303 10.15 -32.34 -6.76
CA ASN A 1303 10.60 -33.63 -6.24
C ASN A 1303 9.83 -34.75 -6.93
N ARG A 1304 10.50 -35.50 -7.81
CA ARG A 1304 9.89 -36.62 -8.52
C ARG A 1304 10.79 -37.83 -8.31
N PRO A 1305 10.54 -38.61 -7.25
CA PRO A 1305 11.50 -39.67 -6.86
C PRO A 1305 11.70 -40.74 -7.91
N LEU A 1306 10.65 -41.09 -8.66
CA LEU A 1306 10.74 -42.17 -9.63
C LEU A 1306 11.10 -41.68 -11.02
N GLN A 1307 11.24 -40.36 -11.21
CA GLN A 1307 11.44 -39.80 -12.55
C GLN A 1307 12.73 -39.02 -12.70
N ASP A 1308 13.17 -38.29 -11.68
CA ASP A 1308 14.28 -37.36 -11.81
C ASP A 1308 15.43 -37.72 -10.88
N ASP A 1309 16.65 -37.41 -11.32
CA ASP A 1309 17.84 -37.56 -10.49
C ASP A 1309 17.99 -36.45 -9.46
N GLU A 1310 17.16 -35.40 -9.56
CA GLU A 1310 17.25 -34.24 -8.69
C GLU A 1310 16.01 -33.38 -8.92
N GLY A 1311 15.80 -32.45 -8.01
CA GLY A 1311 14.80 -31.41 -8.17
C GLY A 1311 15.49 -30.06 -8.12
N ARG A 1312 14.89 -29.09 -8.80
CA ARG A 1312 15.44 -27.74 -8.80
C ARG A 1312 14.36 -26.73 -8.49
N CYS A 1313 14.78 -25.64 -7.84
CA CYS A 1313 13.83 -24.62 -7.43
C CYS A 1313 14.51 -23.26 -7.49
N VAL A 1314 13.83 -22.30 -8.08
CA VAL A 1314 14.32 -20.94 -8.20
C VAL A 1314 13.34 -20.07 -7.45
N ILE A 1315 13.78 -19.50 -6.33
CA ILE A 1315 12.98 -18.53 -5.60
C ILE A 1315 13.40 -17.14 -6.05
N MET A 1316 12.47 -16.42 -6.67
CA MET A 1316 12.66 -15.04 -7.07
C MET A 1316 11.96 -14.17 -6.04
N CYS A 1317 12.72 -13.36 -5.32
CA CYS A 1317 12.17 -12.57 -4.22
C CYS A 1317 12.75 -11.18 -4.25
N GLN A 1318 12.17 -10.31 -3.44
CA GLN A 1318 12.77 -9.00 -3.24
C GLN A 1318 14.11 -9.18 -2.56
N GLY A 1319 15.07 -8.31 -2.90
CA GLY A 1319 16.41 -8.44 -2.33
C GLY A 1319 16.41 -8.40 -0.81
N SER A 1320 15.55 -7.56 -0.22
CA SER A 1320 15.45 -7.40 1.23
C SER A 1320 15.29 -8.72 1.95
N LYS A 1321 14.77 -9.73 1.28
CA LYS A 1321 14.41 -10.99 1.92
C LYS A 1321 15.32 -12.15 1.53
N LYS A 1322 16.23 -11.94 0.59
CA LYS A 1322 17.07 -13.04 0.11
C LYS A 1322 17.76 -13.75 1.28
N ASP A 1323 18.49 -12.99 2.11
CA ASP A 1323 19.23 -13.62 3.19
C ASP A 1323 18.31 -14.36 4.16
N PHE A 1324 17.13 -13.79 4.43
CA PHE A 1324 16.17 -14.48 5.30
C PHE A 1324 15.90 -15.89 4.77
N PHE A 1325 15.61 -15.99 3.46
CA PHE A 1325 15.29 -17.29 2.91
C PHE A 1325 16.49 -18.23 3.00
N LYS A 1326 17.70 -17.70 2.77
CA LYS A 1326 18.88 -18.56 2.88
C LYS A 1326 18.98 -19.13 4.29
N LYS A 1327 18.63 -18.33 5.28
CA LYS A 1327 18.76 -18.78 6.66
C LYS A 1327 17.67 -19.79 7.00
N PHE A 1328 16.50 -19.69 6.39
CA PHE A 1328 15.40 -20.52 6.86
C PHE A 1328 14.97 -21.57 5.84
N LEU A 1329 15.75 -21.72 4.76
CA LEU A 1329 15.57 -22.81 3.82
C LEU A 1329 16.77 -23.75 3.76
N TYR A 1330 18.00 -23.24 3.85
CA TYR A 1330 19.17 -24.12 3.90
C TYR A 1330 19.35 -24.81 5.25
N GLU A 1331 18.88 -24.19 6.34
CA GLU A 1331 18.91 -24.73 7.69
C GLU A 1331 17.53 -25.24 8.10
N PRO A 1332 17.46 -26.08 9.12
CA PRO A 1332 16.14 -26.50 9.64
C PRO A 1332 15.46 -25.38 10.41
N LEU A 1333 14.16 -25.54 10.61
CA LEU A 1333 13.28 -24.46 11.02
C LEU A 1333 13.08 -24.42 12.52
N PRO A 1334 13.26 -23.28 13.18
CA PRO A 1334 12.81 -23.13 14.57
C PRO A 1334 11.32 -22.82 14.62
N VAL A 1335 10.60 -23.54 15.46
CA VAL A 1335 9.17 -23.30 15.60
C VAL A 1335 8.86 -22.95 17.06
N GLU A 1336 7.80 -22.16 17.22
CA GLU A 1336 7.39 -21.64 18.51
C GLU A 1336 5.89 -21.81 18.67
N SER A 1337 5.43 -21.77 19.91
CA SER A 1337 4.00 -21.79 20.18
C SER A 1337 3.44 -20.38 20.15
N HIS A 1338 2.16 -20.27 19.78
CA HIS A 1338 1.45 -19.03 20.01
C HIS A 1338 0.15 -19.27 20.76
N LEU A 1339 0.07 -20.40 21.46
CA LEU A 1339 -1.11 -20.76 22.23
C LEU A 1339 -1.44 -19.69 23.26
N ASP A 1340 -0.43 -18.99 23.80
CA ASP A 1340 -0.67 -17.96 24.81
C ASP A 1340 -1.48 -16.78 24.29
N HIS A 1341 -1.67 -16.67 22.97
CA HIS A 1341 -2.54 -15.67 22.38
C HIS A 1341 -3.92 -16.20 22.04
N CYS A 1342 -4.11 -17.53 22.07
CA CYS A 1342 -5.36 -18.18 21.68
C CYS A 1342 -5.91 -19.01 22.84
N MET A 1343 -5.86 -18.46 24.06
CA MET A 1343 -6.05 -19.28 25.24
C MET A 1343 -7.52 -19.52 25.57
N HIS A 1344 -8.37 -18.52 25.38
CA HIS A 1344 -9.66 -18.46 26.09
C HIS A 1344 -10.59 -19.63 25.73
N ASP A 1345 -10.78 -19.90 24.43
CA ASP A 1345 -11.75 -20.92 24.02
C ASP A 1345 -11.39 -22.28 24.59
N HIS A 1346 -10.10 -22.57 24.73
CA HIS A 1346 -9.66 -23.85 25.27
C HIS A 1346 -9.81 -23.90 26.79
N PHE A 1347 -9.46 -22.83 27.51
CA PHE A 1347 -9.76 -22.80 28.94
C PHE A 1347 -11.25 -23.01 29.17
N ASN A 1348 -12.08 -22.38 28.35
CA ASN A 1348 -13.53 -22.53 28.50
C ASN A 1348 -13.94 -23.97 28.29
N ALA A 1349 -13.49 -24.58 27.19
CA ALA A 1349 -13.80 -25.99 26.96
C ALA A 1349 -13.38 -26.85 28.14
N GLU A 1350 -12.18 -26.63 28.66
CA GLU A 1350 -11.65 -27.49 29.73
C GLU A 1350 -12.27 -27.20 31.08
N ILE A 1351 -12.88 -26.04 31.28
CA ILE A 1351 -13.71 -25.81 32.45
C ILE A 1351 -15.08 -26.48 32.28
N VAL A 1352 -15.56 -26.59 31.05
CA VAL A 1352 -16.84 -27.27 30.81
C VAL A 1352 -16.71 -28.77 31.04
N THR A 1353 -15.59 -29.37 30.62
CA THR A 1353 -15.38 -30.80 30.82
C THR A 1353 -14.80 -31.12 32.18
N LYS A 1354 -14.74 -30.12 33.08
CA LYS A 1354 -14.29 -30.29 34.46
C LYS A 1354 -12.86 -30.82 34.56
N THR A 1355 -12.05 -30.63 33.52
CA THR A 1355 -10.62 -30.89 33.63
C THR A 1355 -9.92 -29.78 34.41
N ILE A 1356 -10.31 -28.54 34.17
CA ILE A 1356 -9.82 -27.41 34.96
C ILE A 1356 -10.93 -27.01 35.92
N GLU A 1357 -10.71 -27.24 37.22
CA GLU A 1357 -11.67 -26.81 38.23
C GLU A 1357 -11.18 -25.67 39.09
N ASN A 1358 -9.92 -25.28 38.98
CA ASN A 1358 -9.37 -24.16 39.75
C ASN A 1358 -8.11 -23.68 39.04
N LYS A 1359 -7.55 -22.58 39.55
CA LYS A 1359 -6.42 -21.94 38.88
C LYS A 1359 -5.19 -22.84 38.89
N GLN A 1360 -4.98 -23.59 39.97
CA GLN A 1360 -3.88 -24.55 39.99
C GLN A 1360 -4.05 -25.60 38.90
N ASP A 1361 -5.29 -26.06 38.68
CA ASP A 1361 -5.54 -26.99 37.59
C ASP A 1361 -5.12 -26.39 36.26
N ALA A 1362 -5.34 -25.09 36.07
CA ALA A 1362 -4.98 -24.43 34.81
C ALA A 1362 -3.47 -24.36 34.63
N VAL A 1363 -2.72 -24.07 35.70
CA VAL A 1363 -1.26 -24.11 35.58
C VAL A 1363 -0.78 -25.52 35.24
N ASP A 1364 -1.32 -26.52 35.94
CA ASP A 1364 -0.94 -27.90 35.66
C ASP A 1364 -1.27 -28.30 34.23
N TYR A 1365 -2.41 -27.81 33.71
CA TYR A 1365 -2.81 -28.09 32.34
C TYR A 1365 -1.84 -27.47 31.36
N LEU A 1366 -1.43 -26.22 31.61
CA LEU A 1366 -0.42 -25.59 30.75
C LEU A 1366 0.84 -26.42 30.69
N THR A 1367 1.22 -27.05 31.82
CA THR A 1367 2.45 -27.85 31.82
C THR A 1367 2.47 -28.97 30.77
N TRP A 1368 1.35 -29.26 30.11
CA TRP A 1368 1.29 -30.30 29.09
C TRP A 1368 1.59 -29.80 27.69
N THR A 1369 1.87 -28.51 27.51
CA THR A 1369 1.87 -27.90 26.19
C THR A 1369 3.27 -27.71 25.64
N PHE A 1370 3.35 -27.59 24.31
CA PHE A 1370 4.59 -27.21 23.66
C PHE A 1370 5.02 -25.81 24.10
N LEU A 1371 4.05 -24.92 24.27
CA LEU A 1371 4.32 -23.59 24.83
C LEU A 1371 5.15 -23.66 26.09
N TYR A 1372 4.75 -24.52 27.03
CA TYR A 1372 5.43 -24.63 28.31
C TYR A 1372 6.90 -25.01 28.12
N ARG A 1373 7.16 -26.04 27.32
CA ARG A 1373 8.54 -26.44 27.05
C ARG A 1373 9.34 -25.31 26.39
N ARG A 1374 8.76 -24.64 25.39
CA ARG A 1374 9.51 -23.59 24.71
C ARG A 1374 9.75 -22.36 25.59
N MET A 1375 8.97 -22.19 26.67
CA MET A 1375 9.17 -21.04 27.54
C MET A 1375 10.52 -21.05 28.23
N THR A 1376 11.10 -22.23 28.48
CA THR A 1376 12.42 -22.27 29.09
C THR A 1376 13.55 -22.27 28.07
N GLN A 1377 13.27 -22.72 26.84
CA GLN A 1377 14.29 -22.72 25.80
C GLN A 1377 14.47 -21.35 25.18
N ASN A 1378 13.45 -20.50 25.21
CA ASN A 1378 13.50 -19.20 24.54
C ASN A 1378 12.65 -18.20 25.31
N PRO A 1379 13.05 -17.87 26.54
CA PRO A 1379 12.18 -17.06 27.41
C PRO A 1379 11.76 -15.73 26.80
N ASN A 1380 12.69 -15.00 26.18
CA ASN A 1380 12.38 -13.67 25.66
C ASN A 1380 11.27 -13.71 24.62
N TYR A 1381 11.18 -14.79 23.83
CA TYR A 1381 10.12 -14.87 22.82
C TYR A 1381 8.75 -14.77 23.46
N TYR A 1382 8.60 -15.26 24.69
CA TYR A 1382 7.32 -15.26 25.38
C TYR A 1382 7.23 -14.17 26.43
N ASN A 1383 8.13 -13.18 26.36
CA ASN A 1383 8.18 -12.07 27.31
C ASN A 1383 8.44 -12.55 28.73
N LEU A 1384 9.22 -13.61 28.89
CA LEU A 1384 9.79 -13.97 30.18
C LEU A 1384 11.17 -13.34 30.30
N GLN A 1385 11.53 -12.98 31.52
CA GLN A 1385 12.85 -12.40 31.76
C GLN A 1385 13.88 -13.43 32.19
N GLY A 1386 13.45 -14.58 32.71
CA GLY A 1386 14.39 -15.61 33.13
C GLY A 1386 13.71 -16.97 33.10
N ILE A 1387 14.50 -18.00 33.38
CA ILE A 1387 14.01 -19.38 33.31
C ILE A 1387 13.95 -20.04 34.68
N SER A 1388 14.07 -19.28 35.76
CA SER A 1388 13.87 -19.84 37.09
C SER A 1388 12.47 -20.43 37.21
N HIS A 1389 12.35 -21.52 37.96
CA HIS A 1389 11.04 -22.12 38.19
C HIS A 1389 10.05 -21.08 38.70
N ARG A 1390 10.51 -20.17 39.55
CA ARG A 1390 9.67 -19.08 40.01
C ARG A 1390 9.25 -18.18 38.85
N HIS A 1391 10.17 -17.85 37.95
CA HIS A 1391 9.84 -16.98 36.82
C HIS A 1391 8.67 -17.52 36.03
N LEU A 1392 8.77 -18.78 35.58
CA LEU A 1392 7.71 -19.30 34.75
C LEU A 1392 6.48 -19.69 35.56
N SER A 1393 6.62 -19.95 36.87
CA SER A 1393 5.43 -20.07 37.71
C SER A 1393 4.63 -18.78 37.73
N ASP A 1394 5.30 -17.65 37.95
CA ASP A 1394 4.62 -16.37 37.90
C ASP A 1394 4.02 -16.13 36.52
N HIS A 1395 4.77 -16.45 35.46
CA HIS A 1395 4.29 -16.17 34.12
C HIS A 1395 3.02 -16.95 33.82
N LEU A 1396 3.03 -18.25 34.12
CA LEU A 1396 1.86 -19.09 33.92
C LEU A 1396 0.69 -18.62 34.78
N SER A 1397 0.98 -18.15 36.00
CA SER A 1397 -0.10 -17.64 36.85
C SER A 1397 -0.73 -16.40 36.27
N GLU A 1398 0.09 -15.48 35.75
CA GLU A 1398 -0.45 -14.25 35.18
C GLU A 1398 -1.31 -14.56 33.96
N LEU A 1399 -0.82 -15.48 33.11
CA LEU A 1399 -1.57 -15.86 31.93
C LEU A 1399 -2.91 -16.50 32.31
N VAL A 1400 -2.87 -17.41 33.28
CA VAL A 1400 -4.09 -18.06 33.78
C VAL A 1400 -5.06 -17.01 34.35
N GLU A 1401 -4.53 -16.07 35.14
CA GLU A 1401 -5.37 -15.06 35.78
C GLU A 1401 -6.07 -14.20 34.75
N GLN A 1402 -5.32 -13.72 33.74
CA GLN A 1402 -5.91 -12.88 32.71
C GLN A 1402 -6.97 -13.63 31.92
N THR A 1403 -6.70 -14.90 31.57
CA THR A 1403 -7.65 -15.65 30.77
C THR A 1403 -8.93 -15.95 31.54
N LEU A 1404 -8.81 -16.38 32.80
CA LEU A 1404 -10.01 -16.65 33.58
C LEU A 1404 -10.78 -15.38 33.89
N SER A 1405 -10.08 -14.25 34.04
CA SER A 1405 -10.77 -12.97 34.22
C SER A 1405 -11.57 -12.58 32.98
N ASP A 1406 -10.97 -12.75 31.80
CA ASP A 1406 -11.74 -12.46 30.58
C ASP A 1406 -12.94 -13.38 30.45
N LEU A 1407 -12.76 -14.67 30.74
CA LEU A 1407 -13.88 -15.60 30.64
C LEU A 1407 -14.99 -15.24 31.62
N GLU A 1408 -14.63 -14.92 32.86
CA GLU A 1408 -15.64 -14.61 33.86
C GLU A 1408 -16.35 -13.30 33.54
N GLN A 1409 -15.63 -12.32 32.99
CA GLN A 1409 -16.27 -11.09 32.56
C GLN A 1409 -17.28 -11.36 31.44
N SER A 1410 -16.95 -12.29 30.54
CA SER A 1410 -17.86 -12.67 29.47
C SER A 1410 -19.04 -13.49 29.96
N LYS A 1411 -19.12 -13.77 31.26
CA LYS A 1411 -20.18 -14.62 31.81
C LYS A 1411 -20.16 -16.01 31.20
N CYS A 1412 -18.98 -16.51 30.85
CA CYS A 1412 -18.84 -17.90 30.43
C CYS A 1412 -18.58 -18.83 31.59
N ILE A 1413 -17.93 -18.32 32.64
CA ILE A 1413 -17.54 -19.10 33.80
C ILE A 1413 -17.77 -18.27 35.05
N SER A 1414 -17.86 -18.95 36.19
CA SER A 1414 -17.93 -18.33 37.49
C SER A 1414 -16.63 -18.58 38.25
N ILE A 1415 -16.18 -17.56 38.98
CA ILE A 1415 -14.99 -17.65 39.82
C ILE A 1415 -15.40 -17.35 41.25
N GLU A 1416 -15.31 -18.37 42.10
CA GLU A 1416 -15.65 -18.27 43.51
C GLU A 1416 -14.39 -18.31 44.36
N ASP A 1417 -14.32 -17.40 45.34
CA ASP A 1417 -13.20 -17.28 46.26
C ASP A 1417 -11.88 -17.06 45.54
N GLU A 1418 -11.94 -16.50 44.33
CA GLU A 1418 -10.77 -16.18 43.51
C GLU A 1418 -9.90 -17.40 43.26
N MET A 1419 -10.47 -18.60 43.35
CA MET A 1419 -9.69 -19.82 43.19
C MET A 1419 -10.46 -20.85 42.38
N ASP A 1420 -11.75 -20.98 42.63
CA ASP A 1420 -12.54 -22.05 42.02
C ASP A 1420 -13.28 -21.52 40.80
N VAL A 1421 -13.25 -22.30 39.72
CA VAL A 1421 -13.89 -21.91 38.47
C VAL A 1421 -14.90 -22.99 38.10
N ALA A 1422 -16.03 -22.54 37.54
CA ALA A 1422 -17.11 -23.45 37.18
C ALA A 1422 -17.77 -22.97 35.89
N PRO A 1423 -18.19 -23.89 35.02
CA PRO A 1423 -18.77 -23.47 33.73
C PRO A 1423 -20.16 -22.88 33.91
N LEU A 1424 -20.40 -21.72 33.32
CA LEU A 1424 -21.75 -21.22 33.16
C LEU A 1424 -22.37 -21.75 31.87
N ASN A 1425 -23.70 -21.61 31.76
CA ASN A 1425 -24.38 -22.18 30.61
C ASN A 1425 -23.90 -21.53 29.31
N LEU A 1426 -23.61 -20.22 29.35
CA LEU A 1426 -23.04 -19.56 28.19
C LEU A 1426 -21.73 -20.22 27.75
N GLY A 1427 -20.86 -20.51 28.72
CA GLY A 1427 -19.62 -21.20 28.38
C GLY A 1427 -19.87 -22.62 27.90
N MET A 1428 -20.86 -23.29 28.48
CA MET A 1428 -21.19 -24.64 28.04
C MET A 1428 -21.65 -24.67 26.60
N ILE A 1429 -22.38 -23.62 26.17
CA ILE A 1429 -22.83 -23.53 24.80
C ILE A 1429 -21.68 -23.19 23.87
N ALA A 1430 -20.88 -22.19 24.23
CA ALA A 1430 -19.68 -21.88 23.45
C ALA A 1430 -18.83 -23.11 23.22
N ALA A 1431 -18.67 -23.95 24.25
CA ALA A 1431 -17.84 -25.14 24.12
C ALA A 1431 -18.52 -26.26 23.35
N TYR A 1432 -19.84 -26.41 23.49
CA TYR A 1432 -20.51 -27.52 22.84
C TYR A 1432 -20.52 -27.35 21.32
N TYR A 1433 -20.77 -26.15 20.83
CA TYR A 1433 -20.82 -25.89 19.39
C TYR A 1433 -19.52 -25.35 18.83
N TYR A 1434 -18.46 -25.27 19.64
CA TYR A 1434 -17.16 -24.82 19.17
C TYR A 1434 -17.25 -23.38 18.65
N ILE A 1435 -17.82 -22.52 19.48
CA ILE A 1435 -18.03 -21.11 19.16
C ILE A 1435 -17.07 -20.28 19.99
N ASN A 1436 -16.51 -19.24 19.36
CA ASN A 1436 -15.65 -18.29 20.06
C ASN A 1436 -16.43 -17.64 21.20
N TYR A 1437 -15.79 -17.57 22.38
CA TYR A 1437 -16.50 -17.04 23.55
C TYR A 1437 -16.98 -15.60 23.31
N THR A 1438 -16.23 -14.83 22.51
CA THR A 1438 -16.66 -13.48 22.16
C THR A 1438 -17.92 -13.49 21.31
N THR A 1439 -18.00 -14.42 20.35
CA THR A 1439 -19.22 -14.60 19.56
C THR A 1439 -20.42 -14.87 20.47
N ILE A 1440 -20.26 -15.78 21.42
CA ILE A 1440 -21.37 -16.14 22.30
C ILE A 1440 -21.72 -14.97 23.22
N GLU A 1441 -20.73 -14.15 23.60
CA GLU A 1441 -21.03 -12.97 24.40
C GLU A 1441 -21.87 -11.97 23.61
N LEU A 1442 -21.45 -11.68 22.38
CA LEU A 1442 -22.24 -10.81 21.51
C LEU A 1442 -23.66 -11.33 21.33
N PHE A 1443 -23.81 -12.64 21.11
CA PHE A 1443 -25.13 -13.23 21.01
C PHE A 1443 -25.94 -13.00 22.29
N SER A 1444 -25.32 -13.25 23.45
CA SER A 1444 -26.02 -13.09 24.72
C SER A 1444 -26.47 -11.65 24.94
N MET A 1445 -25.74 -10.70 24.38
CA MET A 1445 -26.14 -9.30 24.48
C MET A 1445 -27.29 -8.97 23.54
N SER A 1446 -27.20 -9.39 22.27
CA SER A 1446 -28.10 -8.86 21.25
C SER A 1446 -29.49 -9.50 21.25
N LEU A 1447 -29.64 -10.72 21.76
CA LEU A 1447 -30.77 -11.55 21.38
C LEU A 1447 -32.06 -11.17 22.12
N ASN A 1448 -32.04 -11.25 23.46
CA ASN A 1448 -33.23 -11.17 24.32
C ASN A 1448 -34.43 -11.94 23.75
N ALA A 1449 -35.61 -11.33 23.74
CA ALA A 1449 -36.84 -12.08 23.49
C ALA A 1449 -37.66 -11.61 22.29
N LYS A 1450 -37.18 -10.65 21.50
CA LYS A 1450 -37.93 -10.25 20.31
C LYS A 1450 -37.05 -9.53 19.28
N THR A 1451 -36.26 -10.28 18.54
CA THR A 1451 -35.47 -9.76 17.44
C THR A 1451 -35.88 -10.49 16.16
N LYS A 1452 -35.82 -9.77 15.04
CA LYS A 1452 -36.27 -10.34 13.77
C LYS A 1452 -35.32 -11.42 13.29
N VAL A 1453 -35.85 -12.27 12.40
CA VAL A 1453 -35.00 -13.22 11.69
C VAL A 1453 -33.88 -12.50 10.96
N ARG A 1454 -34.18 -11.28 10.46
CA ARG A 1454 -33.16 -10.46 9.81
C ARG A 1454 -32.06 -10.08 10.80
N GLY A 1455 -32.44 -9.68 12.01
CA GLY A 1455 -31.44 -9.41 13.04
C GLY A 1455 -30.60 -10.63 13.36
N LEU A 1456 -31.22 -11.82 13.34
CA LEU A 1456 -30.45 -13.04 13.50
C LEU A 1456 -29.40 -13.17 12.40
N ILE A 1457 -29.82 -12.97 11.15
CA ILE A 1457 -28.86 -13.04 10.04
C ILE A 1457 -27.71 -12.08 10.26
N GLU A 1458 -28.02 -10.88 10.74
CA GLU A 1458 -26.96 -9.87 10.88
C GLU A 1458 -26.00 -10.22 12.02
N ILE A 1459 -26.54 -10.52 13.20
CA ILE A 1459 -25.66 -10.85 14.33
C ILE A 1459 -24.82 -12.08 14.00
N ILE A 1460 -25.41 -13.06 13.30
CA ILE A 1460 -24.66 -14.24 12.90
C ILE A 1460 -23.54 -13.85 11.94
N SER A 1461 -23.81 -12.94 11.01
CA SER A 1461 -22.77 -12.49 10.10
C SER A 1461 -21.65 -11.78 10.86
N ASN A 1462 -22.01 -11.02 11.90
CA ASN A 1462 -21.01 -10.35 12.74
C ASN A 1462 -20.69 -11.27 13.91
N ALA A 1463 -19.87 -12.27 13.61
CA ALA A 1463 -19.38 -13.22 14.59
C ALA A 1463 -17.92 -13.48 14.26
N ALA A 1464 -17.11 -13.66 15.30
CA ALA A 1464 -15.67 -13.72 15.14
C ALA A 1464 -15.27 -14.71 14.06
N GLU A 1465 -16.09 -15.73 13.82
CA GLU A 1465 -15.74 -16.82 12.91
C GLU A 1465 -15.77 -16.43 11.43
N TYR A 1466 -16.15 -15.20 11.08
CA TYR A 1466 -16.38 -14.86 9.68
C TYR A 1466 -15.39 -13.84 9.13
N GLU A 1467 -14.18 -13.75 9.68
CA GLU A 1467 -13.17 -12.84 9.14
C GLU A 1467 -12.17 -13.68 8.35
N ASN A 1468 -12.45 -13.84 7.05
CA ASN A 1468 -11.60 -14.72 6.23
C ASN A 1468 -11.24 -14.10 4.89
N ILE A 1469 -12.14 -14.15 3.92
CA ILE A 1469 -11.79 -13.95 2.52
C ILE A 1469 -11.99 -12.47 2.17
N PRO A 1470 -10.93 -11.76 1.73
CA PRO A 1470 -11.05 -10.32 1.49
C PRO A 1470 -10.93 -9.94 0.02
N ILE A 1471 -11.29 -10.83 -0.89
CA ILE A 1471 -10.95 -10.65 -2.30
C ILE A 1471 -11.71 -9.48 -2.91
N ARG A 1472 -12.97 -9.28 -2.54
CA ARG A 1472 -13.87 -8.39 -3.27
C ARG A 1472 -14.13 -7.09 -2.52
N HIS A 1473 -13.89 -5.97 -3.20
CA HIS A 1473 -14.48 -4.68 -2.88
C HIS A 1473 -15.34 -4.15 -4.02
N HIS A 1474 -15.26 -4.76 -5.21
CA HIS A 1474 -16.07 -4.32 -6.34
C HIS A 1474 -17.53 -4.72 -6.18
N GLU A 1475 -17.78 -5.93 -5.69
CA GLU A 1475 -19.14 -6.43 -5.59
C GLU A 1475 -19.96 -5.74 -4.51
N ASP A 1476 -19.37 -4.81 -3.75
CA ASP A 1476 -20.08 -4.14 -2.68
C ASP A 1476 -21.39 -3.52 -3.17
N ASN A 1477 -21.32 -2.75 -4.27
CA ASN A 1477 -22.53 -2.13 -4.80
C ASN A 1477 -23.58 -3.17 -5.14
N LEU A 1478 -23.17 -4.34 -5.66
CA LEU A 1478 -24.12 -5.42 -5.90
C LEU A 1478 -24.90 -5.73 -4.64
N LEU A 1479 -24.20 -5.93 -3.53
CA LEU A 1479 -24.85 -6.19 -2.24
C LEU A 1479 -25.79 -5.05 -1.88
N ARG A 1480 -25.41 -3.81 -2.21
CA ARG A 1480 -26.32 -2.68 -2.01
C ARG A 1480 -27.65 -2.97 -2.68
N GLN A 1481 -27.61 -3.26 -3.99
CA GLN A 1481 -28.84 -3.56 -4.71
C GLN A 1481 -29.43 -4.91 -4.31
N LEU A 1482 -28.68 -5.73 -3.57
CA LEU A 1482 -29.28 -6.90 -2.96
C LEU A 1482 -30.23 -6.51 -1.83
N ALA A 1483 -29.88 -5.48 -1.06
CA ALA A 1483 -30.70 -5.10 0.09
C ALA A 1483 -32.13 -4.77 -0.31
N GLN A 1484 -32.33 -4.27 -1.53
CA GLN A 1484 -33.68 -4.01 -2.02
C GLN A 1484 -34.38 -5.30 -2.43
N LYS A 1485 -33.65 -6.21 -3.07
CA LYS A 1485 -34.27 -7.45 -3.53
C LYS A 1485 -34.58 -8.39 -2.36
N VAL A 1486 -33.67 -8.48 -1.40
CA VAL A 1486 -33.80 -9.43 -0.30
C VAL A 1486 -34.90 -8.98 0.66
N PRO A 1487 -35.56 -9.90 1.36
CA PRO A 1487 -36.48 -9.48 2.43
C PRO A 1487 -35.78 -8.79 3.59
N HIS A 1488 -34.46 -8.95 3.72
CA HIS A 1488 -33.69 -8.36 4.82
C HIS A 1488 -33.56 -6.86 4.59
N LYS A 1489 -34.47 -6.09 5.18
CA LYS A 1489 -34.33 -4.64 5.28
C LYS A 1489 -33.49 -4.35 6.52
N LEU A 1490 -32.21 -4.10 6.31
CA LEU A 1490 -31.26 -3.96 7.41
C LEU A 1490 -31.17 -2.51 7.85
N ASN A 1491 -31.22 -2.30 9.17
CA ASN A 1491 -30.94 -1.00 9.74
C ASN A 1491 -29.44 -0.72 9.68
N ASN A 1492 -29.09 0.57 9.72
CA ASN A 1492 -27.72 1.05 9.75
C ASN A 1492 -26.96 0.52 8.54
N PRO A 1493 -27.31 0.95 7.32
CA PRO A 1493 -26.81 0.29 6.10
C PRO A 1493 -25.36 0.64 5.73
N LYS A 1494 -24.46 0.52 6.71
CA LYS A 1494 -23.05 0.64 6.39
C LYS A 1494 -22.58 -0.58 5.60
N PHE A 1495 -21.86 -0.34 4.51
CA PHE A 1495 -21.35 -1.40 3.65
C PHE A 1495 -19.83 -1.35 3.65
N ASN A 1496 -19.20 -2.52 3.70
CA ASN A 1496 -17.74 -2.60 3.83
C ASN A 1496 -17.17 -3.85 3.18
N ASP A 1497 -16.12 -4.41 3.81
CA ASP A 1497 -15.29 -5.45 3.19
C ASP A 1497 -15.51 -6.86 3.73
N PRO A 1498 -15.60 -7.09 5.08
CA PRO A 1498 -15.53 -8.48 5.57
C PRO A 1498 -16.83 -9.12 6.03
N HIS A 1499 -17.44 -8.64 7.12
CA HIS A 1499 -18.56 -9.36 7.70
C HIS A 1499 -19.88 -9.11 6.97
N VAL A 1500 -20.06 -7.93 6.38
CA VAL A 1500 -21.30 -7.67 5.65
C VAL A 1500 -21.32 -8.45 4.34
N LYS A 1501 -20.14 -8.69 3.75
CA LYS A 1501 -20.05 -9.66 2.66
C LYS A 1501 -20.69 -10.97 3.07
N THR A 1502 -20.41 -11.43 4.28
CA THR A 1502 -21.04 -12.64 4.81
C THR A 1502 -22.54 -12.46 4.95
N ASN A 1503 -22.98 -11.34 5.52
CA ASN A 1503 -24.41 -11.10 5.73
C ASN A 1503 -25.19 -11.25 4.43
N LEU A 1504 -24.84 -10.46 3.44
CA LEU A 1504 -25.66 -10.48 2.24
C LEU A 1504 -25.25 -11.58 1.25
N LEU A 1505 -24.12 -12.26 1.48
CA LEU A 1505 -23.88 -13.53 0.78
C LEU A 1505 -24.80 -14.62 1.32
N LEU A 1506 -25.04 -14.61 2.63
CA LEU A 1506 -26.10 -15.42 3.22
C LEU A 1506 -27.43 -15.09 2.59
N GLN A 1507 -27.71 -13.78 2.43
CA GLN A 1507 -28.95 -13.38 1.77
C GLN A 1507 -29.05 -13.96 0.36
N ALA A 1508 -27.96 -13.88 -0.41
CA ALA A 1508 -27.93 -14.47 -1.73
C ALA A 1508 -28.27 -15.96 -1.68
N HIS A 1509 -27.73 -16.68 -0.69
CA HIS A 1509 -28.02 -18.10 -0.58
C HIS A 1509 -29.48 -18.37 -0.26
N LEU A 1510 -30.06 -17.61 0.67
CA LEU A 1510 -31.38 -17.96 1.19
C LEU A 1510 -32.47 -17.76 0.14
N SER A 1511 -32.34 -16.74 -0.70
CA SER A 1511 -33.30 -16.48 -1.77
C SER A 1511 -32.88 -17.12 -3.08
N ARG A 1512 -31.83 -17.94 -3.06
CA ARG A 1512 -31.37 -18.72 -4.22
C ARG A 1512 -30.88 -17.81 -5.35
N MET A 1513 -30.35 -16.64 -5.01
CA MET A 1513 -29.70 -15.81 -6.01
C MET A 1513 -28.39 -16.45 -6.46
N GLN A 1514 -27.84 -15.95 -7.56
CA GLN A 1514 -26.65 -16.52 -8.19
C GLN A 1514 -25.38 -15.79 -7.72
N LEU A 1515 -24.27 -16.50 -7.82
CA LEU A 1515 -22.98 -16.00 -7.35
C LEU A 1515 -21.87 -16.50 -8.29
N SER A 1516 -20.67 -15.97 -8.08
CA SER A 1516 -19.51 -16.33 -8.87
C SER A 1516 -18.77 -17.50 -8.26
N ALA A 1517 -17.75 -17.99 -8.98
CA ALA A 1517 -17.08 -19.22 -8.60
C ALA A 1517 -16.33 -19.07 -7.27
N GLU A 1518 -15.39 -18.12 -7.22
CA GLU A 1518 -14.67 -17.87 -5.97
C GLU A 1518 -15.63 -17.43 -4.87
N LEU A 1519 -16.58 -16.56 -5.19
CA LEU A 1519 -17.61 -16.19 -4.24
C LEU A 1519 -18.37 -17.42 -3.74
N GLN A 1520 -18.58 -18.41 -4.64
CA GLN A 1520 -19.29 -19.63 -4.26
C GLN A 1520 -18.49 -20.44 -3.25
N SER A 1521 -17.18 -20.61 -3.50
CA SER A 1521 -16.34 -21.30 -2.52
C SER A 1521 -16.37 -20.58 -1.18
N ASP A 1522 -16.58 -19.25 -1.19
CA ASP A 1522 -16.72 -18.52 0.07
C ASP A 1522 -18.07 -18.80 0.75
N THR A 1523 -19.16 -18.80 -0.04
CA THR A 1523 -20.48 -19.17 0.48
C THR A 1523 -20.42 -20.48 1.23
N GLU A 1524 -19.65 -21.44 0.71
CA GLU A 1524 -19.60 -22.75 1.35
C GLU A 1524 -19.05 -22.67 2.77
N GLU A 1525 -18.01 -21.87 3.00
CA GLU A 1525 -17.48 -21.72 4.35
C GLU A 1525 -18.48 -21.05 5.28
N ILE A 1526 -19.15 -20.00 4.78
CA ILE A 1526 -20.16 -19.34 5.59
C ILE A 1526 -21.22 -20.34 6.04
N LEU A 1527 -21.74 -21.12 5.09
CA LEU A 1527 -22.75 -22.13 5.44
C LEU A 1527 -22.17 -23.20 6.36
N SER A 1528 -20.85 -23.43 6.31
CA SER A 1528 -20.22 -24.39 7.21
C SER A 1528 -20.35 -23.95 8.66
N LYS A 1529 -20.26 -22.64 8.92
CA LYS A 1529 -20.40 -22.17 10.31
C LYS A 1529 -21.84 -21.85 10.73
N ALA A 1530 -22.74 -21.64 9.75
CA ALA A 1530 -24.05 -21.07 10.02
C ALA A 1530 -24.88 -21.93 11.00
N ILE A 1531 -24.91 -23.25 10.81
CA ILE A 1531 -25.84 -24.06 11.59
C ILE A 1531 -25.43 -24.07 13.06
N ARG A 1532 -24.13 -24.14 13.34
CA ARG A 1532 -23.69 -24.10 14.73
C ARG A 1532 -24.05 -22.77 15.38
N LEU A 1533 -23.83 -21.66 14.68
CA LEU A 1533 -24.21 -20.37 15.28
C LEU A 1533 -25.72 -20.33 15.57
N ILE A 1534 -26.54 -20.77 14.62
CA ILE A 1534 -27.99 -20.78 14.81
C ILE A 1534 -28.37 -21.65 16.02
N GLN A 1535 -27.77 -22.83 16.13
CA GLN A 1535 -28.09 -23.72 17.25
C GLN A 1535 -27.68 -23.11 18.58
N ALA A 1536 -26.58 -22.35 18.61
CA ALA A 1536 -26.22 -21.65 19.82
C ALA A 1536 -27.31 -20.65 20.20
N CYS A 1537 -27.86 -19.93 19.21
CA CYS A 1537 -28.96 -19.02 19.51
C CYS A 1537 -30.17 -19.75 20.08
N VAL A 1538 -30.57 -20.85 19.44
CA VAL A 1538 -31.64 -21.70 19.96
C VAL A 1538 -31.38 -22.06 21.41
N ASP A 1539 -30.12 -22.42 21.71
CA ASP A 1539 -29.77 -22.92 23.03
C ASP A 1539 -29.83 -21.82 24.09
N VAL A 1540 -29.52 -20.58 23.73
CA VAL A 1540 -29.64 -19.51 24.72
C VAL A 1540 -31.12 -19.17 24.95
N LEU A 1541 -31.90 -19.11 23.86
CA LEU A 1541 -33.29 -18.70 23.99
C LEU A 1541 -34.09 -19.69 24.81
N SER A 1542 -33.95 -21.00 24.53
CA SER A 1542 -34.72 -21.99 25.27
C SER A 1542 -34.30 -22.04 26.74
N SER A 1543 -33.02 -21.82 27.04
CA SER A 1543 -32.59 -21.79 28.43
C SER A 1543 -33.27 -20.64 29.18
N ASN A 1544 -33.40 -19.48 28.52
CA ASN A 1544 -34.09 -18.37 29.18
C ASN A 1544 -35.59 -18.59 29.30
N GLY A 1545 -36.16 -19.51 28.52
CA GLY A 1545 -37.57 -19.84 28.61
C GLY A 1545 -38.46 -19.23 27.55
N TRP A 1546 -37.90 -18.46 26.62
CA TRP A 1546 -38.70 -17.82 25.59
C TRP A 1546 -39.10 -18.83 24.52
N LEU A 1547 -40.39 -18.80 24.13
CA LEU A 1547 -40.94 -19.81 23.24
C LEU A 1547 -40.93 -19.38 21.77
N SER A 1548 -41.39 -18.16 21.48
CA SER A 1548 -41.43 -17.70 20.09
C SER A 1548 -40.04 -17.53 19.47
N PRO A 1549 -39.07 -16.86 20.11
CA PRO A 1549 -37.79 -16.62 19.41
C PRO A 1549 -37.02 -17.90 19.10
N ALA A 1550 -37.11 -18.91 19.98
CA ALA A 1550 -36.44 -20.18 19.73
C ALA A 1550 -37.04 -20.90 18.53
N LEU A 1551 -38.38 -20.93 18.44
CA LEU A 1551 -39.01 -21.51 17.26
C LEU A 1551 -38.60 -20.77 16.00
N ALA A 1552 -38.50 -19.44 16.07
CA ALA A 1552 -38.04 -18.69 14.91
C ALA A 1552 -36.60 -19.07 14.52
N ALA A 1553 -35.75 -19.30 15.52
CA ALA A 1553 -34.38 -19.69 15.22
C ALA A 1553 -34.31 -21.07 14.59
N MET A 1554 -35.15 -22.01 15.06
CA MET A 1554 -35.22 -23.33 14.43
C MET A 1554 -35.68 -23.22 12.98
N GLU A 1555 -36.65 -22.35 12.71
CA GLU A 1555 -37.08 -22.15 11.33
C GLU A 1555 -35.98 -21.50 10.50
N LEU A 1556 -35.12 -20.68 11.11
CA LEU A 1556 -33.97 -20.14 10.38
C LEU A 1556 -32.99 -21.24 10.02
N ALA A 1557 -32.76 -22.17 10.95
CA ALA A 1557 -31.98 -23.36 10.60
C ALA A 1557 -32.56 -24.06 9.38
N GLN A 1558 -33.89 -24.20 9.36
CA GLN A 1558 -34.57 -24.79 8.21
C GLN A 1558 -34.28 -24.01 6.94
N MET A 1559 -34.47 -22.68 6.98
CA MET A 1559 -34.28 -21.85 5.80
C MET A 1559 -32.85 -21.90 5.28
N VAL A 1560 -31.88 -22.05 6.18
CA VAL A 1560 -30.50 -22.13 5.73
C VAL A 1560 -30.23 -23.49 5.08
N THR A 1561 -30.76 -24.56 5.68
CA THR A 1561 -30.57 -25.89 5.10
C THR A 1561 -31.17 -25.97 3.70
N GLN A 1562 -32.41 -25.50 3.53
CA GLN A 1562 -33.12 -25.69 2.28
C GLN A 1562 -32.99 -24.52 1.31
N ALA A 1563 -32.44 -23.39 1.75
CA ALA A 1563 -32.33 -22.16 0.95
C ALA A 1563 -33.71 -21.68 0.51
N MET A 1564 -34.57 -21.43 1.49
CA MET A 1564 -35.91 -20.91 1.24
C MET A 1564 -36.22 -19.85 2.29
N TRP A 1565 -37.51 -19.62 2.53
CA TRP A 1565 -37.98 -18.65 3.51
C TRP A 1565 -39.16 -19.25 4.26
N SER A 1566 -39.66 -18.52 5.26
CA SER A 1566 -40.71 -19.05 6.11
C SER A 1566 -42.03 -19.16 5.34
N LYS A 1567 -42.46 -18.05 4.72
CA LYS A 1567 -43.74 -18.05 4.02
C LYS A 1567 -43.64 -18.59 2.60
N ASP A 1568 -42.44 -18.84 2.09
CA ASP A 1568 -42.29 -19.39 0.75
C ASP A 1568 -42.98 -20.75 0.64
N SER A 1569 -43.11 -21.22 -0.59
CA SER A 1569 -43.78 -22.49 -0.83
C SER A 1569 -42.89 -23.65 -0.39
N TYR A 1570 -43.45 -24.54 0.42
CA TYR A 1570 -42.81 -25.77 0.86
C TYR A 1570 -42.65 -26.79 -0.25
N LEU A 1571 -42.97 -26.35 -1.47
CA LEU A 1571 -42.69 -27.09 -2.69
C LEU A 1571 -41.37 -26.69 -3.31
N LYS A 1572 -40.75 -25.60 -2.84
CA LYS A 1572 -39.45 -25.18 -3.34
C LYS A 1572 -38.33 -26.08 -2.84
N GLN A 1573 -38.62 -27.00 -1.91
CA GLN A 1573 -37.64 -28.00 -1.50
C GLN A 1573 -37.49 -29.11 -2.52
N LEU A 1574 -38.51 -29.31 -3.36
CA LEU A 1574 -38.49 -30.39 -4.34
C LEU A 1574 -37.55 -30.06 -5.50
N PRO A 1575 -36.89 -31.07 -6.07
CA PRO A 1575 -36.01 -30.81 -7.21
C PRO A 1575 -36.81 -30.37 -8.43
N HIS A 1576 -36.21 -29.46 -9.20
CA HIS A 1576 -36.70 -29.02 -10.51
C HIS A 1576 -38.01 -28.25 -10.45
N PHE A 1577 -38.33 -27.63 -9.31
CA PHE A 1577 -39.64 -27.03 -9.06
C PHE A 1577 -39.53 -25.51 -9.15
N THR A 1578 -39.72 -24.97 -10.35
CA THR A 1578 -39.70 -23.52 -10.50
C THR A 1578 -41.05 -22.93 -10.11
N SER A 1579 -41.10 -21.59 -10.08
CA SER A 1579 -42.29 -20.89 -9.60
C SER A 1579 -43.53 -21.24 -10.41
N GLU A 1580 -43.35 -21.56 -11.69
CA GLU A 1580 -44.50 -21.93 -12.50
C GLU A 1580 -45.13 -23.22 -12.00
N HIS A 1581 -44.30 -24.20 -11.61
CA HIS A 1581 -44.83 -25.39 -10.96
C HIS A 1581 -45.58 -25.03 -9.68
N ILE A 1582 -45.16 -23.95 -9.00
CA ILE A 1582 -45.81 -23.55 -7.76
C ILE A 1582 -47.20 -22.98 -8.05
N LYS A 1583 -47.30 -22.11 -9.06
CA LYS A 1583 -48.61 -21.58 -9.43
C LYS A 1583 -49.52 -22.69 -9.93
N ARG A 1584 -48.96 -23.68 -10.63
CA ARG A 1584 -49.78 -24.81 -11.05
C ARG A 1584 -50.28 -25.62 -9.87
N CYS A 1585 -49.38 -25.91 -8.90
CA CYS A 1585 -49.74 -26.72 -7.74
C CYS A 1585 -50.70 -25.99 -6.81
N THR A 1586 -50.72 -24.66 -6.83
CA THR A 1586 -51.69 -23.93 -6.04
C THR A 1586 -53.07 -23.96 -6.67
N ASP A 1587 -53.16 -24.13 -7.98
CA ASP A 1587 -54.44 -24.23 -8.68
C ASP A 1587 -55.07 -25.58 -8.39
N LYS A 1588 -56.19 -25.59 -7.67
CA LYS A 1588 -56.88 -26.81 -7.25
C LYS A 1588 -55.94 -27.71 -6.44
N GLY A 1589 -55.15 -27.10 -5.54
CA GLY A 1589 -54.23 -27.86 -4.73
C GLY A 1589 -53.75 -27.06 -3.54
N VAL A 1590 -53.12 -27.77 -2.61
CA VAL A 1590 -52.53 -27.18 -1.42
C VAL A 1590 -51.04 -27.41 -1.45
N GLU A 1591 -50.28 -26.37 -1.10
CA GLU A 1591 -48.82 -26.48 -1.13
C GLU A 1591 -48.27 -27.38 -0.03
N SER A 1592 -48.16 -28.67 -0.33
CA SER A 1592 -47.62 -29.65 0.61
C SER A 1592 -47.00 -30.78 -0.20
N VAL A 1593 -45.89 -31.34 0.30
CA VAL A 1593 -45.25 -32.43 -0.42
C VAL A 1593 -45.92 -33.76 -0.13
N PHE A 1594 -46.63 -33.88 0.99
CA PHE A 1594 -47.51 -35.04 1.17
C PHE A 1594 -48.65 -35.01 0.16
N ASP A 1595 -49.15 -33.81 -0.17
CA ASP A 1595 -50.11 -33.67 -1.25
C ASP A 1595 -49.55 -34.24 -2.54
N ILE A 1596 -48.30 -33.88 -2.88
CA ILE A 1596 -47.67 -34.45 -4.05
C ILE A 1596 -47.58 -35.97 -3.94
N MET A 1597 -47.24 -36.48 -2.76
CA MET A 1597 -47.07 -37.92 -2.60
C MET A 1597 -48.37 -38.68 -2.77
N GLU A 1598 -49.51 -38.08 -2.40
CA GLU A 1598 -50.75 -38.85 -2.35
C GLU A 1598 -51.41 -39.01 -3.74
N MET A 1599 -51.29 -38.00 -4.59
CA MET A 1599 -51.77 -38.15 -5.96
C MET A 1599 -50.96 -39.22 -6.67
N GLU A 1600 -51.55 -39.81 -7.72
CA GLU A 1600 -50.84 -40.77 -8.54
C GLU A 1600 -50.08 -40.05 -9.65
N ASP A 1601 -48.92 -40.60 -10.02
CA ASP A 1601 -48.01 -39.96 -10.96
C ASP A 1601 -48.67 -39.60 -12.29
N GLU A 1602 -49.89 -40.09 -12.56
CA GLU A 1602 -50.60 -39.63 -13.74
C GLU A 1602 -50.95 -38.15 -13.60
N GLU A 1603 -51.81 -37.83 -12.64
CA GLU A 1603 -52.14 -36.44 -12.36
C GLU A 1603 -50.90 -35.64 -11.95
N ARG A 1604 -50.01 -36.28 -11.17
CA ARG A 1604 -48.76 -35.64 -10.77
C ARG A 1604 -48.00 -35.13 -11.99
N ASN A 1605 -47.66 -36.04 -12.91
CA ASN A 1605 -46.87 -35.65 -14.08
C ASN A 1605 -47.65 -34.72 -15.00
N ALA A 1606 -48.98 -34.87 -15.06
CA ALA A 1606 -49.78 -33.93 -15.84
C ALA A 1606 -49.65 -32.51 -15.29
N LEU A 1607 -49.41 -32.39 -13.98
CA LEU A 1607 -49.18 -31.08 -13.39
C LEU A 1607 -47.73 -30.63 -13.54
N LEU A 1608 -46.78 -31.53 -13.25
CA LEU A 1608 -45.39 -31.13 -13.01
C LEU A 1608 -44.67 -30.76 -14.30
N GLN A 1609 -45.02 -31.38 -15.41
CA GLN A 1609 -44.41 -31.07 -16.72
C GLN A 1609 -42.89 -31.28 -16.68
N LEU A 1610 -42.47 -32.50 -16.34
CA LEU A 1610 -41.07 -32.78 -16.10
C LEU A 1610 -40.67 -34.08 -16.75
N THR A 1611 -39.35 -34.28 -16.84
CA THR A 1611 -38.72 -35.49 -17.33
C THR A 1611 -38.86 -36.61 -16.29
N ASP A 1612 -38.67 -37.85 -16.75
CA ASP A 1612 -38.85 -39.00 -15.87
C ASP A 1612 -37.74 -39.09 -14.82
N SER A 1613 -36.49 -38.80 -15.21
CA SER A 1613 -35.42 -38.78 -14.22
C SER A 1613 -35.65 -37.66 -13.19
N GLN A 1614 -36.24 -36.55 -13.64
CA GLN A 1614 -36.51 -35.45 -12.73
C GLN A 1614 -37.59 -35.82 -11.71
N ILE A 1615 -38.65 -36.51 -12.14
CA ILE A 1615 -39.62 -36.99 -11.17
C ILE A 1615 -39.04 -38.10 -10.31
N ALA A 1616 -38.03 -38.83 -10.79
CA ALA A 1616 -37.34 -39.79 -9.94
C ALA A 1616 -36.61 -39.07 -8.80
N ASP A 1617 -35.93 -37.96 -9.12
CA ASP A 1617 -35.31 -37.15 -8.07
C ASP A 1617 -36.37 -36.61 -7.10
N VAL A 1618 -37.49 -36.13 -7.64
CA VAL A 1618 -38.58 -35.63 -6.80
C VAL A 1618 -39.07 -36.72 -5.84
N ALA A 1619 -39.23 -37.94 -6.34
CA ALA A 1619 -39.71 -39.03 -5.50
C ALA A 1619 -38.66 -39.45 -4.48
N ARG A 1620 -37.37 -39.39 -4.84
CA ARG A 1620 -36.32 -39.65 -3.86
C ARG A 1620 -36.44 -38.68 -2.69
N PHE A 1621 -36.62 -37.40 -2.98
CA PHE A 1621 -36.85 -36.43 -1.91
C PHE A 1621 -38.07 -36.81 -1.10
N CYS A 1622 -39.20 -37.07 -1.77
CA CYS A 1622 -40.45 -37.36 -1.07
C CYS A 1622 -40.33 -38.59 -0.17
N ASN A 1623 -39.49 -39.55 -0.54
CA ASN A 1623 -39.25 -40.69 0.34
C ASN A 1623 -38.31 -40.32 1.48
N ARG A 1624 -37.36 -39.43 1.25
CA ARG A 1624 -36.49 -38.99 2.34
C ARG A 1624 -37.09 -37.86 3.16
N TYR A 1625 -38.20 -37.26 2.71
CA TYR A 1625 -38.88 -36.27 3.53
C TYR A 1625 -39.44 -36.95 4.78
N PRO A 1626 -39.35 -36.31 5.95
CA PRO A 1626 -39.68 -37.00 7.20
C PRO A 1626 -41.17 -37.29 7.31
N ASN A 1627 -41.50 -38.54 7.59
CA ASN A 1627 -42.87 -38.99 7.85
C ASN A 1627 -42.80 -39.91 9.06
N ILE A 1628 -43.44 -39.51 10.16
CA ILE A 1628 -43.24 -40.19 11.44
C ILE A 1628 -44.55 -40.27 12.22
N GLU A 1629 -44.60 -41.26 13.11
CA GLU A 1629 -45.70 -41.43 14.05
C GLU A 1629 -45.36 -40.65 15.33
N LEU A 1630 -46.20 -39.68 15.66
CA LEU A 1630 -46.10 -38.87 16.86
C LEU A 1630 -47.15 -39.30 17.85
N SER A 1631 -46.73 -39.58 19.09
CA SER A 1631 -47.64 -39.97 20.15
C SER A 1631 -47.28 -39.19 21.41
N TYR A 1632 -48.28 -38.61 22.06
CA TYR A 1632 -48.06 -37.84 23.28
C TYR A 1632 -48.81 -38.48 24.44
N GLU A 1633 -48.18 -38.50 25.61
CA GLU A 1633 -48.80 -39.00 26.83
C GLU A 1633 -48.25 -38.19 28.01
N VAL A 1634 -49.03 -38.12 29.08
CA VAL A 1634 -48.62 -37.44 30.31
C VAL A 1634 -48.62 -38.49 31.40
N VAL A 1635 -47.44 -38.80 31.95
CA VAL A 1635 -47.35 -39.92 32.89
C VAL A 1635 -47.97 -39.51 34.22
N ASP A 1636 -48.71 -40.45 34.83
CA ASP A 1636 -49.50 -40.21 36.04
C ASP A 1636 -50.35 -38.95 35.91
N LYS A 1637 -51.12 -38.89 34.81
CA LYS A 1637 -51.99 -37.75 34.58
C LYS A 1637 -53.13 -37.68 35.58
N ASP A 1638 -53.51 -38.83 36.15
CA ASP A 1638 -54.60 -38.86 37.13
C ASP A 1638 -54.20 -38.15 38.43
N SER A 1639 -52.95 -38.29 38.84
CA SER A 1639 -52.47 -37.71 40.10
C SER A 1639 -51.31 -36.76 39.79
N ILE A 1640 -51.64 -35.49 39.56
CA ILE A 1640 -50.67 -34.42 39.41
C ILE A 1640 -50.85 -33.45 40.57
N ARG A 1641 -49.73 -33.00 41.14
CA ARG A 1641 -49.76 -32.08 42.27
C ARG A 1641 -48.82 -30.91 41.98
N SER A 1642 -49.15 -29.77 42.55
CA SER A 1642 -48.36 -28.56 42.35
C SER A 1642 -46.94 -28.77 42.85
N GLY A 1643 -45.98 -28.56 41.96
CA GLY A 1643 -44.58 -28.67 42.25
C GLY A 1643 -43.87 -29.40 41.13
N GLY A 1644 -42.80 -30.10 41.51
CA GLY A 1644 -41.88 -30.71 40.59
C GLY A 1644 -42.40 -31.77 39.63
N PRO A 1645 -43.27 -32.70 40.08
CA PRO A 1645 -43.56 -33.87 39.23
C PRO A 1645 -44.54 -33.62 38.07
N VAL A 1646 -44.03 -33.17 36.92
CA VAL A 1646 -44.80 -33.16 35.67
C VAL A 1646 -43.93 -33.79 34.60
N VAL A 1647 -44.38 -34.92 34.04
CA VAL A 1647 -43.59 -35.70 33.10
C VAL A 1647 -44.41 -35.97 31.85
N VAL A 1648 -43.89 -35.55 30.69
CA VAL A 1648 -44.50 -35.80 29.39
C VAL A 1648 -43.64 -36.80 28.63
N LEU A 1649 -44.30 -37.76 27.99
CA LEU A 1649 -43.65 -38.84 27.25
C LEU A 1649 -44.13 -38.80 25.81
N VAL A 1650 -43.23 -38.53 24.88
CA VAL A 1650 -43.56 -38.47 23.45
C VAL A 1650 -42.82 -39.61 22.75
N GLN A 1651 -43.57 -40.47 22.08
CA GLN A 1651 -43.01 -41.58 21.31
C GLN A 1651 -43.08 -41.24 19.82
N LEU A 1652 -41.94 -41.36 19.14
CA LEU A 1652 -41.86 -41.07 17.72
C LEU A 1652 -41.30 -42.29 17.00
N GLU A 1653 -41.88 -42.61 15.85
CA GLU A 1653 -41.43 -43.78 15.09
C GLU A 1653 -41.47 -43.47 13.60
N ARG A 1654 -40.31 -43.54 12.95
CA ARG A 1654 -40.26 -43.40 11.51
C ARG A 1654 -40.51 -44.75 10.84
N GLU A 1655 -41.22 -44.73 9.72
CA GLU A 1655 -41.71 -45.95 9.11
C GLU A 1655 -40.61 -46.71 8.38
N GLU A 1656 -39.95 -46.06 7.42
CA GLU A 1656 -39.13 -46.75 6.44
C GLU A 1656 -37.70 -47.03 6.90
N GLU A 1657 -37.37 -46.76 8.16
CA GLU A 1657 -36.01 -46.92 8.66
C GLU A 1657 -35.02 -46.20 7.74
N VAL A 1658 -35.39 -44.99 7.33
CA VAL A 1658 -34.71 -44.35 6.21
C VAL A 1658 -33.22 -44.19 6.51
N THR A 1659 -32.40 -44.44 5.50
CA THR A 1659 -30.96 -44.29 5.59
C THR A 1659 -30.52 -43.21 4.61
N GLY A 1660 -29.30 -42.71 4.82
CA GLY A 1660 -28.80 -41.61 4.06
C GLY A 1660 -29.12 -40.30 4.76
N PRO A 1661 -28.39 -39.25 4.39
CA PRO A 1661 -28.51 -37.99 5.12
C PRO A 1661 -29.71 -37.17 4.65
N VAL A 1662 -29.80 -35.95 5.15
CA VAL A 1662 -30.79 -35.00 4.66
C VAL A 1662 -30.50 -34.70 3.20
N ILE A 1663 -31.57 -34.51 2.42
CA ILE A 1663 -31.46 -34.08 1.03
C ILE A 1663 -31.54 -32.55 1.05
N ALA A 1664 -30.39 -31.90 0.92
CA ALA A 1664 -30.31 -30.44 0.88
C ALA A 1664 -29.23 -30.06 -0.13
N PRO A 1665 -29.55 -30.14 -1.43
CA PRO A 1665 -28.52 -29.93 -2.45
C PRO A 1665 -27.86 -28.56 -2.38
N LEU A 1666 -28.57 -27.53 -1.95
CA LEU A 1666 -27.95 -26.22 -1.86
C LEU A 1666 -27.17 -26.03 -0.56
N PHE A 1667 -27.04 -27.06 0.26
CA PHE A 1667 -26.22 -26.97 1.46
C PHE A 1667 -24.95 -27.80 1.30
N PRO A 1668 -23.78 -27.26 1.69
CA PRO A 1668 -22.51 -27.92 1.34
C PRO A 1668 -22.28 -29.25 2.04
N GLN A 1669 -22.23 -29.26 3.36
CA GLN A 1669 -21.92 -30.48 4.08
C GLN A 1669 -23.18 -31.34 4.22
N LYS A 1670 -22.98 -32.65 4.18
CA LYS A 1670 -24.07 -33.57 4.46
C LYS A 1670 -24.50 -33.42 5.92
N ARG A 1671 -25.81 -33.34 6.14
CA ARG A 1671 -26.34 -33.13 7.48
C ARG A 1671 -27.17 -34.33 7.89
N GLU A 1672 -27.43 -34.41 9.19
CA GLU A 1672 -28.34 -35.41 9.73
C GLU A 1672 -29.58 -34.72 10.26
N GLU A 1673 -30.71 -35.42 10.14
CA GLU A 1673 -32.00 -34.89 10.54
C GLU A 1673 -32.05 -34.62 12.04
N GLY A 1674 -32.17 -33.35 12.42
CA GLY A 1674 -32.24 -32.94 13.81
C GLY A 1674 -33.64 -32.48 14.18
N TRP A 1675 -34.02 -32.74 15.43
CA TRP A 1675 -35.38 -32.47 15.88
C TRP A 1675 -35.37 -31.81 17.25
N TRP A 1676 -36.37 -30.99 17.49
CA TRP A 1676 -36.65 -30.38 18.79
C TRP A 1676 -38.06 -30.76 19.22
N VAL A 1677 -38.18 -31.24 20.47
CA VAL A 1677 -39.46 -31.44 21.13
C VAL A 1677 -39.61 -30.35 22.16
N VAL A 1678 -40.65 -29.51 22.00
CA VAL A 1678 -40.83 -28.29 22.77
C VAL A 1678 -42.18 -28.32 23.46
N ILE A 1679 -42.20 -28.05 24.75
CA ILE A 1679 -43.45 -27.84 25.47
C ILE A 1679 -43.42 -26.43 26.05
N GLY A 1680 -44.42 -25.65 25.69
CA GLY A 1680 -44.58 -24.29 26.19
C GLY A 1680 -45.98 -23.78 25.92
N ASP A 1681 -46.11 -22.45 26.02
CA ASP A 1681 -47.37 -21.75 25.77
C ASP A 1681 -47.05 -20.46 25.00
N ALA A 1682 -47.67 -20.29 23.84
CA ALA A 1682 -47.47 -19.07 23.07
C ALA A 1682 -48.20 -17.88 23.69
N LYS A 1683 -49.24 -18.13 24.48
CA LYS A 1683 -49.95 -17.05 25.16
C LYS A 1683 -49.04 -16.31 26.13
N SER A 1684 -48.16 -17.05 26.80
CA SER A 1684 -47.27 -16.49 27.81
C SER A 1684 -45.87 -16.23 27.27
N ASN A 1685 -45.55 -16.73 26.08
CA ASN A 1685 -44.20 -16.63 25.51
C ASN A 1685 -43.18 -17.30 26.42
N SER A 1686 -43.53 -18.49 26.93
CA SER A 1686 -42.70 -19.22 27.88
C SER A 1686 -42.49 -20.64 27.38
N LEU A 1687 -41.23 -21.09 27.38
CA LEU A 1687 -40.86 -22.45 27.05
C LEU A 1687 -40.50 -23.18 28.34
N ILE A 1688 -41.12 -24.32 28.57
CA ILE A 1688 -40.92 -25.06 29.81
C ILE A 1688 -40.00 -26.26 29.61
N SER A 1689 -40.17 -27.02 28.52
CA SER A 1689 -39.45 -28.29 28.41
C SER A 1689 -38.99 -28.51 26.98
N ILE A 1690 -37.67 -28.44 26.77
CA ILE A 1690 -37.07 -28.59 25.44
C ILE A 1690 -36.14 -29.79 25.47
N LYS A 1691 -36.19 -30.61 24.42
CA LYS A 1691 -35.19 -31.66 24.27
C LYS A 1691 -34.87 -31.87 22.81
N ARG A 1692 -33.59 -31.98 22.50
CA ARG A 1692 -33.11 -32.22 21.15
C ARG A 1692 -33.00 -33.71 20.89
N LEU A 1693 -33.34 -34.13 19.68
CA LEU A 1693 -33.49 -35.54 19.34
C LEU A 1693 -32.95 -35.83 17.96
N THR A 1694 -32.32 -36.99 17.81
CA THR A 1694 -31.99 -37.57 16.52
C THR A 1694 -32.74 -38.89 16.42
N LEU A 1695 -33.66 -38.96 15.46
CA LEU A 1695 -34.60 -40.08 15.36
C LEU A 1695 -34.09 -41.15 14.43
N GLN A 1696 -34.09 -42.39 14.90
CA GLN A 1696 -33.73 -43.55 14.10
C GLN A 1696 -35.03 -44.21 13.60
N GLN A 1697 -35.21 -45.52 13.72
CA GLN A 1697 -36.50 -46.11 13.36
C GLN A 1697 -37.57 -45.73 14.38
N LYS A 1698 -37.19 -45.62 15.66
CA LYS A 1698 -38.11 -45.24 16.71
C LYS A 1698 -37.30 -44.73 17.90
N ALA A 1699 -37.91 -43.82 18.67
CA ALA A 1699 -37.30 -43.27 19.86
C ALA A 1699 -38.38 -42.65 20.74
N LYS A 1700 -38.18 -42.76 22.05
CA LYS A 1700 -39.07 -42.17 23.05
C LYS A 1700 -38.31 -41.09 23.81
N VAL A 1701 -38.97 -39.95 24.01
CA VAL A 1701 -38.37 -38.81 24.69
C VAL A 1701 -39.24 -38.43 25.88
N LYS A 1702 -38.59 -38.13 27.01
CA LYS A 1702 -39.25 -37.74 28.25
C LYS A 1702 -38.87 -36.31 28.57
N LEU A 1703 -39.80 -35.57 29.19
CA LEU A 1703 -39.57 -34.18 29.53
C LEU A 1703 -40.16 -33.87 30.89
N ASP A 1704 -39.45 -33.06 31.66
CA ASP A 1704 -39.79 -32.71 33.04
C ASP A 1704 -40.24 -31.26 33.14
N PHE A 1705 -41.14 -30.99 34.08
CA PHE A 1705 -41.62 -29.64 34.32
C PHE A 1705 -42.27 -29.56 35.70
N VAL A 1706 -42.15 -28.36 36.30
CA VAL A 1706 -42.72 -28.03 37.60
C VAL A 1706 -44.11 -27.43 37.41
N ALA A 1707 -45.06 -27.82 38.27
CA ALA A 1707 -46.40 -27.26 38.24
C ALA A 1707 -46.54 -26.22 39.35
N PRO A 1708 -46.52 -24.91 39.03
CA PRO A 1708 -46.56 -23.90 40.10
C PRO A 1708 -47.86 -23.93 40.91
N ALA A 1709 -48.96 -23.48 40.33
CA ALA A 1709 -50.22 -23.38 41.04
C ALA A 1709 -51.34 -24.01 40.22
N THR A 1710 -52.42 -24.36 40.91
CA THR A 1710 -53.64 -24.83 40.25
C THR A 1710 -54.18 -23.72 39.35
N GLY A 1711 -54.35 -24.04 38.06
CA GLY A 1711 -54.84 -23.04 37.14
C GLY A 1711 -55.01 -23.48 35.69
N ALA A 1712 -54.67 -22.58 34.75
CA ALA A 1712 -54.85 -22.84 33.34
C ALA A 1712 -53.75 -23.76 32.81
N HIS A 1713 -54.06 -24.51 31.75
CA HIS A 1713 -53.17 -25.58 31.36
C HIS A 1713 -53.30 -26.02 29.90
N ASN A 1714 -53.52 -25.09 28.97
CA ASN A 1714 -53.41 -25.46 27.55
C ASN A 1714 -51.92 -25.52 27.20
N TYR A 1715 -51.46 -26.68 26.75
CA TYR A 1715 -50.03 -26.86 26.52
C TYR A 1715 -49.77 -27.20 25.07
N THR A 1716 -48.69 -26.65 24.50
CA THR A 1716 -48.43 -26.70 23.07
C THR A 1716 -47.22 -27.60 22.79
N LEU A 1717 -47.47 -28.89 22.56
CA LEU A 1717 -46.40 -29.82 22.16
C LEU A 1717 -45.99 -29.55 20.72
N TYR A 1718 -44.72 -29.15 20.54
CA TYR A 1718 -44.10 -28.78 19.29
C TYR A 1718 -43.08 -29.84 18.86
N PHE A 1719 -43.08 -30.15 17.56
CA PHE A 1719 -42.09 -30.99 16.91
C PHE A 1719 -41.51 -30.18 15.76
N MET A 1720 -40.23 -29.79 15.88
CA MET A 1720 -39.60 -28.84 14.98
C MET A 1720 -38.32 -29.42 14.40
N SER A 1721 -38.03 -29.07 13.15
CA SER A 1721 -36.86 -29.60 12.45
C SER A 1721 -35.85 -28.49 12.22
N ASP A 1722 -34.58 -28.88 12.11
CA ASP A 1722 -33.51 -27.97 11.70
C ASP A 1722 -33.20 -28.08 10.22
N ALA A 1723 -33.74 -29.08 9.53
CA ALA A 1723 -33.35 -29.44 8.17
C ALA A 1723 -34.43 -29.16 7.13
N TYR A 1724 -35.66 -29.61 7.38
CA TYR A 1724 -36.74 -29.50 6.41
C TYR A 1724 -37.79 -28.50 6.88
N MET A 1725 -38.35 -27.77 5.93
CA MET A 1725 -39.47 -26.87 6.19
C MET A 1725 -40.78 -27.60 5.96
N GLY A 1726 -41.72 -27.46 6.91
CA GLY A 1726 -43.06 -27.95 6.75
C GLY A 1726 -43.37 -29.31 7.36
N CYS A 1727 -42.57 -29.77 8.32
CA CYS A 1727 -42.84 -31.02 9.01
C CYS A 1727 -43.17 -30.80 10.48
N ASP A 1728 -43.34 -29.55 10.89
CA ASP A 1728 -43.52 -29.23 12.30
C ASP A 1728 -44.92 -29.63 12.76
N GLN A 1729 -45.00 -30.46 13.80
CA GLN A 1729 -46.28 -30.98 14.29
C GLN A 1729 -46.63 -30.37 15.63
N GLU A 1730 -47.92 -30.14 15.88
CA GLU A 1730 -48.36 -29.59 17.15
C GLU A 1730 -49.54 -30.39 17.69
N TYR A 1731 -49.45 -30.78 18.96
CA TYR A 1731 -50.57 -31.40 19.69
C TYR A 1731 -50.83 -30.62 20.97
N LYS A 1732 -52.09 -30.38 21.28
CA LYS A 1732 -52.48 -29.57 22.44
C LYS A 1732 -53.39 -30.37 23.36
N PHE A 1733 -53.33 -30.07 24.66
CA PHE A 1733 -54.11 -30.76 25.66
C PHE A 1733 -54.05 -29.96 26.97
N SER A 1734 -54.71 -30.50 28.00
CA SER A 1734 -54.83 -29.85 29.29
C SER A 1734 -55.20 -30.86 30.37
N VAL A 1735 -54.63 -30.70 31.56
CA VAL A 1735 -55.00 -31.43 32.77
C VAL A 1735 -54.41 -30.70 33.96
N ASP A 1736 -55.16 -30.66 35.07
CA ASP A 1736 -54.79 -29.84 36.22
C ASP A 1736 -54.23 -30.69 37.36
N VAL A 1737 -53.60 -29.98 38.30
CA VAL A 1737 -52.96 -30.60 39.45
C VAL A 1737 -53.95 -30.79 40.59
N GLY B 1 46.19 56.48 -7.29
CA GLY B 1 45.22 57.41 -6.74
C GLY B 1 43.80 57.17 -7.19
N PRO B 2 43.01 56.54 -6.32
CA PRO B 2 41.57 56.41 -6.57
C PRO B 2 40.90 57.71 -6.97
N LEU B 3 41.20 58.79 -6.25
CA LEU B 3 40.61 60.09 -6.54
C LEU B 3 39.09 59.91 -6.58
N GLY B 4 38.50 60.00 -7.77
CA GLY B 4 37.16 59.51 -8.01
C GLY B 4 37.12 58.37 -8.99
N SER B 5 38.27 57.75 -9.29
CA SER B 5 38.39 56.85 -10.43
C SER B 5 37.94 55.44 -10.08
N MET B 6 38.45 54.89 -8.98
CA MET B 6 38.29 53.48 -8.65
C MET B 6 37.59 53.34 -7.31
N THR B 7 36.47 52.63 -7.31
CA THR B 7 35.74 52.31 -6.09
C THR B 7 35.24 50.88 -6.18
N GLN B 8 35.54 50.09 -5.16
CA GLN B 8 35.08 48.71 -5.07
C GLN B 8 34.36 48.52 -3.74
N THR B 9 33.38 47.60 -3.73
CA THR B 9 32.54 47.35 -2.58
C THR B 9 32.91 46.01 -1.95
N PHE B 10 32.74 45.93 -0.64
CA PHE B 10 33.13 44.74 0.10
C PHE B 10 32.00 43.72 0.10
N SER B 11 32.20 42.61 -0.61
CA SER B 11 31.32 41.44 -0.51
C SER B 11 31.83 40.57 0.62
N SER B 12 30.98 40.31 1.61
CA SER B 12 31.42 39.59 2.80
C SER B 12 31.87 38.17 2.45
N LYS B 13 32.74 37.63 3.30
CA LYS B 13 33.12 36.23 3.30
C LYS B 13 32.99 35.71 4.72
N THR B 14 33.00 34.39 4.88
CA THR B 14 32.90 33.84 6.23
C THR B 14 33.69 32.55 6.33
N GLU B 15 34.37 32.37 7.47
CA GLU B 15 35.28 31.25 7.65
C GLU B 15 34.54 29.93 7.86
N TRP B 16 33.38 29.96 8.51
CA TRP B 16 32.71 28.72 8.81
C TRP B 16 32.20 28.03 7.56
N ARG B 17 31.95 28.75 6.47
CA ARG B 17 31.52 28.10 5.23
C ARG B 17 32.64 27.25 4.64
N VAL B 18 33.85 27.82 4.55
CA VAL B 18 35.01 27.07 4.09
C VAL B 18 35.25 25.88 4.99
N ARG B 19 35.17 26.08 6.30
CA ARG B 19 35.34 24.97 7.22
C ARG B 19 34.23 23.93 7.06
N ALA B 20 33.01 24.37 6.72
CA ALA B 20 31.89 23.44 6.57
C ALA B 20 32.06 22.56 5.33
N ILE B 21 32.42 23.18 4.21
CA ILE B 21 32.80 22.41 3.01
C ILE B 21 33.91 21.43 3.36
N SER B 22 34.92 21.91 4.08
CA SER B 22 36.02 21.04 4.50
C SER B 22 35.52 19.87 5.35
N ALA B 23 34.63 20.16 6.29
CA ALA B 23 34.16 19.12 7.21
C ALA B 23 33.34 18.07 6.47
N ALA B 24 32.74 18.45 5.36
CA ALA B 24 32.01 17.47 4.55
C ALA B 24 32.93 16.34 4.05
N ASN B 25 34.23 16.59 3.92
CA ASN B 25 35.16 15.61 3.38
C ASN B 25 35.80 14.73 4.45
N LEU B 26 35.47 14.92 5.73
CA LEU B 26 36.15 14.20 6.80
C LEU B 26 36.02 12.69 6.67
N HIS B 27 34.99 12.19 5.97
CA HIS B 27 34.81 10.74 5.87
C HIS B 27 35.96 10.08 5.11
N LEU B 28 36.64 10.82 4.23
CA LEU B 28 37.76 10.26 3.50
C LEU B 28 38.89 9.81 4.43
N ARG B 29 39.12 10.55 5.52
CA ARG B 29 40.18 10.21 6.46
C ARG B 29 39.90 8.92 7.24
N THR B 30 38.64 8.48 7.32
CA THR B 30 38.32 7.34 8.17
C THR B 30 38.83 6.02 7.59
N ASN B 31 39.10 5.96 6.29
CA ASN B 31 39.76 4.81 5.68
C ASN B 31 41.26 4.80 5.88
N HIS B 32 41.83 5.84 6.46
CA HIS B 32 43.28 5.96 6.60
C HIS B 32 43.56 6.49 8.01
N ILE B 33 43.44 5.60 8.99
CA ILE B 33 43.70 5.93 10.39
C ILE B 33 44.92 5.13 10.84
N TYR B 34 45.91 5.84 11.36
CA TYR B 34 47.11 5.21 11.87
C TYR B 34 47.23 5.48 13.36
N VAL B 35 47.61 4.46 14.11
CA VAL B 35 47.92 4.63 15.53
C VAL B 35 49.43 4.71 15.65
N SER B 36 49.92 5.80 16.22
CA SER B 36 51.33 5.96 16.53
C SER B 36 51.63 5.21 17.82
N SER B 37 51.62 3.88 17.71
CA SER B 37 51.77 3.00 18.87
C SER B 37 53.13 2.31 18.91
N ASP B 38 54.01 2.55 17.94
CA ASP B 38 55.37 2.08 18.03
C ASP B 38 56.13 2.93 19.04
N ASP B 39 55.99 2.58 20.32
CA ASP B 39 56.56 3.34 21.42
C ASP B 39 57.47 2.45 22.24
N ILE B 40 58.26 3.08 23.12
CA ILE B 40 59.17 2.32 23.98
C ILE B 40 58.39 1.51 25.02
N LYS B 41 57.24 2.01 25.47
CA LYS B 41 56.50 1.34 26.54
C LYS B 41 56.07 -0.05 26.11
N GLU B 42 56.15 -0.99 27.04
CA GLU B 42 55.76 -2.38 26.82
C GLU B 42 54.70 -2.75 27.84
N THR B 43 53.59 -3.32 27.38
CA THR B 43 52.47 -3.69 28.24
C THR B 43 51.92 -2.46 28.96
N GLY B 44 52.08 -2.36 30.29
CA GLY B 44 51.29 -1.37 30.99
C GLY B 44 49.82 -1.72 30.85
N TYR B 45 48.96 -0.70 30.85
CA TYR B 45 47.58 -0.91 30.44
C TYR B 45 47.49 -0.79 28.92
N THR B 46 46.71 -1.68 28.31
CA THR B 46 46.50 -1.70 26.88
C THR B 46 45.06 -1.30 26.56
N TYR B 47 44.90 -0.25 25.76
CA TYR B 47 43.58 0.29 25.42
C TYR B 47 43.19 -0.11 24.00
N ILE B 48 41.95 -0.58 23.86
CA ILE B 48 41.41 -1.08 22.60
C ILE B 48 40.26 -0.17 22.18
N LEU B 49 40.48 0.63 21.13
CA LEU B 49 39.44 1.52 20.65
C LEU B 49 38.72 0.90 19.47
N PRO B 50 37.41 0.63 19.56
CA PRO B 50 36.69 0.08 18.41
C PRO B 50 36.60 1.07 17.26
N LYS B 51 36.73 0.56 16.03
CA LYS B 51 36.85 1.45 14.90
C LYS B 51 35.56 2.21 14.61
N ASN B 52 34.38 1.63 14.89
CA ASN B 52 33.13 2.28 14.46
C ASN B 52 32.96 3.65 15.13
N VAL B 53 33.11 3.71 16.45
CA VAL B 53 32.92 4.97 17.15
C VAL B 53 34.05 5.94 16.81
N LEU B 54 35.27 5.45 16.59
CA LEU B 54 36.35 6.36 16.20
C LEU B 54 36.04 7.01 14.86
N LYS B 55 35.54 6.23 13.91
CA LYS B 55 35.19 6.80 12.61
C LYS B 55 34.09 7.84 12.77
N LYS B 56 33.08 7.55 13.59
CA LYS B 56 32.01 8.52 13.79
C LYS B 56 32.54 9.79 14.45
N PHE B 57 33.41 9.64 15.45
CA PHE B 57 34.00 10.78 16.13
C PHE B 57 34.78 11.64 15.15
N ILE B 58 35.46 11.01 14.19
CA ILE B 58 36.16 11.78 13.17
C ILE B 58 35.16 12.55 12.30
N CYS B 59 34.06 11.90 11.89
CA CYS B 59 33.15 12.54 10.94
C CYS B 59 32.39 13.71 11.55
N ILE B 60 32.17 13.72 12.87
CA ILE B 60 31.43 14.82 13.48
C ILE B 60 32.32 15.99 13.86
N SER B 61 33.60 15.95 13.53
CA SER B 61 34.51 16.94 14.08
C SER B 61 34.75 18.11 13.10
N ASP B 62 35.64 19.00 13.50
CA ASP B 62 36.04 20.15 12.70
C ASP B 62 37.57 20.12 12.55
N LEU B 63 38.04 20.63 11.41
CA LEU B 63 39.48 20.59 11.18
C LEU B 63 40.22 21.71 11.90
N ARG B 64 39.52 22.67 12.49
CA ARG B 64 40.15 23.75 13.24
C ARG B 64 39.81 23.72 14.72
N ALA B 65 38.53 23.64 15.08
CA ALA B 65 38.13 23.65 16.48
C ALA B 65 38.11 22.22 17.02
N GLN B 66 38.96 21.96 18.01
CA GLN B 66 39.00 20.64 18.64
C GLN B 66 37.64 20.28 19.22
N ILE B 67 37.31 19.00 19.16
CA ILE B 67 36.17 18.47 19.90
C ILE B 67 36.67 17.31 20.76
N ALA B 68 35.87 16.95 21.77
CA ALA B 68 36.30 15.97 22.76
C ALA B 68 35.14 15.07 23.16
N GLY B 69 35.44 13.81 23.44
CA GLY B 69 34.47 12.88 24.00
C GLY B 69 35.08 12.09 25.15
N TYR B 70 34.20 11.67 26.07
CA TYR B 70 34.64 10.92 27.24
C TYR B 70 34.64 9.43 26.95
N LEU B 71 35.62 8.72 27.50
CA LEU B 71 35.85 7.31 27.22
C LEU B 71 35.38 6.46 28.38
N TYR B 72 34.65 5.40 28.08
CA TYR B 72 34.19 4.47 29.10
C TYR B 72 34.37 3.04 28.62
N GLY B 73 34.82 2.17 29.51
CA GLY B 73 35.02 0.80 29.11
C GLY B 73 35.26 -0.14 30.28
N VAL B 74 35.64 -1.37 29.94
CA VAL B 74 35.87 -2.43 30.89
C VAL B 74 37.08 -3.23 30.40
N SER B 75 37.48 -4.22 31.21
CA SER B 75 38.46 -5.24 30.87
C SER B 75 37.76 -6.51 30.39
N PRO B 76 38.32 -7.17 29.38
CA PRO B 76 37.85 -8.50 29.01
C PRO B 76 37.82 -9.40 30.24
N PRO B 77 36.92 -10.39 30.27
CA PRO B 77 36.61 -11.07 31.55
C PRO B 77 37.83 -11.54 32.34
N ASP B 78 38.81 -12.19 31.68
CA ASP B 78 39.94 -12.78 32.37
C ASP B 78 41.27 -12.18 31.95
N ASN B 79 41.24 -10.91 31.51
CA ASN B 79 42.47 -10.21 31.12
C ASN B 79 42.40 -8.78 31.62
N PRO B 80 42.85 -8.53 32.85
CA PRO B 80 42.62 -7.21 33.46
C PRO B 80 43.61 -6.14 33.01
N GLN B 81 44.68 -6.50 32.32
CA GLN B 81 45.64 -5.50 31.85
C GLN B 81 45.20 -4.84 30.54
N VAL B 82 44.09 -5.29 29.98
CA VAL B 82 43.55 -4.75 28.73
C VAL B 82 42.25 -4.02 29.03
N LYS B 83 42.14 -2.78 28.57
CA LYS B 83 40.93 -1.99 28.71
C LYS B 83 40.29 -1.81 27.34
N GLU B 84 39.05 -2.26 27.21
CA GLU B 84 38.27 -2.09 25.98
C GLU B 84 37.42 -0.85 26.13
N ILE B 85 37.58 0.10 25.21
CA ILE B 85 36.71 1.27 25.18
C ILE B 85 35.36 0.85 24.58
N ARG B 86 34.29 1.03 25.35
CA ARG B 86 32.97 0.61 24.92
C ARG B 86 32.03 1.76 24.58
N CYS B 87 32.32 2.97 25.07
CA CYS B 87 31.42 4.08 24.90
C CYS B 87 32.21 5.37 24.79
N ILE B 88 31.75 6.27 23.92
CA ILE B 88 32.18 7.66 23.89
C ILE B 88 30.95 8.50 24.20
N VAL B 89 31.11 9.46 25.09
CA VAL B 89 30.04 10.36 25.50
C VAL B 89 30.38 11.77 25.02
N MET B 90 29.51 12.34 24.18
CA MET B 90 29.64 13.72 23.76
C MET B 90 28.81 14.61 24.69
N VAL B 91 29.43 15.65 25.24
CA VAL B 91 28.78 16.54 26.20
C VAL B 91 28.85 17.95 25.63
N PRO B 92 28.03 18.87 26.14
CA PRO B 92 28.07 20.26 25.66
C PRO B 92 29.48 20.82 25.77
N GLN B 93 30.00 21.31 24.66
CA GLN B 93 31.41 21.70 24.63
C GLN B 93 31.63 22.81 23.62
N TRP B 94 32.76 23.49 23.76
CA TRP B 94 33.22 24.32 22.66
C TRP B 94 34.74 24.35 22.68
N GLY B 95 35.35 24.43 21.50
CA GLY B 95 36.79 24.29 21.41
C GLY B 95 37.44 25.45 20.70
N THR B 96 38.78 25.43 20.72
CA THR B 96 39.60 26.20 19.79
C THR B 96 40.56 25.23 19.14
N HIS B 97 41.59 25.76 18.44
CA HIS B 97 42.57 24.88 17.82
C HIS B 97 43.53 24.27 18.84
N GLN B 98 43.58 24.82 20.06
CA GLN B 98 44.52 24.36 21.08
C GLN B 98 43.88 23.64 22.25
N THR B 99 42.58 23.80 22.46
CA THR B 99 41.98 23.23 23.66
C THR B 99 40.46 23.10 23.47
N VAL B 100 39.85 22.36 24.39
CA VAL B 100 38.40 22.22 24.46
C VAL B 100 37.92 22.67 25.83
N HIS B 101 36.67 23.10 25.90
CA HIS B 101 36.01 23.56 27.11
C HIS B 101 34.79 22.68 27.32
N LEU B 102 34.83 21.93 28.42
CA LEU B 102 33.81 20.98 28.82
C LEU B 102 33.20 21.43 30.13
N PRO B 103 31.99 20.99 30.46
CA PRO B 103 31.40 21.36 31.74
C PRO B 103 32.16 20.69 32.89
N GLY B 104 31.97 21.25 34.09
CA GLY B 104 32.54 20.61 35.26
C GLY B 104 31.92 19.25 35.54
N GLN B 105 30.61 19.13 35.29
CA GLN B 105 29.91 17.87 35.54
C GLN B 105 30.32 16.80 34.53
N LEU B 106 30.64 15.63 35.03
CA LEU B 106 31.02 14.45 34.28
C LEU B 106 29.80 13.66 33.88
N PRO B 107 29.90 12.82 32.85
CA PRO B 107 28.74 12.04 32.41
C PRO B 107 28.13 11.26 33.57
N GLN B 108 26.81 11.30 33.67
CA GLN B 108 26.06 10.58 34.68
C GLN B 108 24.88 9.89 34.02
N HIS B 109 24.84 8.56 34.09
CA HIS B 109 23.75 7.81 33.49
C HIS B 109 23.86 6.37 33.93
N GLU B 110 22.70 5.75 34.22
CA GLU B 110 22.70 4.37 34.73
C GLU B 110 23.29 3.41 33.72
N TYR B 111 23.21 3.72 32.42
CA TYR B 111 23.71 2.83 31.38
C TYR B 111 25.23 2.70 31.42
N LEU B 112 25.93 3.63 32.11
CA LEU B 112 27.37 3.57 32.26
C LEU B 112 27.82 3.11 33.65
N LYS B 113 26.88 2.79 34.54
CA LYS B 113 27.25 2.50 35.92
C LYS B 113 28.11 1.25 36.02
N GLU B 114 27.93 0.29 35.11
CA GLU B 114 28.76 -0.91 35.09
C GLU B 114 30.08 -0.69 34.37
N MET B 115 30.36 0.51 33.89
CA MET B 115 31.57 0.78 33.15
C MET B 115 32.54 1.59 34.00
N GLU B 116 33.70 1.83 33.42
CA GLU B 116 34.82 2.43 34.10
C GLU B 116 35.27 3.63 33.28
N PRO B 117 35.41 4.81 33.88
CA PRO B 117 35.91 5.97 33.13
C PRO B 117 37.36 5.75 32.73
N LEU B 118 37.66 5.95 31.44
CA LEU B 118 38.99 5.72 30.93
C LEU B 118 39.67 6.98 30.44
N GLY B 119 39.05 8.15 30.61
CA GLY B 119 39.66 9.38 30.18
C GLY B 119 38.93 10.03 29.03
N TRP B 120 39.67 10.55 28.05
CA TRP B 120 39.01 11.32 27.00
C TRP B 120 39.81 11.24 25.70
N ILE B 121 39.13 11.59 24.62
CA ILE B 121 39.69 11.64 23.28
C ILE B 121 39.36 13.01 22.70
N HIS B 122 40.27 13.56 21.90
CA HIS B 122 39.99 14.84 21.27
C HIS B 122 40.76 14.95 19.97
N THR B 123 40.18 15.71 19.04
CA THR B 123 40.85 16.00 17.78
C THR B 123 41.85 17.15 17.97
N GLN B 124 42.80 17.24 17.04
CA GLN B 124 43.88 18.21 17.06
C GLN B 124 44.24 18.51 15.62
N PRO B 125 44.43 19.79 15.26
CA PRO B 125 44.77 20.11 13.86
C PRO B 125 46.04 19.41 13.38
N ASN B 126 47.11 19.42 14.16
CA ASN B 126 48.38 18.88 13.70
C ASN B 126 48.97 17.92 14.70
N GLU B 127 49.63 16.88 14.17
CA GLU B 127 50.44 15.98 14.98
C GLU B 127 51.47 16.78 15.77
N SER B 128 51.82 16.27 16.95
CA SER B 128 52.81 16.94 17.80
C SER B 128 53.73 15.90 18.42
N PRO B 129 55.03 16.18 18.52
CA PRO B 129 55.93 15.24 19.19
C PRO B 129 55.49 14.94 20.61
N GLN B 130 54.91 15.90 21.31
CA GLN B 130 54.60 15.74 22.72
C GLN B 130 53.14 16.09 22.99
N LEU B 131 52.70 15.67 24.18
CA LEU B 131 51.39 16.00 24.69
C LEU B 131 51.32 17.48 25.06
N SER B 132 50.22 18.10 24.69
CA SER B 132 50.05 19.53 24.92
C SER B 132 50.00 19.82 26.41
N PRO B 133 50.50 20.98 26.85
CA PRO B 133 50.31 21.37 28.25
C PRO B 133 48.88 21.72 28.57
N GLN B 134 48.11 22.18 27.57
CA GLN B 134 46.67 22.33 27.75
C GLN B 134 46.05 21.00 28.16
N ASP B 135 46.42 19.92 27.47
CA ASP B 135 45.87 18.61 27.78
C ASP B 135 46.28 18.15 29.18
N VAL B 136 47.55 18.38 29.56
CA VAL B 136 48.00 18.01 30.89
C VAL B 136 47.18 18.73 31.95
N THR B 137 47.03 20.05 31.79
CA THR B 137 46.22 20.84 32.73
C THR B 137 44.78 20.34 32.77
N THR B 138 44.15 20.15 31.61
CA THR B 138 42.77 19.69 31.55
C THR B 138 42.59 18.38 32.30
N HIS B 139 43.42 17.39 31.97
CA HIS B 139 43.31 16.06 32.58
C HIS B 139 43.58 16.13 34.08
N ALA B 140 44.55 16.93 34.50
CA ALA B 140 44.87 17.01 35.92
C ALA B 140 43.75 17.68 36.71
N LYS B 141 43.18 18.76 36.16
CA LYS B 141 42.07 19.42 36.85
C LYS B 141 40.84 18.53 36.91
N ILE B 142 40.61 17.71 35.88
CA ILE B 142 39.50 16.76 35.93
C ILE B 142 39.77 15.70 36.98
N MET B 143 41.02 15.24 37.10
CA MET B 143 41.37 14.25 38.11
C MET B 143 41.18 14.81 39.51
N ALA B 144 41.57 16.07 39.70
CA ALA B 144 41.48 16.68 41.03
C ALA B 144 40.03 16.87 41.43
N ASP B 145 39.16 17.19 40.47
CA ASP B 145 37.74 17.33 40.80
C ASP B 145 36.97 16.03 40.82
N ASN B 146 37.50 14.93 40.30
CA ASN B 146 36.76 13.69 40.16
C ASN B 146 37.63 12.50 40.55
N PRO B 147 37.51 12.02 41.81
CA PRO B 147 38.37 10.92 42.26
C PRO B 147 38.18 9.61 41.50
N SER B 148 37.07 9.44 40.78
CA SER B 148 36.90 8.24 39.96
C SER B 148 37.91 8.15 38.82
N TRP B 149 38.60 9.24 38.49
CA TRP B 149 39.61 9.23 37.42
C TRP B 149 40.95 8.84 38.02
N ASP B 150 41.31 7.59 37.82
CA ASP B 150 42.57 7.07 38.32
C ASP B 150 43.71 7.52 37.43
N GLY B 151 44.78 8.04 38.04
CA GLY B 151 45.94 8.45 37.26
C GLY B 151 46.59 7.31 36.50
N GLU B 152 46.51 6.10 37.05
CA GLU B 152 47.10 4.93 36.41
C GLU B 152 46.18 4.31 35.36
N LYS B 153 45.03 4.91 35.10
CA LYS B 153 43.99 4.26 34.31
C LYS B 153 43.32 5.16 33.28
N THR B 154 43.35 6.47 33.43
CA THR B 154 42.70 7.38 32.50
C THR B 154 43.73 7.93 31.52
N ILE B 155 43.33 8.12 30.27
CA ILE B 155 44.25 8.47 29.20
C ILE B 155 43.69 9.63 28.38
N ILE B 156 44.57 10.20 27.57
CA ILE B 156 44.25 11.24 26.61
C ILE B 156 44.59 10.67 25.24
N ILE B 157 43.59 10.46 24.42
CA ILE B 157 43.80 10.08 23.02
C ILE B 157 43.72 11.35 22.19
N THR B 158 44.78 11.62 21.43
CA THR B 158 44.80 12.71 20.47
C THR B 158 44.61 12.13 19.09
N CYS B 159 43.67 12.70 18.35
CA CYS B 159 43.36 12.35 16.98
C CYS B 159 43.79 13.54 16.13
N SER B 160 44.94 13.42 15.48
CA SER B 160 45.55 14.54 14.78
C SER B 160 45.32 14.42 13.28
N PHE B 161 44.96 15.55 12.66
CA PHE B 161 44.63 15.59 11.23
C PHE B 161 45.93 15.65 10.43
N THR B 162 46.48 14.50 10.15
CA THR B 162 47.56 14.45 9.18
C THR B 162 46.97 14.51 7.76
N PRO B 163 47.73 14.99 6.79
CA PRO B 163 47.17 15.15 5.43
C PRO B 163 46.68 13.83 4.86
N GLY B 164 45.40 13.82 4.47
CA GLY B 164 44.75 12.63 3.98
C GLY B 164 44.36 11.60 5.01
N SER B 165 44.71 11.78 6.29
CA SER B 165 44.61 10.71 7.26
C SER B 165 44.32 11.27 8.66
N CYS B 166 44.18 10.35 9.61
CA CYS B 166 44.16 10.66 11.03
C CYS B 166 45.21 9.81 11.75
N THR B 167 46.00 10.45 12.59
CA THR B 167 47.02 9.77 13.39
C THR B 167 46.63 9.84 14.86
N LEU B 168 46.60 8.68 15.51
CA LEU B 168 46.23 8.59 16.92
C LEU B 168 47.47 8.40 17.79
N THR B 169 47.50 9.11 18.93
CA THR B 169 48.44 8.76 20.00
C THR B 169 47.70 8.79 21.34
N ALA B 170 48.04 7.88 22.24
CA ALA B 170 47.44 7.80 23.57
C ALA B 170 48.50 8.06 24.64
N TYR B 171 48.17 8.94 25.59
CA TYR B 171 49.06 9.30 26.70
C TYR B 171 48.35 9.12 28.03
N LYS B 172 49.14 9.03 29.10
CA LYS B 172 48.66 9.14 30.46
C LYS B 172 49.54 10.11 31.23
N LEU B 173 48.95 10.71 32.26
CA LEU B 173 49.70 11.56 33.17
C LEU B 173 50.61 10.75 34.09
N THR B 174 51.68 11.39 34.56
CA THR B 174 52.46 10.91 35.69
C THR B 174 52.04 11.64 36.95
N PRO B 175 52.39 11.13 38.15
CA PRO B 175 52.08 11.89 39.37
C PRO B 175 52.63 13.31 39.34
N SER B 176 53.83 13.49 38.78
CA SER B 176 54.37 14.82 38.59
C SER B 176 53.51 15.63 37.63
N GLY B 177 53.06 15.00 36.54
CA GLY B 177 52.17 15.68 35.62
C GLY B 177 50.88 16.12 36.27
N TYR B 178 50.26 15.22 37.05
CA TYR B 178 49.06 15.57 37.78
C TYR B 178 49.30 16.80 38.66
N GLU B 179 50.31 16.71 39.54
CA GLU B 179 50.53 17.78 40.50
C GLU B 179 50.79 19.11 39.80
N TRP B 180 51.62 19.11 38.76
CA TRP B 180 51.85 20.36 38.02
C TRP B 180 50.58 20.87 37.37
N GLY B 181 49.79 19.97 36.75
CA GLY B 181 48.68 20.41 35.96
C GLY B 181 47.52 20.95 36.77
N ARG B 182 47.32 20.41 37.98
CA ARG B 182 46.17 20.86 38.75
C ARG B 182 46.34 22.29 39.25
N GLN B 183 47.57 22.81 39.30
CA GLN B 183 47.83 24.15 39.79
C GLN B 183 48.20 25.14 38.69
N ASN B 184 47.99 24.79 37.43
CA ASN B 184 48.45 25.61 36.32
C ASN B 184 47.35 26.55 35.84
N THR B 185 47.67 27.85 35.76
CA THR B 185 46.75 28.86 35.26
C THR B 185 47.15 29.40 33.89
N ASP B 186 48.39 29.18 33.47
CA ASP B 186 48.89 29.70 32.21
C ASP B 186 48.30 28.87 31.07
N LYS B 187 47.40 29.48 30.30
CA LYS B 187 46.81 28.78 29.16
C LYS B 187 47.76 28.72 27.97
N GLY B 188 48.90 29.41 28.04
CA GLY B 188 49.78 29.53 26.90
C GLY B 188 50.42 28.21 26.49
N ASN B 189 51.13 28.27 25.37
CA ASN B 189 51.75 27.08 24.81
C ASN B 189 52.99 26.64 25.57
N ASN B 190 53.53 27.45 26.48
CA ASN B 190 54.71 27.08 27.27
C ASN B 190 54.57 27.66 28.68
N PRO B 191 53.68 27.10 29.49
CA PRO B 191 53.56 27.56 30.87
C PRO B 191 54.79 27.16 31.69
N LYS B 192 55.11 27.99 32.68
CA LYS B 192 56.24 27.71 33.55
C LYS B 192 56.01 26.39 34.28
N GLY B 193 57.03 25.54 34.29
CA GLY B 193 57.01 24.28 35.00
C GLY B 193 56.71 23.08 34.14
N TYR B 194 56.10 23.28 32.98
CA TYR B 194 55.67 22.17 32.14
C TYR B 194 56.87 21.35 31.70
N LEU B 195 56.75 20.03 31.80
CA LEU B 195 57.85 19.12 31.52
C LEU B 195 57.37 17.94 30.70
N PRO B 196 58.23 17.35 29.87
CA PRO B 196 57.87 16.11 29.18
C PRO B 196 57.74 14.92 30.09
N SER B 197 58.35 14.94 31.28
CA SER B 197 58.17 13.88 32.25
C SER B 197 56.80 13.90 32.90
N HIS B 198 55.93 14.82 32.50
CA HIS B 198 54.57 14.90 33.02
C HIS B 198 53.62 13.89 32.38
N TYR B 199 54.03 13.20 31.33
CA TYR B 199 53.18 12.22 30.65
C TYR B 199 54.03 11.08 30.12
N GLU B 200 53.36 10.00 29.74
CA GLU B 200 53.99 8.87 29.07
C GLU B 200 52.99 8.28 28.08
N ARG B 201 53.51 7.69 27.01
CA ARG B 201 52.65 7.07 26.03
C ARG B 201 52.20 5.70 26.51
N VAL B 202 50.96 5.36 26.22
CA VAL B 202 50.41 4.04 26.56
C VAL B 202 50.09 3.32 25.27
N GLN B 203 49.97 1.99 25.38
CA GLN B 203 49.70 1.16 24.22
C GLN B 203 48.24 1.26 23.81
N MET B 204 47.99 1.25 22.50
CA MET B 204 46.65 1.50 21.98
C MET B 204 46.44 0.76 20.66
N LEU B 205 45.33 0.02 20.57
CA LEU B 205 45.03 -0.80 19.40
C LEU B 205 43.64 -0.47 18.86
N LEU B 206 43.52 -0.39 17.54
CA LEU B 206 42.23 -0.29 16.88
C LEU B 206 41.69 -1.68 16.61
N SER B 207 40.40 -1.87 16.81
CA SER B 207 39.82 -3.20 16.68
C SER B 207 38.51 -3.16 15.91
N ASP B 208 38.28 -4.22 15.15
CA ASP B 208 37.01 -4.48 14.50
C ASP B 208 36.24 -5.62 15.15
N ARG B 209 36.74 -6.18 16.25
CA ARG B 209 36.12 -7.39 16.81
C ARG B 209 34.81 -7.07 17.51
N PHE B 210 34.70 -5.91 18.16
CA PHE B 210 33.48 -5.49 18.84
C PHE B 210 33.16 -4.05 18.45
N LEU B 211 31.96 -3.61 18.82
CA LEU B 211 31.48 -2.29 18.45
C LEU B 211 31.29 -1.45 19.71
N GLY B 212 31.63 -0.17 19.61
CA GLY B 212 31.29 0.79 20.64
C GLY B 212 29.95 1.44 20.35
N PHE B 213 29.54 2.32 21.27
CA PHE B 213 28.35 3.12 21.09
C PHE B 213 28.58 4.49 21.70
N PHE B 214 27.62 5.38 21.46
CA PHE B 214 27.71 6.78 21.85
C PHE B 214 26.61 7.12 22.83
N MET B 215 26.87 8.12 23.67
CA MET B 215 25.82 8.81 24.42
C MET B 215 25.99 10.30 24.21
N VAL B 216 24.86 11.00 24.10
CA VAL B 216 24.82 12.42 23.73
C VAL B 216 23.90 13.13 24.71
N PRO B 217 23.89 14.47 24.78
CA PRO B 217 22.97 15.16 25.70
C PRO B 217 21.52 14.82 25.41
N ALA B 218 20.68 14.94 26.44
CA ALA B 218 19.29 14.56 26.29
C ALA B 218 18.42 15.68 25.73
N GLN B 219 18.69 16.93 26.11
CA GLN B 219 17.83 18.06 25.83
C GLN B 219 18.48 19.09 24.92
N SER B 220 19.66 18.79 24.38
CA SER B 220 20.34 19.68 23.44
C SER B 220 21.17 18.79 22.53
N SER B 221 22.08 19.40 21.79
CA SER B 221 23.14 18.64 21.15
C SER B 221 24.45 18.95 21.86
N TRP B 222 25.55 18.39 21.36
CA TRP B 222 26.84 18.55 22.02
C TRP B 222 27.61 19.78 21.54
N ASN B 223 27.46 20.18 20.28
CA ASN B 223 28.27 21.26 19.73
C ASN B 223 27.70 22.61 20.13
N TYR B 224 28.51 23.41 20.83
CA TYR B 224 28.14 24.78 21.20
C TYR B 224 29.09 25.80 20.60
N ASN B 225 29.87 25.40 19.60
CA ASN B 225 30.85 26.33 19.03
C ASN B 225 30.20 27.50 18.30
N PHE B 226 28.90 27.44 18.05
CA PHE B 226 28.16 28.56 17.49
C PHE B 226 27.29 29.26 18.52
N MET B 227 27.21 28.72 19.73
CA MET B 227 26.43 29.27 20.82
C MET B 227 27.30 29.46 22.06
N GLY B 228 28.44 30.13 21.88
CA GLY B 228 29.44 30.16 22.96
C GLY B 228 28.91 30.70 24.27
N VAL B 229 28.13 31.79 24.21
CA VAL B 229 27.61 32.40 25.42
C VAL B 229 26.59 31.50 26.10
N ARG B 230 25.84 30.72 25.33
CA ARG B 230 24.94 29.75 25.92
C ARG B 230 25.69 28.70 26.74
N HIS B 231 27.00 28.60 26.55
CA HIS B 231 27.81 27.63 27.28
C HIS B 231 28.32 28.22 28.58
N ASP B 232 28.45 27.36 29.59
CA ASP B 232 28.88 27.71 30.93
C ASP B 232 29.55 26.49 31.58
N PRO B 233 30.73 26.67 32.19
CA PRO B 233 31.38 25.54 32.89
C PRO B 233 30.48 24.84 33.89
N ASN B 234 29.54 25.55 34.50
CA ASN B 234 28.65 24.97 35.49
C ASN B 234 27.35 24.42 34.91
N MET B 235 27.25 24.31 33.60
CA MET B 235 26.00 23.81 33.02
C MET B 235 25.79 22.34 33.35
N LYS B 236 24.55 21.99 33.64
CA LYS B 236 24.17 20.62 33.90
C LYS B 236 23.51 20.02 32.66
N TYR B 237 23.65 18.71 32.51
CA TYR B 237 23.11 18.01 31.35
C TYR B 237 22.83 16.57 31.72
N GLU B 238 21.83 16.00 31.04
CA GLU B 238 21.54 14.58 31.07
C GLU B 238 21.94 13.97 29.74
N LEU B 239 21.86 12.65 29.66
CA LEU B 239 22.37 11.92 28.51
C LEU B 239 21.30 10.98 27.99
N GLN B 240 21.49 10.53 26.74
CA GLN B 240 20.63 9.54 26.13
C GLN B 240 21.47 8.64 25.25
N LEU B 241 20.95 7.45 24.97
CA LEU B 241 21.60 6.47 24.10
C LEU B 241 21.25 6.77 22.66
N ALA B 242 22.08 7.61 22.01
CA ALA B 242 21.86 7.98 20.61
C ALA B 242 23.19 8.37 19.97
N ASN B 243 23.17 8.48 18.64
CA ASN B 243 24.40 8.84 17.92
C ASN B 243 24.46 10.35 17.67
N PRO B 244 25.66 10.93 17.71
CA PRO B 244 25.76 12.40 17.62
C PRO B 244 25.75 12.91 16.19
N LYS B 245 25.29 14.16 16.05
CA LYS B 245 25.21 14.85 14.77
C LYS B 245 26.53 15.55 14.43
N GLU B 246 26.81 15.62 13.13
CA GLU B 246 28.01 16.27 12.62
C GLU B 246 28.13 17.71 13.09
N PHE B 247 29.37 18.22 13.01
CA PHE B 247 29.70 19.54 13.55
C PHE B 247 28.83 20.65 12.97
N TYR B 248 28.60 20.63 11.66
CA TYR B 248 27.93 21.73 10.98
C TYR B 248 26.45 21.44 10.75
N HIS B 249 25.91 20.45 11.45
CA HIS B 249 24.48 20.17 11.40
C HIS B 249 23.67 21.39 11.79
N GLU B 250 22.45 21.45 11.25
CA GLU B 250 21.60 22.63 11.40
C GLU B 250 21.29 22.94 12.87
N VAL B 251 21.05 21.91 13.70
CA VAL B 251 20.70 22.22 15.09
C VAL B 251 21.85 22.86 15.85
N HIS B 252 23.08 22.76 15.33
CA HIS B 252 24.20 23.39 16.03
C HIS B 252 24.35 24.87 15.69
N ARG B 253 23.71 25.34 14.62
CA ARG B 253 23.85 26.74 14.20
C ARG B 253 22.49 27.32 13.82
N PRO B 254 21.52 27.31 14.75
CA PRO B 254 20.19 27.80 14.40
C PRO B 254 20.17 29.25 13.93
N SER B 255 21.07 30.08 14.45
CA SER B 255 21.06 31.50 14.10
C SER B 255 21.33 31.72 12.61
N HIS B 256 22.13 30.85 11.97
CA HIS B 256 22.35 30.98 10.53
C HIS B 256 21.03 30.89 9.76
N PHE B 257 20.22 29.88 10.08
CA PHE B 257 18.96 29.69 9.37
C PHE B 257 17.92 30.73 9.76
N LEU B 258 17.92 31.16 11.03
CA LEU B 258 16.94 32.15 11.45
C LEU B 258 17.28 33.55 10.96
N ASN B 259 18.57 33.84 10.73
CA ASN B 259 19.02 35.16 10.30
C ASN B 259 19.14 35.28 8.79
N PHE B 260 19.26 34.18 8.06
CA PHE B 260 19.11 34.31 6.61
C PHE B 260 17.68 34.66 6.24
N ALA B 261 16.71 34.21 7.04
CA ALA B 261 15.30 34.58 6.85
C ALA B 261 15.06 36.08 7.02
N LEU B 262 16.00 36.82 7.61
CA LEU B 262 15.95 38.27 7.68
C LEU B 262 16.62 38.94 6.49
N LEU B 263 16.84 38.20 5.40
CA LEU B 263 17.54 38.64 4.20
C LEU B 263 19.03 38.87 4.48
C1 EDO C . 8.84 -18.52 11.04
O1 EDO C . 8.99 -19.60 11.98
C2 EDO C . 10.17 -17.79 10.98
O2 EDO C . 11.17 -18.79 11.20
C10 Q8Z D . -8.17 2.91 -21.60
C13 Q8Z D . -7.76 2.48 -18.88
C01 Q8Z D . -6.09 7.03 -20.15
C04 Q8Z D . -3.53 6.47 -20.31
C08 Q8Z D . -7.42 3.69 -19.45
C09 Q8Z D . -7.62 3.90 -20.81
C11 Q8Z D . -8.52 1.69 -21.01
C12 Q8Z D . -8.31 1.48 -19.65
N02 Q8Z D . -5.57 5.93 -19.35
O03 Q8Z D . -4.26 5.49 -19.59
O06 Q8Z D . -7.69 5.84 -17.78
O07 Q8Z D . -6.05 4.37 -17.26
S05 Q8Z D . -6.69 4.99 -18.42
C1 EDO E . -0.91 25.27 -16.38
O1 EDO E . -1.60 24.79 -15.23
C2 EDO E . 0.18 24.28 -16.75
O2 EDO E . -0.28 22.95 -16.40
C1 EDO F . 20.52 -20.89 16.03
O1 EDO F . 20.00 -20.92 17.37
C2 EDO F . 22.01 -20.53 16.02
O2 EDO F . 22.77 -21.63 15.48
C1 EDO G . 2.60 -10.18 22.02
O1 EDO G . 1.78 -10.48 23.16
C2 EDO G . 3.77 -11.16 21.95
O2 EDO G . 3.59 -12.02 20.82
C1 EDO H . -0.59 -13.30 26.53
O1 EDO H . -2.00 -13.07 26.44
C2 EDO H . 0.01 -13.15 25.15
O2 EDO H . -0.67 -12.07 24.50
C1 EDO I . 9.88 -43.41 -2.81
O1 EDO I . 9.45 -44.64 -2.21
C2 EDO I . 11.32 -43.59 -3.28
O2 EDO I . 11.35 -44.51 -4.38
C1 EDO J . 5.06 5.06 -6.98
O1 EDO J . 3.71 4.72 -6.63
C2 EDO J . 5.84 5.47 -5.73
O2 EDO J . 7.25 5.27 -5.96
C1 EDO K . -33.95 -28.59 -4.52
O1 EDO K . -34.72 -27.44 -4.88
C2 EDO K . -32.70 -28.63 -5.40
O2 EDO K . -32.21 -27.29 -5.52
C1 EDO L . 28.25 11.44 9.75
O1 EDO L . 27.44 11.87 10.85
C2 EDO L . 28.82 10.07 10.10
O2 EDO L . 29.78 9.60 9.13
C1 EDO M . 32.44 0.31 38.69
O1 EDO M . 32.64 1.34 37.71
C2 EDO M . 33.24 -0.90 38.24
O2 EDO M . 33.14 -1.89 39.26
#